data_4YWL
#
_entry.id   4YWL
#
_cell.length_a   213.018
_cell.length_b   213.018
_cell.length_c   213.978
_cell.angle_alpha   90.00
_cell.angle_beta   90.00
_cell.angle_gamma   120.00
#
_symmetry.space_group_name_H-M   'P 32 2 1'
#
loop_
_entity.id
_entity.type
_entity.pdbx_description
1 polymer 'Cell division control protein 21'
2 non-polymer 'ZINC ION'
3 non-polymer 'SULFATE ION'
#
_entity_poly.entity_id   1
_entity_poly.type   'polypeptide(L)'
_entity_poly.pdbx_seq_one_letter_code
;SVDREEMIERFANFLREYTDEDGNPVYRGKITDLLTITPKRSVAIDWMHLNSFDSELAHEVIENPEEGISAAEDAIQIVL
REDFQREDVGKIHARFYNLPETLMVKDIGAEHINKLIQVEGIVTRVGEIKPFVSVAVFVCKDCGHEMIVPQKPYESLEKV
KKCEQCGSKNIELDVNKSSAVNFQSFRIQDRPETLKGGEMPRFIDGILLDDIVDVALPGDRVIVTGILRVVLEKREKTPI
FRKILEVNHIEPVSKEI
;
_entity_poly.pdbx_strand_id   A,B,C,D,E,F,G,H,I,J
#
loop_
_chem_comp.id
_chem_comp.type
_chem_comp.name
_chem_comp.formula
SO4 non-polymer 'SULFATE ION' 'O4 S -2'
ZN non-polymer 'ZINC ION' 'Zn 2'
#
# COMPACT_ATOMS: atom_id res chain seq x y z
N SER A 1 15.16 45.38 -4.29
CA SER A 1 16.16 44.31 -4.53
C SER A 1 17.20 44.74 -5.57
N VAL A 2 17.99 43.78 -6.07
CA VAL A 2 19.09 44.04 -7.00
C VAL A 2 18.96 43.07 -8.19
N ASP A 3 18.91 43.60 -9.41
CA ASP A 3 18.80 42.77 -10.61
C ASP A 3 20.09 41.96 -10.86
N ARG A 4 19.91 40.82 -11.55
CA ARG A 4 20.98 39.83 -11.74
C ARG A 4 22.31 40.42 -12.22
N GLU A 5 22.25 41.17 -13.32
CA GLU A 5 23.43 41.78 -13.94
C GLU A 5 24.30 42.49 -12.93
N GLU A 6 23.65 43.25 -12.05
CA GLU A 6 24.34 44.07 -11.10
C GLU A 6 24.89 43.25 -9.93
N MET A 7 24.21 42.16 -9.59
CA MET A 7 24.70 41.27 -8.54
C MET A 7 26.03 40.65 -8.95
N ILE A 8 26.04 40.10 -10.17
CA ILE A 8 27.24 39.50 -10.74
C ILE A 8 28.41 40.45 -10.67
N GLU A 9 28.19 41.70 -11.09
CA GLU A 9 29.20 42.76 -10.97
C GLU A 9 29.73 42.90 -9.55
N ARG A 10 28.79 43.12 -8.61
CA ARG A 10 29.11 43.35 -7.19
C ARG A 10 29.83 42.16 -6.57
N PHE A 11 29.37 40.96 -6.93
CA PHE A 11 29.99 39.72 -6.45
C PHE A 11 31.41 39.56 -6.98
N ALA A 12 31.57 39.76 -8.29
CA ALA A 12 32.86 39.68 -8.96
C ALA A 12 33.85 40.61 -8.30
N ASN A 13 33.37 41.82 -8.03
CA ASN A 13 34.15 42.80 -7.33
C ASN A 13 34.55 42.31 -5.92
N PHE A 14 33.58 41.77 -5.18
CA PHE A 14 33.81 41.23 -3.84
C PHE A 14 34.90 40.16 -3.84
N LEU A 15 34.75 39.18 -4.73
CA LEU A 15 35.72 38.08 -4.83
C LEU A 15 37.14 38.56 -5.05
N ARG A 16 37.28 39.53 -5.95
CA ARG A 16 38.58 40.10 -6.29
C ARG A 16 39.19 40.94 -5.18
N GLU A 17 38.35 41.81 -4.59
CA GLU A 17 38.83 42.89 -3.72
C GLU A 17 38.84 42.56 -2.23
N TYR A 18 37.89 41.75 -1.77
CA TYR A 18 37.78 41.48 -0.34
C TYR A 18 39.12 41.06 0.27
N THR A 19 39.47 41.70 1.39
CA THR A 19 40.57 41.25 2.23
C THR A 19 40.16 41.22 3.70
N ASP A 20 40.68 40.26 4.45
CA ASP A 20 40.33 40.11 5.86
C ASP A 20 41.09 41.10 6.76
N GLU A 21 41.03 40.85 8.07
CA GLU A 21 41.70 41.66 9.08
C GLU A 21 43.20 41.80 8.84
N ASP A 22 43.83 40.75 8.29
CA ASP A 22 45.28 40.77 8.05
C ASP A 22 45.67 41.16 6.62
N GLY A 23 44.67 41.53 5.81
CA GLY A 23 44.92 41.94 4.43
C GLY A 23 45.00 40.81 3.41
N ASN A 24 44.76 39.58 3.86
CA ASN A 24 44.67 38.41 2.97
C ASN A 24 43.48 38.52 2.03
N PRO A 25 43.72 38.36 0.72
CA PRO A 25 42.63 38.41 -0.27
C PRO A 25 41.96 37.04 -0.40
N VAL A 26 41.30 36.64 0.69
CA VAL A 26 40.75 35.29 0.87
C VAL A 26 40.19 34.64 -0.39
N TYR A 27 39.28 35.33 -1.08
CA TYR A 27 38.54 34.72 -2.19
C TYR A 27 39.31 34.74 -3.49
N ARG A 28 40.22 35.69 -3.62
CA ARG A 28 41.18 35.68 -4.72
C ARG A 28 42.01 34.40 -4.61
N GLY A 29 42.47 34.11 -3.39
CA GLY A 29 43.24 32.91 -3.09
C GLY A 29 42.46 31.63 -3.30
N LYS A 30 41.22 31.60 -2.84
CA LYS A 30 40.36 30.43 -3.05
C LYS A 30 40.15 30.14 -4.53
N ILE A 31 39.96 31.19 -5.33
CA ILE A 31 39.77 31.03 -6.77
C ILE A 31 41.08 30.65 -7.48
N THR A 32 42.19 31.25 -7.07
CA THR A 32 43.51 30.82 -7.57
C THR A 32 43.70 29.31 -7.38
N ASP A 33 43.35 28.82 -6.19
CA ASP A 33 43.40 27.40 -5.85
C ASP A 33 42.59 26.52 -6.80
N LEU A 34 41.61 27.10 -7.48
CA LEU A 34 40.85 26.33 -8.47
C LEU A 34 41.70 25.91 -9.68
N LEU A 35 42.88 26.50 -9.85
CA LEU A 35 43.76 26.10 -10.95
C LEU A 35 44.70 24.97 -10.56
N THR A 36 44.61 24.48 -9.32
CA THR A 36 45.42 23.33 -8.87
C THR A 36 45.00 22.09 -9.63
N ILE A 37 45.90 21.11 -9.63
CA ILE A 37 45.70 19.89 -10.40
C ILE A 37 44.42 19.12 -10.03
N THR A 38 44.05 19.12 -8.75
CA THR A 38 42.78 18.51 -8.30
C THR A 38 41.98 19.50 -7.46
N PRO A 39 41.20 20.36 -8.13
CA PRO A 39 40.53 21.49 -7.48
C PRO A 39 39.27 21.10 -6.70
N LYS A 40 38.76 22.04 -5.90
CA LYS A 40 37.46 21.86 -5.29
C LYS A 40 36.37 22.18 -6.32
N ARG A 41 35.14 21.78 -6.03
CA ARG A 41 34.03 22.07 -6.92
C ARG A 41 33.14 23.14 -6.31
N SER A 42 33.57 23.71 -5.20
CA SER A 42 32.87 24.89 -4.66
C SER A 42 33.74 25.87 -3.89
N VAL A 43 33.21 27.07 -3.74
CA VAL A 43 33.87 28.12 -2.98
C VAL A 43 32.93 28.49 -1.84
N ALA A 44 33.39 28.26 -0.61
CA ALA A 44 32.63 28.61 0.57
C ALA A 44 32.87 30.07 0.88
N ILE A 45 31.79 30.82 1.03
CA ILE A 45 31.88 32.24 1.32
C ILE A 45 31.26 32.50 2.68
N ASP A 46 32.07 33.10 3.55
CA ASP A 46 31.66 33.53 4.87
C ASP A 46 30.72 34.71 4.74
N TRP A 47 29.43 34.51 5.03
CA TRP A 47 28.45 35.58 4.86
C TRP A 47 28.89 36.87 5.54
N MET A 48 29.55 36.75 6.69
CA MET A 48 29.99 37.91 7.44
C MET A 48 30.98 38.76 6.63
N HIS A 49 31.87 38.08 5.91
CA HIS A 49 32.81 38.74 5.02
C HIS A 49 32.04 39.58 3.99
N LEU A 50 31.12 38.94 3.29
CA LEU A 50 30.32 39.60 2.29
C LEU A 50 29.52 40.75 2.88
N ASN A 51 29.05 40.59 4.12
CA ASN A 51 28.25 41.64 4.77
C ASN A 51 29.07 42.87 5.12
N SER A 52 30.34 42.66 5.49
CA SER A 52 31.20 43.78 5.81
C SER A 52 31.69 44.49 4.55
N PHE A 53 31.64 43.83 3.40
CA PHE A 53 32.16 44.42 2.16
C PHE A 53 31.05 45.01 1.28
N ASP A 54 29.89 44.40 1.27
CA ASP A 54 28.76 44.88 0.46
C ASP A 54 27.47 44.39 1.11
N SER A 55 27.15 45.01 2.25
CA SER A 55 26.05 44.60 3.10
C SER A 55 24.72 44.47 2.38
N GLU A 56 24.44 45.44 1.51
CA GLU A 56 23.19 45.42 0.76
C GLU A 56 23.08 44.11 -0.03
N LEU A 57 24.20 43.64 -0.55
CA LEU A 57 24.24 42.40 -1.33
C LEU A 57 24.08 41.16 -0.43
N ALA A 58 24.75 41.18 0.71
CA ALA A 58 24.68 40.10 1.68
C ALA A 58 23.26 39.82 2.12
N HIS A 59 22.47 40.87 2.27
CA HIS A 59 21.09 40.70 2.67
C HIS A 59 20.25 40.20 1.51
N GLU A 60 20.66 40.55 0.29
CA GLU A 60 20.03 40.03 -0.92
C GLU A 60 20.19 38.52 -1.06
N VAL A 61 21.32 38.01 -0.60
CA VAL A 61 21.57 36.58 -0.62
C VAL A 61 20.52 35.88 0.24
N ILE A 62 20.23 36.43 1.40
CA ILE A 62 19.24 35.80 2.29
C ILE A 62 17.83 35.96 1.76
N GLU A 63 17.52 37.14 1.22
CA GLU A 63 16.18 37.45 0.69
C GLU A 63 15.86 36.67 -0.59
N ASN A 64 16.78 36.70 -1.54
CA ASN A 64 16.63 35.94 -2.77
C ASN A 64 17.81 34.99 -2.98
N PRO A 65 17.86 33.89 -2.19
CA PRO A 65 19.05 33.04 -2.24
C PRO A 65 19.25 32.41 -3.61
N GLU A 66 18.15 32.14 -4.32
CA GLU A 66 18.24 31.51 -5.63
C GLU A 66 18.99 32.39 -6.62
N GLU A 67 18.58 33.66 -6.74
CA GLU A 67 19.26 34.62 -7.62
C GLU A 67 20.63 34.95 -7.04
N GLY A 68 20.69 35.05 -5.71
CA GLY A 68 21.91 35.45 -5.02
C GLY A 68 23.03 34.47 -5.29
N ILE A 69 22.73 33.20 -5.04
CA ILE A 69 23.72 32.14 -5.21
C ILE A 69 24.12 32.06 -6.68
N SER A 70 23.11 32.07 -7.56
CA SER A 70 23.33 31.99 -8.99
C SER A 70 24.27 33.10 -9.47
N ALA A 71 23.99 34.33 -9.08
CA ALA A 71 24.85 35.47 -9.40
C ALA A 71 26.28 35.24 -8.93
N ALA A 72 26.44 34.85 -7.67
CA ALA A 72 27.77 34.56 -7.10
C ALA A 72 28.53 33.51 -7.91
N GLU A 73 27.82 32.50 -8.39
CA GLU A 73 28.43 31.44 -9.18
C GLU A 73 28.83 31.95 -10.57
N ASP A 74 27.97 32.77 -11.18
CA ASP A 74 28.27 33.44 -12.45
C ASP A 74 29.49 34.34 -12.34
N ALA A 75 29.64 35.01 -11.20
CA ALA A 75 30.78 35.86 -10.94
C ALA A 75 32.07 35.05 -10.87
N ILE A 76 32.05 33.97 -10.09
CA ILE A 76 33.20 33.07 -9.98
C ILE A 76 33.67 32.69 -11.38
N GLN A 77 32.71 32.39 -12.24
CA GLN A 77 32.99 31.99 -13.61
C GLN A 77 33.71 33.09 -14.38
N ILE A 78 33.24 34.33 -14.25
CA ILE A 78 33.84 35.41 -15.00
C ILE A 78 35.19 35.82 -14.41
N VAL A 79 35.39 35.64 -13.10
CA VAL A 79 36.71 35.88 -12.52
C VAL A 79 37.73 34.85 -13.03
N LEU A 80 37.26 33.61 -13.22
CA LEU A 80 38.14 32.55 -13.73
C LEU A 80 38.53 32.81 -15.18
N ARG A 81 37.58 33.34 -15.96
CA ARG A 81 37.83 33.72 -17.36
C ARG A 81 38.69 34.97 -17.50
N GLU A 82 38.28 36.07 -16.87
CA GLU A 82 38.99 37.32 -16.98
C GLU A 82 40.35 37.35 -16.28
N ASP A 83 40.48 36.72 -15.12
CA ASP A 83 41.72 36.85 -14.33
C ASP A 83 42.66 35.67 -14.45
N PHE A 84 42.16 34.53 -14.92
CA PHE A 84 42.97 33.31 -14.95
C PHE A 84 42.96 32.63 -16.32
N GLN A 85 42.18 33.22 -17.22
CA GLN A 85 42.01 32.71 -18.58
C GLN A 85 41.65 31.23 -18.60
N ARG A 86 40.73 30.84 -17.71
CA ARG A 86 40.22 29.48 -17.70
C ARG A 86 38.72 29.48 -18.01
N GLU A 87 38.34 28.71 -19.01
CA GLU A 87 36.96 28.66 -19.48
C GLU A 87 36.32 27.32 -19.18
N ASP A 88 37.08 26.25 -19.38
CA ASP A 88 36.60 24.88 -19.25
C ASP A 88 36.45 24.38 -17.80
N VAL A 89 36.37 25.28 -16.83
CA VAL A 89 36.45 24.93 -15.40
C VAL A 89 35.28 24.11 -14.88
N GLY A 90 34.12 24.22 -15.53
CA GLY A 90 32.92 23.53 -15.08
C GLY A 90 32.24 24.27 -13.94
N LYS A 91 31.19 23.68 -13.40
CA LYS A 91 30.39 24.30 -12.34
C LYS A 91 31.18 24.42 -11.05
N ILE A 92 31.14 25.60 -10.45
CA ILE A 92 31.71 25.81 -9.14
C ILE A 92 30.60 26.41 -8.31
N HIS A 93 30.29 25.78 -7.18
CA HIS A 93 29.17 26.23 -6.34
C HIS A 93 29.57 27.37 -5.41
N ALA A 94 28.65 28.28 -5.15
CA ALA A 94 28.88 29.27 -4.11
C ALA A 94 28.11 28.78 -2.91
N ARG A 95 28.83 28.48 -1.84
CA ARG A 95 28.21 27.97 -0.63
C ARG A 95 28.45 28.93 0.51
N PHE A 96 27.39 29.63 0.90
CA PHE A 96 27.46 30.62 1.96
C PHE A 96 27.30 29.99 3.32
N TYR A 97 28.15 30.39 4.24
CA TYR A 97 28.08 29.89 5.60
C TYR A 97 28.19 31.03 6.60
N ASN A 98 27.93 30.73 7.87
CA ASN A 98 28.04 31.71 8.95
C ASN A 98 27.04 32.87 8.83
N LEU A 99 25.76 32.54 8.69
CA LEU A 99 24.71 33.54 8.61
C LEU A 99 24.48 34.21 9.97
N PRO A 100 23.78 35.34 10.00
CA PRO A 100 23.68 36.07 11.26
C PRO A 100 22.84 35.36 12.33
N GLU A 101 21.82 34.60 11.93
CA GLU A 101 21.00 33.88 12.91
C GLU A 101 21.03 32.37 12.73
N THR A 102 21.17 31.64 13.83
CA THR A 102 21.03 30.18 13.80
C THR A 102 19.68 29.72 14.39
N LEU A 103 18.84 29.15 13.55
CA LEU A 103 17.55 28.61 14.00
C LEU A 103 17.68 27.19 14.55
N MET A 104 16.84 26.85 15.53
CA MET A 104 16.62 25.46 15.89
C MET A 104 15.58 24.97 14.92
N VAL A 105 15.43 23.66 14.77
CA VAL A 105 14.49 23.15 13.77
C VAL A 105 13.07 23.65 14.06
N LYS A 106 12.71 23.72 15.33
CA LYS A 106 11.39 24.19 15.75
C LYS A 106 11.12 25.68 15.43
N ASP A 107 12.18 26.44 15.15
CA ASP A 107 12.07 27.85 14.85
C ASP A 107 11.73 28.10 13.39
N ILE A 108 11.96 27.09 12.54
CA ILE A 108 11.72 27.23 11.09
C ILE A 108 10.23 27.44 10.78
N GLY A 109 9.83 28.70 10.73
CA GLY A 109 8.46 29.07 10.37
C GLY A 109 8.31 29.27 8.88
N ALA A 110 7.09 29.52 8.44
CA ALA A 110 6.81 29.72 7.02
C ALA A 110 7.26 31.09 6.51
N GLU A 111 7.67 31.98 7.43
CA GLU A 111 8.22 33.28 7.01
C GLU A 111 9.63 33.12 6.44
N HIS A 112 10.09 31.88 6.39
CA HIS A 112 11.40 31.54 5.85
C HIS A 112 11.33 30.95 4.45
N ILE A 113 10.14 30.53 4.05
CA ILE A 113 9.91 29.96 2.74
C ILE A 113 10.61 30.73 1.62
N ASN A 114 11.55 30.05 0.97
CA ASN A 114 12.37 30.56 -0.12
C ASN A 114 13.38 31.61 0.29
N LYS A 115 13.79 31.59 1.55
CA LYS A 115 14.89 32.42 2.00
C LYS A 115 16.07 31.51 2.40
N LEU A 116 17.22 32.08 2.69
CA LEU A 116 18.34 31.25 3.12
C LEU A 116 18.37 31.24 4.65
N ILE A 117 18.09 30.09 5.24
CA ILE A 117 18.13 29.96 6.69
C ILE A 117 19.34 29.13 7.12
N GLN A 118 19.77 29.33 8.37
CA GLN A 118 20.85 28.55 8.94
C GLN A 118 20.34 27.80 10.16
N VAL A 119 20.46 26.47 10.15
CA VAL A 119 19.87 25.62 11.17
C VAL A 119 20.90 24.70 11.82
N GLU A 120 20.80 24.57 13.12
CA GLU A 120 21.62 23.63 13.88
C GLU A 120 20.76 22.49 14.36
N GLY A 121 21.25 21.27 14.18
CA GLY A 121 20.54 20.09 14.60
C GLY A 121 21.40 18.85 14.69
N ILE A 122 20.75 17.71 14.93
CA ILE A 122 21.45 16.45 14.87
C ILE A 122 20.83 15.61 13.74
N VAL A 123 21.69 14.99 12.94
CA VAL A 123 21.25 14.17 11.84
C VAL A 123 20.63 12.88 12.37
N THR A 124 19.35 12.68 12.06
CA THR A 124 18.58 11.51 12.45
C THR A 124 18.71 10.40 11.41
N ARG A 125 18.75 10.78 10.14
CA ARG A 125 18.84 9.82 9.04
C ARG A 125 19.62 10.38 7.87
N VAL A 126 20.15 9.48 7.05
CA VAL A 126 20.71 9.87 5.77
C VAL A 126 20.20 8.85 4.77
N GLY A 127 19.90 9.30 3.56
CA GLY A 127 19.45 8.40 2.49
C GLY A 127 20.60 7.75 1.77
N GLU A 128 20.29 6.89 0.80
CA GLU A 128 21.34 6.32 -0.03
C GLU A 128 21.65 7.33 -1.10
N ILE A 129 22.88 7.30 -1.57
CA ILE A 129 23.32 8.22 -2.61
C ILE A 129 22.81 7.78 -3.99
N LYS A 130 22.05 8.66 -4.65
CA LYS A 130 21.47 8.35 -5.95
C LYS A 130 21.84 9.43 -6.95
N PRO A 131 21.75 9.13 -8.26
CA PRO A 131 21.92 10.16 -9.29
C PRO A 131 20.65 10.93 -9.57
N PHE A 132 20.69 12.24 -9.33
CA PHE A 132 19.61 13.17 -9.63
C PHE A 132 19.84 13.80 -11.00
N VAL A 133 18.81 13.75 -11.84
CA VAL A 133 18.87 14.28 -13.19
C VAL A 133 18.73 15.80 -13.12
N SER A 134 19.83 16.50 -12.91
CA SER A 134 19.79 17.96 -12.74
C SER A 134 19.37 18.66 -14.04
N VAL A 135 19.70 18.02 -15.16
CA VAL A 135 19.33 18.54 -16.47
C VAL A 135 18.78 17.43 -17.35
N ALA A 136 17.49 17.45 -17.60
CA ALA A 136 16.87 16.47 -18.46
C ALA A 136 17.00 16.95 -19.89
N VAL A 137 17.43 16.07 -20.78
CA VAL A 137 17.45 16.39 -22.20
C VAL A 137 16.48 15.48 -22.92
N PHE A 138 15.48 16.09 -23.56
CA PHE A 138 14.48 15.35 -24.32
C PHE A 138 14.81 15.41 -25.80
N VAL A 139 14.54 14.31 -26.50
CA VAL A 139 14.88 14.20 -27.92
C VAL A 139 13.69 13.69 -28.71
N CYS A 140 13.34 14.41 -29.77
CA CYS A 140 12.26 14.04 -30.69
C CYS A 140 12.68 12.90 -31.63
N LYS A 141 11.86 11.85 -31.66
CA LYS A 141 12.14 10.69 -32.49
C LYS A 141 11.87 10.95 -33.98
N ASP A 142 11.23 12.07 -34.29
CA ASP A 142 10.90 12.45 -35.66
C ASP A 142 11.93 13.38 -36.27
N CYS A 143 12.00 14.62 -35.78
CA CYS A 143 12.99 15.59 -36.31
C CYS A 143 14.38 15.50 -35.67
N GLY A 144 14.49 14.74 -34.57
CA GLY A 144 15.73 14.66 -33.82
C GLY A 144 16.09 15.94 -33.09
N HIS A 145 15.09 16.76 -32.78
CA HIS A 145 15.32 18.02 -32.08
C HIS A 145 15.60 17.75 -30.59
N GLU A 146 16.46 18.58 -30.01
CA GLU A 146 16.83 18.47 -28.60
C GLU A 146 16.30 19.62 -27.75
N MET A 147 15.61 19.27 -26.67
CA MET A 147 15.12 20.25 -25.71
C MET A 147 15.73 20.04 -24.32
N ILE A 148 16.44 21.06 -23.86
CA ILE A 148 17.03 21.09 -22.51
C ILE A 148 16.03 21.56 -21.45
N VAL A 149 15.89 20.80 -20.35
CA VAL A 149 14.93 21.16 -19.29
C VAL A 149 15.60 20.95 -17.93
N PRO A 150 16.02 22.03 -17.27
CA PRO A 150 16.65 21.84 -15.96
C PRO A 150 15.62 21.41 -14.93
N GLN A 151 16.07 20.69 -13.91
CA GLN A 151 15.17 20.17 -12.89
C GLN A 151 15.51 20.73 -11.54
N LYS A 152 14.63 20.50 -10.57
CA LYS A 152 14.86 20.91 -9.19
C LYS A 152 14.69 19.65 -8.33
N PRO A 153 15.60 19.43 -7.35
CA PRO A 153 15.60 18.17 -6.59
C PRO A 153 14.43 18.00 -5.62
N TYR A 154 13.57 19.00 -5.51
CA TYR A 154 12.41 18.91 -4.63
C TYR A 154 11.08 18.84 -5.38
N GLU A 155 11.13 19.14 -6.68
CA GLU A 155 9.96 19.03 -7.56
C GLU A 155 10.04 17.82 -8.49
N SER A 156 8.87 17.30 -8.84
CA SER A 156 8.75 16.18 -9.77
C SER A 156 9.24 16.56 -11.17
N LEU A 157 9.56 15.53 -11.96
CA LEU A 157 10.18 15.71 -13.27
C LEU A 157 9.31 16.53 -14.21
N GLU A 158 9.88 17.61 -14.70
CA GLU A 158 9.21 18.46 -15.67
C GLU A 158 9.46 17.93 -17.08
N LYS A 159 8.48 17.19 -17.60
CA LYS A 159 8.56 16.59 -18.93
C LYS A 159 8.27 17.62 -20.02
N VAL A 160 8.30 17.16 -21.27
CA VAL A 160 7.74 17.93 -22.38
C VAL A 160 6.70 17.09 -23.10
N LYS A 161 5.56 17.71 -23.41
CA LYS A 161 4.43 17.04 -24.03
C LYS A 161 4.62 16.86 -25.54
N LYS A 162 5.05 17.94 -26.20
CA LYS A 162 5.26 17.95 -27.66
C LYS A 162 6.52 18.71 -28.08
N CYS A 163 7.11 18.30 -29.20
CA CYS A 163 8.32 18.91 -29.76
C CYS A 163 8.16 20.40 -29.98
N GLU A 164 9.17 21.18 -29.61
CA GLU A 164 9.08 22.64 -29.74
C GLU A 164 9.47 23.13 -31.14
N GLN A 165 9.73 22.19 -32.05
CA GLN A 165 10.10 22.53 -33.41
C GLN A 165 9.13 21.97 -34.46
N CYS A 166 8.80 20.68 -34.35
CA CYS A 166 7.87 20.04 -35.26
C CYS A 166 6.55 19.61 -34.59
N GLY A 167 6.24 20.18 -33.41
CA GLY A 167 4.97 19.92 -32.71
C GLY A 167 4.60 18.48 -32.42
N SER A 168 5.52 17.56 -32.70
CA SER A 168 5.30 16.11 -32.56
C SER A 168 5.20 15.65 -31.12
N LYS A 169 4.21 14.78 -30.84
CA LYS A 169 4.01 14.20 -29.51
C LYS A 169 4.77 12.88 -29.37
N ASN A 170 5.92 12.81 -30.04
CA ASN A 170 6.81 11.63 -30.00
C ASN A 170 8.22 12.01 -29.51
N ILE A 171 8.29 12.41 -28.24
CA ILE A 171 9.55 12.71 -27.57
C ILE A 171 9.78 11.79 -26.36
N GLU A 172 11.04 11.48 -26.10
CA GLU A 172 11.45 10.75 -24.91
C GLU A 172 12.69 11.42 -24.30
N LEU A 173 12.90 11.20 -23.01
CA LEU A 173 14.10 11.64 -22.31
C LEU A 173 15.30 10.85 -22.78
N ASP A 174 16.34 11.54 -23.21
CA ASP A 174 17.58 10.89 -23.60
C ASP A 174 18.51 10.78 -22.41
N VAL A 175 18.60 9.56 -21.91
CA VAL A 175 19.36 9.22 -20.72
C VAL A 175 20.86 9.55 -20.78
N ASN A 176 21.44 9.57 -21.99
CA ASN A 176 22.85 9.93 -22.21
C ASN A 176 23.09 11.41 -22.30
N LYS A 177 22.18 12.12 -22.95
CA LYS A 177 22.32 13.57 -23.13
C LYS A 177 22.03 14.30 -21.81
N SER A 178 21.22 13.69 -20.96
CA SER A 178 20.87 14.28 -19.67
C SER A 178 22.07 14.30 -18.74
N SER A 179 22.13 15.30 -17.86
CA SER A 179 23.21 15.39 -16.87
C SER A 179 22.70 14.95 -15.52
N ALA A 180 23.49 14.17 -14.81
CA ALA A 180 23.13 13.69 -13.48
C ALA A 180 24.18 14.04 -12.45
N VAL A 181 23.72 14.41 -11.25
CA VAL A 181 24.63 14.68 -10.13
C VAL A 181 24.25 13.83 -8.92
N ASN A 182 25.15 13.76 -7.95
CA ASN A 182 24.85 13.02 -6.72
C ASN A 182 23.77 13.70 -5.92
N PHE A 183 22.98 12.88 -5.23
CA PHE A 183 21.85 13.35 -4.46
C PHE A 183 21.83 12.51 -3.21
N GLN A 184 21.47 13.12 -2.09
CA GLN A 184 21.32 12.38 -0.85
C GLN A 184 20.39 13.12 0.07
N SER A 185 19.35 12.44 0.51
CA SER A 185 18.43 13.01 1.50
C SER A 185 18.96 12.77 2.91
N PHE A 186 18.60 13.64 3.83
CA PHE A 186 18.95 13.47 5.23
C PHE A 186 17.90 14.18 6.06
N ARG A 187 17.87 13.86 7.35
CA ARG A 187 16.95 14.47 8.29
C ARG A 187 17.72 14.96 9.49
N ILE A 188 17.48 16.22 9.88
CA ILE A 188 17.97 16.72 11.16
C ILE A 188 16.81 17.12 12.06
N GLN A 189 17.02 17.02 13.36
CA GLN A 189 16.06 17.47 14.36
C GLN A 189 16.81 18.07 15.54
N ASP A 190 16.08 18.82 16.37
CA ASP A 190 16.63 19.37 17.61
C ASP A 190 16.92 18.25 18.58
N ARG A 191 18.01 18.36 19.32
CA ARG A 191 18.32 17.37 20.34
C ARG A 191 17.44 17.61 21.55
N PRO A 192 17.02 16.53 22.23
CA PRO A 192 16.18 16.66 23.42
C PRO A 192 16.72 17.63 24.49
N GLU A 193 18.03 17.57 24.74
CA GLU A 193 18.73 18.45 25.67
C GLU A 193 18.44 19.92 25.39
N THR A 194 18.15 20.27 24.14
CA THR A 194 17.88 21.66 23.80
C THR A 194 16.43 22.05 24.07
N LEU A 195 15.59 21.06 24.40
CA LEU A 195 14.16 21.29 24.59
C LEU A 195 13.73 21.11 26.03
N LYS A 196 12.45 21.40 26.31
CA LYS A 196 11.88 21.16 27.64
C LYS A 196 11.62 19.67 27.85
N GLY A 197 11.52 19.26 29.11
CA GLY A 197 11.20 17.87 29.44
C GLY A 197 9.89 17.43 28.80
N GLY A 198 9.89 16.21 28.25
CA GLY A 198 8.72 15.64 27.58
C GLY A 198 8.20 16.43 26.39
N GLU A 199 9.08 17.24 25.79
CA GLU A 199 8.75 17.97 24.58
C GLU A 199 9.11 17.11 23.39
N MET A 200 8.18 17.00 22.45
CA MET A 200 8.42 16.26 21.22
C MET A 200 9.33 17.05 20.27
N PRO A 201 10.54 16.53 19.99
CA PRO A 201 11.43 17.21 19.06
C PRO A 201 10.84 17.28 17.66
N ARG A 202 11.12 18.39 16.96
CA ARG A 202 10.72 18.52 15.57
C ARG A 202 11.88 18.29 14.59
N PHE A 203 11.56 17.88 13.37
CA PHE A 203 12.57 17.56 12.38
C PHE A 203 12.28 18.24 11.04
N ILE A 204 13.25 18.16 10.13
CA ILE A 204 13.08 18.65 8.78
C ILE A 204 13.94 17.79 7.86
N ASP A 205 13.46 17.55 6.65
CA ASP A 205 14.23 16.78 5.67
C ASP A 205 14.98 17.71 4.70
N GLY A 206 16.22 17.32 4.39
CA GLY A 206 17.08 18.11 3.53
C GLY A 206 17.50 17.36 2.29
N ILE A 207 18.11 18.10 1.36
CA ILE A 207 18.71 17.54 0.16
C ILE A 207 20.14 18.01 0.07
N LEU A 208 21.05 17.07 -0.15
CA LEU A 208 22.43 17.39 -0.45
C LEU A 208 22.68 17.03 -1.90
N LEU A 209 23.32 17.93 -2.65
CA LEU A 209 23.66 17.62 -4.04
C LEU A 209 25.15 17.68 -4.29
N ASP A 210 25.55 17.06 -5.40
CA ASP A 210 26.91 17.16 -5.91
C ASP A 210 28.01 16.76 -4.91
N ASP A 211 28.85 17.73 -4.56
CA ASP A 211 30.03 17.48 -3.76
C ASP A 211 29.82 17.53 -2.23
N ILE A 212 28.60 17.89 -1.79
CA ILE A 212 28.31 17.90 -0.35
C ILE A 212 27.47 16.70 0.05
N VAL A 213 27.33 15.76 -0.88
CA VAL A 213 26.72 14.47 -0.60
C VAL A 213 27.66 13.63 0.28
N ASP A 214 27.09 12.83 1.18
CA ASP A 214 27.86 11.87 1.97
C ASP A 214 28.92 12.54 2.86
N VAL A 215 28.57 13.67 3.46
CA VAL A 215 29.49 14.37 4.36
C VAL A 215 29.04 14.27 5.79
N ALA A 216 27.89 13.65 6.01
CA ALA A 216 27.34 13.50 7.34
C ALA A 216 26.70 12.14 7.54
N LEU A 217 26.86 11.62 8.75
CA LEU A 217 26.29 10.35 9.16
C LEU A 217 25.28 10.61 10.27
N PRO A 218 24.40 9.64 10.55
CA PRO A 218 23.45 9.84 11.64
C PRO A 218 24.18 9.96 12.97
N GLY A 219 23.66 10.79 13.85
CA GLY A 219 24.34 11.10 15.10
C GLY A 219 25.18 12.36 15.05
N ASP A 220 25.58 12.77 13.84
CA ASP A 220 26.35 13.99 13.63
C ASP A 220 25.56 15.23 13.99
N ARG A 221 26.26 16.20 14.56
CA ARG A 221 25.68 17.49 14.93
C ARG A 221 26.17 18.48 13.90
N VAL A 222 25.24 19.05 13.14
CA VAL A 222 25.63 19.88 12.00
C VAL A 222 25.05 21.28 12.06
N ILE A 223 25.72 22.21 11.38
CA ILE A 223 25.10 23.49 11.05
C ILE A 223 24.99 23.56 9.53
N VAL A 224 23.75 23.54 9.06
CA VAL A 224 23.49 23.66 7.64
C VAL A 224 22.92 25.03 7.32
N THR A 225 23.24 25.54 6.13
CA THR A 225 22.55 26.69 5.58
C THR A 225 21.87 26.17 4.34
N GLY A 226 20.73 26.75 4.00
CA GLY A 226 19.98 26.29 2.85
C GLY A 226 18.72 27.07 2.59
N ILE A 227 18.17 26.92 1.40
CA ILE A 227 16.90 27.52 1.07
C ILE A 227 15.79 26.62 1.60
N LEU A 228 14.86 27.20 2.36
CA LEU A 228 13.71 26.44 2.81
C LEU A 228 12.71 26.36 1.68
N ARG A 229 12.39 25.15 1.25
CA ARG A 229 11.41 24.93 0.18
C ARG A 229 10.15 24.30 0.75
N VAL A 230 9.01 24.64 0.18
CA VAL A 230 7.81 23.91 0.56
C VAL A 230 7.15 23.35 -0.67
N VAL A 231 6.71 22.10 -0.56
CA VAL A 231 5.95 21.48 -1.61
C VAL A 231 4.69 20.89 -0.96
N LEU A 232 3.61 20.76 -1.71
CA LEU A 232 2.36 20.28 -1.16
C LEU A 232 2.47 18.81 -0.80
N GLU A 233 2.18 18.51 0.47
CA GLU A 233 2.32 17.16 0.99
C GLU A 233 1.19 16.34 0.45
N LYS A 234 1.52 15.27 -0.28
CA LYS A 234 0.49 14.41 -0.90
C LYS A 234 -0.06 13.36 0.05
N ARG A 235 0.65 13.17 1.17
CA ARG A 235 0.23 12.32 2.27
C ARG A 235 -1.07 12.80 2.95
N GLU A 236 -1.30 14.11 2.97
CA GLU A 236 -2.47 14.69 3.63
C GLU A 236 -3.62 14.91 2.65
N LYS A 237 -4.86 14.91 3.16
CA LYS A 237 -6.05 15.21 2.35
C LYS A 237 -6.05 16.69 2.00
N THR A 238 -6.02 17.51 3.04
CA THR A 238 -6.02 18.96 2.97
C THR A 238 -4.63 19.55 2.54
N PRO A 239 -4.58 20.80 2.07
CA PRO A 239 -3.30 21.38 1.67
C PRO A 239 -2.37 21.68 2.84
N ILE A 240 -1.34 20.85 2.98
CA ILE A 240 -0.30 21.06 3.98
C ILE A 240 1.05 21.15 3.28
N PHE A 241 1.89 22.09 3.70
CA PHE A 241 3.24 22.19 3.16
C PHE A 241 4.16 21.18 3.80
N ARG A 242 4.99 20.54 2.98
CA ARG A 242 6.04 19.67 3.48
C ARG A 242 7.33 20.43 3.32
N LYS A 243 7.99 20.74 4.44
CA LYS A 243 9.24 21.50 4.40
C LYS A 243 10.39 20.64 3.91
N ILE A 244 11.22 21.22 3.06
CA ILE A 244 12.45 20.58 2.58
C ILE A 244 13.59 21.61 2.60
N LEU A 245 14.71 21.23 3.19
CA LEU A 245 15.83 22.14 3.20
C LEU A 245 16.78 21.82 2.04
N GLU A 246 16.82 22.68 1.03
CA GLU A 246 17.75 22.52 -0.07
C GLU A 246 19.10 23.10 0.36
N VAL A 247 20.02 22.23 0.80
CA VAL A 247 21.24 22.64 1.51
C VAL A 247 22.23 23.37 0.62
N ASN A 248 22.65 24.54 1.06
CA ASN A 248 23.67 25.31 0.38
C ASN A 248 25.06 25.06 0.96
N HIS A 249 25.15 24.91 2.28
CA HIS A 249 26.41 24.64 2.96
C HIS A 249 26.16 23.82 4.21
N ILE A 250 27.05 22.87 4.48
CA ILE A 250 26.96 22.05 5.69
C ILE A 250 28.33 21.82 6.30
N GLU A 251 28.40 21.95 7.61
CA GLU A 251 29.61 21.67 8.37
C GLU A 251 29.22 21.21 9.76
N PRO A 252 30.07 20.37 10.40
CA PRO A 252 29.81 19.92 11.76
C PRO A 252 30.02 21.06 12.74
N VAL A 253 29.40 20.98 13.91
CA VAL A 253 29.58 22.01 14.92
C VAL A 253 30.80 21.66 15.80
N SER A 254 31.34 22.63 16.52
CA SER A 254 32.47 22.38 17.41
C SER A 254 32.36 23.11 18.74
N SER B 1 -33.29 32.45 11.89
CA SER B 1 -31.90 32.80 12.32
C SER B 1 -31.58 34.29 12.11
N VAL B 2 -30.30 34.64 12.17
CA VAL B 2 -29.84 36.03 12.16
C VAL B 2 -28.81 36.24 11.05
N ASP B 3 -29.07 37.18 10.15
CA ASP B 3 -28.14 37.46 9.05
C ASP B 3 -26.83 38.10 9.57
N ARG B 4 -25.76 37.94 8.79
CA ARG B 4 -24.40 38.29 9.20
C ARG B 4 -24.27 39.72 9.73
N GLU B 5 -24.72 40.68 8.93
CA GLU B 5 -24.68 42.10 9.29
C GLU B 5 -25.14 42.35 10.71
N GLU B 6 -26.29 41.74 11.04
CA GLU B 6 -26.93 41.97 12.32
C GLU B 6 -26.20 41.26 13.47
N MET B 7 -25.54 40.14 13.16
CA MET B 7 -24.77 39.43 14.17
C MET B 7 -23.57 40.25 14.61
N ILE B 8 -22.86 40.78 13.61
CA ILE B 8 -21.73 41.64 13.88
C ILE B 8 -22.13 42.79 14.80
N GLU B 9 -23.22 43.47 14.46
CA GLU B 9 -23.79 44.52 15.31
C GLU B 9 -23.97 44.05 16.74
N ARG B 10 -24.76 42.98 16.91
CA ARG B 10 -25.11 42.42 18.23
C ARG B 10 -23.87 41.97 18.99
N PHE B 11 -22.90 41.39 18.28
CA PHE B 11 -21.64 40.96 18.89
C PHE B 11 -20.81 42.14 19.37
N ALA B 12 -20.65 43.12 18.49
CA ALA B 12 -19.92 44.36 18.79
C ALA B 12 -20.46 45.01 20.06
N ASN B 13 -21.79 45.07 20.12
CA ASN B 13 -22.50 45.58 21.25
C ASN B 13 -22.18 44.77 22.51
N PHE B 14 -22.25 43.44 22.39
CA PHE B 14 -21.95 42.54 23.50
C PHE B 14 -20.56 42.80 24.07
N LEU B 15 -19.56 42.83 23.18
CA LEU B 15 -18.17 43.03 23.57
C LEU B 15 -17.95 44.31 24.39
N ARG B 16 -18.57 45.39 23.91
CA ARG B 16 -18.47 46.72 24.54
C ARG B 16 -19.22 46.80 25.86
N GLU B 17 -20.44 46.27 25.88
CA GLU B 17 -21.37 46.51 26.98
C GLU B 17 -21.39 45.45 28.09
N TYR B 18 -21.16 44.18 27.74
CA TYR B 18 -21.25 43.13 28.74
C TYR B 18 -20.43 43.46 29.99
N THR B 19 -21.08 43.31 31.14
CA THR B 19 -20.38 43.31 32.43
C THR B 19 -20.81 42.13 33.31
N ASP B 20 -19.88 41.59 34.09
CA ASP B 20 -20.18 40.43 34.93
C ASP B 20 -20.93 40.81 36.22
N GLU B 21 -21.00 39.86 37.15
CA GLU B 21 -21.64 40.05 38.47
C GLU B 21 -21.09 41.26 39.25
N ASP B 22 -19.80 41.55 39.10
CA ASP B 22 -19.16 42.66 39.81
C ASP B 22 -19.08 43.97 39.01
N GLY B 23 -19.66 43.96 37.82
CA GLY B 23 -19.66 45.13 36.94
C GLY B 23 -18.42 45.29 36.06
N ASN B 24 -17.50 44.32 36.11
CA ASN B 24 -16.31 44.30 35.23
C ASN B 24 -16.72 44.13 33.78
N PRO B 25 -16.22 45.04 32.90
CA PRO B 25 -16.52 44.94 31.48
C PRO B 25 -15.55 43.98 30.78
N VAL B 26 -15.68 42.70 31.13
CA VAL B 26 -14.74 41.63 30.78
C VAL B 26 -14.12 41.75 29.38
N TYR B 27 -14.98 41.88 28.37
CA TYR B 27 -14.54 41.79 26.96
C TYR B 27 -13.97 43.11 26.44
N ARG B 28 -14.42 44.21 27.03
CA ARG B 28 -13.77 45.50 26.81
C ARG B 28 -12.33 45.41 27.27
N GLY B 29 -12.13 44.83 28.46
CA GLY B 29 -10.80 44.64 29.01
C GLY B 29 -9.94 43.68 28.21
N LYS B 30 -10.53 42.59 27.76
CA LYS B 30 -9.81 41.60 26.93
C LYS B 30 -9.33 42.23 25.63
N ILE B 31 -10.18 43.06 25.04
CA ILE B 31 -9.82 43.77 23.81
C ILE B 31 -8.80 44.88 24.04
N THR B 32 -8.93 45.62 25.14
CA THR B 32 -7.93 46.61 25.52
C THR B 32 -6.56 45.96 25.60
N ASP B 33 -6.54 44.77 26.20
CA ASP B 33 -5.32 43.99 26.34
C ASP B 33 -4.64 43.67 25.01
N LEU B 34 -5.42 43.66 23.93
CA LEU B 34 -4.83 43.42 22.61
C LEU B 34 -3.85 44.52 22.19
N LEU B 35 -3.87 45.66 22.85
CA LEU B 35 -2.94 46.75 22.53
C LEU B 35 -1.63 46.62 23.30
N THR B 36 -1.50 45.60 24.14
CA THR B 36 -0.24 45.37 24.84
C THR B 36 0.86 45.02 23.85
N ILE B 37 2.10 45.13 24.31
CA ILE B 37 3.25 44.94 23.42
C ILE B 37 3.35 43.53 22.80
N THR B 38 2.95 42.50 23.54
CA THR B 38 2.88 41.13 22.99
C THR B 38 1.50 40.53 23.24
N PRO B 39 0.56 40.78 22.32
CA PRO B 39 -0.84 40.45 22.57
C PRO B 39 -1.16 38.97 22.35
N LYS B 40 -2.34 38.53 22.79
CA LYS B 40 -2.87 37.24 22.38
C LYS B 40 -3.42 37.30 20.94
N ARG B 41 -3.65 36.15 20.34
CA ARG B 41 -4.19 36.11 19.00
C ARG B 41 -5.65 35.67 19.00
N SER B 42 -6.21 35.47 20.19
CA SER B 42 -7.64 35.19 20.32
C SER B 42 -8.31 35.73 21.59
N VAL B 43 -9.63 35.83 21.53
CA VAL B 43 -10.41 36.28 22.66
C VAL B 43 -11.37 35.14 22.99
N ALA B 44 -11.22 34.59 24.20
CA ALA B 44 -12.09 33.52 24.64
C ALA B 44 -13.34 34.13 25.18
N ILE B 45 -14.49 33.67 24.70
CA ILE B 45 -15.76 34.18 25.17
C ILE B 45 -16.52 33.09 25.87
N ASP B 46 -16.90 33.36 27.12
CA ASP B 46 -17.73 32.47 27.93
C ASP B 46 -19.14 32.44 27.35
N TRP B 47 -19.53 31.31 26.78
CA TRP B 47 -20.84 31.21 26.15
C TRP B 47 -21.94 31.67 27.09
N MET B 48 -21.79 31.34 28.38
CA MET B 48 -22.79 31.71 29.40
C MET B 48 -22.98 33.22 29.48
N HIS B 49 -21.87 33.96 29.39
CA HIS B 49 -21.88 35.41 29.37
C HIS B 49 -22.71 35.90 28.21
N LEU B 50 -22.40 35.42 27.02
CA LEU B 50 -23.12 35.82 25.83
C LEU B 50 -24.60 35.42 25.90
N ASN B 51 -24.89 34.29 26.55
CA ASN B 51 -26.28 33.82 26.69
C ASN B 51 -27.11 34.69 27.61
N SER B 52 -26.47 35.20 28.66
CA SER B 52 -27.19 36.06 29.60
C SER B 52 -27.37 37.47 29.02
N PHE B 53 -26.57 37.84 28.03
CA PHE B 53 -26.63 39.19 27.46
C PHE B 53 -27.45 39.27 26.17
N ASP B 54 -27.40 38.22 25.36
CA ASP B 54 -28.12 38.20 24.08
C ASP B 54 -28.34 36.75 23.71
N SER B 55 -29.28 36.12 24.43
CA SER B 55 -29.50 34.68 24.35
C SER B 55 -29.79 34.21 22.95
N GLU B 56 -30.63 34.96 22.24
CA GLU B 56 -30.95 34.60 20.87
C GLU B 56 -29.68 34.42 20.03
N LEU B 57 -28.67 35.25 20.28
CA LEU B 57 -27.41 35.21 19.55
C LEU B 57 -26.57 34.02 20.00
N ALA B 58 -26.55 33.78 21.31
CA ALA B 58 -25.79 32.68 21.89
C ALA B 58 -26.21 31.33 21.30
N HIS B 59 -27.50 31.19 21.04
CA HIS B 59 -28.00 29.97 20.44
C HIS B 59 -27.68 29.90 18.95
N GLU B 60 -27.59 31.06 18.32
CA GLU B 60 -27.13 31.15 16.93
C GLU B 60 -25.70 30.70 16.75
N VAL B 61 -24.87 30.93 17.76
CA VAL B 61 -23.49 30.48 17.72
C VAL B 61 -23.47 28.96 17.64
N ILE B 62 -24.31 28.29 18.43
CA ILE B 62 -24.36 26.84 18.40
C ILE B 62 -24.98 26.30 17.13
N GLU B 63 -26.03 26.94 16.66
CA GLU B 63 -26.73 26.51 15.45
C GLU B 63 -25.90 26.72 14.19
N ASN B 64 -25.38 27.93 14.01
CA ASN B 64 -24.52 28.24 12.89
C ASN B 64 -23.15 28.72 13.36
N PRO B 65 -22.33 27.82 13.90
CA PRO B 65 -21.06 28.25 14.48
C PRO B 65 -20.13 28.91 13.47
N GLU B 66 -20.21 28.49 12.21
CA GLU B 66 -19.35 29.07 11.19
C GLU B 66 -19.64 30.56 11.04
N GLU B 67 -20.91 30.92 10.81
CA GLU B 67 -21.29 32.33 10.68
C GLU B 67 -21.14 33.03 12.01
N GLY B 68 -21.46 32.32 13.09
CA GLY B 68 -21.45 32.90 14.43
C GLY B 68 -20.06 33.36 14.80
N ILE B 69 -19.12 32.44 14.68
CA ILE B 69 -17.74 32.72 15.02
C ILE B 69 -17.21 33.85 14.14
N SER B 70 -17.43 33.73 12.82
CA SER B 70 -16.97 34.72 11.85
C SER B 70 -17.49 36.14 12.19
N ALA B 71 -18.79 36.27 12.46
CA ALA B 71 -19.38 37.52 12.90
C ALA B 71 -18.66 38.07 14.13
N ALA B 72 -18.53 37.24 15.16
CA ALA B 72 -17.83 37.63 16.40
C ALA B 72 -16.43 38.16 16.14
N GLU B 73 -15.72 37.54 15.20
CA GLU B 73 -14.38 37.96 14.85
C GLU B 73 -14.39 39.27 14.11
N ASP B 74 -15.34 39.44 13.20
CA ASP B 74 -15.55 40.71 12.48
C ASP B 74 -15.87 41.84 13.44
N ALA B 75 -16.64 41.53 14.48
CA ALA B 75 -16.99 42.51 15.50
C ALA B 75 -15.75 42.95 16.27
N ILE B 76 -14.95 41.98 16.75
CA ILE B 76 -13.70 42.29 17.45
C ILE B 76 -12.88 43.26 16.62
N GLN B 77 -12.83 43.02 15.32
CA GLN B 77 -12.09 43.87 14.41
C GLN B 77 -12.63 45.30 14.40
N ILE B 78 -13.95 45.45 14.37
CA ILE B 78 -14.52 46.79 14.29
C ILE B 78 -14.43 47.49 15.64
N VAL B 79 -14.46 46.75 16.74
CA VAL B 79 -14.24 47.37 18.06
C VAL B 79 -12.81 47.89 18.17
N LEU B 80 -11.85 47.16 17.61
CA LEU B 80 -10.45 47.59 17.62
C LEU B 80 -10.25 48.85 16.80
N ARG B 81 -10.95 48.94 15.67
CA ARG B 81 -10.88 50.11 14.79
C ARG B 81 -11.63 51.31 15.36
N GLU B 82 -12.89 51.12 15.75
CA GLU B 82 -13.69 52.23 16.22
C GLU B 82 -13.31 52.72 17.61
N ASP B 83 -12.90 51.81 18.50
CA ASP B 83 -12.68 52.18 19.90
C ASP B 83 -11.22 52.37 20.29
N PHE B 84 -10.31 51.84 19.47
CA PHE B 84 -8.88 51.85 19.83
C PHE B 84 -8.01 52.37 18.69
N GLN B 85 -8.66 52.69 17.58
CA GLN B 85 -8.03 53.17 16.36
C GLN B 85 -6.86 52.31 15.94
N ARG B 86 -7.05 50.99 16.00
CA ARG B 86 -6.05 50.03 15.51
C ARG B 86 -6.62 49.23 14.34
N GLU B 87 -5.90 49.26 13.21
CA GLU B 87 -6.33 48.61 11.98
C GLU B 87 -5.47 47.40 11.64
N ASP B 88 -4.16 47.56 11.82
CA ASP B 88 -3.17 46.56 11.45
C ASP B 88 -3.07 45.36 12.43
N VAL B 89 -4.11 45.11 13.23
CA VAL B 89 -4.04 44.13 14.34
C VAL B 89 -3.90 42.67 13.92
N GLY B 90 -4.35 42.36 12.70
CA GLY B 90 -4.32 40.99 12.20
C GLY B 90 -5.47 40.16 12.75
N LYS B 91 -5.48 38.87 12.42
CA LYS B 91 -6.56 37.97 12.81
C LYS B 91 -6.62 37.75 14.32
N ILE B 92 -7.80 37.93 14.89
CA ILE B 92 -8.03 37.60 16.29
C ILE B 92 -9.19 36.65 16.29
N HIS B 93 -8.97 35.46 16.86
CA HIS B 93 -10.00 34.40 16.88
C HIS B 93 -11.02 34.62 17.98
N ALA B 94 -12.26 34.25 17.69
CA ALA B 94 -13.29 34.17 18.74
C ALA B 94 -13.40 32.72 19.12
N ARG B 95 -13.07 32.42 20.38
CA ARG B 95 -13.08 31.06 20.85
C ARG B 95 -14.08 30.95 21.99
N PHE B 96 -15.22 30.33 21.70
CA PHE B 96 -16.29 30.17 22.69
C PHE B 96 -16.02 28.97 23.56
N TYR B 97 -16.25 29.13 24.87
CA TYR B 97 -16.09 28.03 25.80
C TYR B 97 -17.26 27.99 26.77
N ASN B 98 -17.32 26.93 27.58
CA ASN B 98 -18.37 26.76 28.57
C ASN B 98 -19.80 26.69 27.97
N LEU B 99 -20.01 25.77 27.03
CA LEU B 99 -21.32 25.57 26.43
C LEU B 99 -22.27 24.90 27.42
N PRO B 100 -23.58 24.93 27.15
CA PRO B 100 -24.53 24.42 28.14
C PRO B 100 -24.47 22.90 28.35
N GLU B 101 -24.11 22.13 27.31
CA GLU B 101 -24.01 20.67 27.46
C GLU B 101 -22.62 20.12 27.16
N THR B 102 -22.14 19.21 28.01
CA THR B 102 -20.90 18.47 27.71
C THR B 102 -21.16 17.02 27.26
N LEU B 103 -20.86 16.74 25.99
CA LEU B 103 -20.97 15.39 25.45
C LEU B 103 -19.75 14.52 25.79
N MET B 104 -19.98 13.22 25.97
CA MET B 104 -18.92 12.25 25.95
C MET B 104 -18.72 11.92 24.48
N VAL B 105 -17.58 11.34 24.12
CA VAL B 105 -17.31 11.10 22.72
C VAL B 105 -18.42 10.24 22.12
N LYS B 106 -18.87 9.24 22.87
CA LYS B 106 -19.91 8.33 22.42
C LYS B 106 -21.28 9.00 22.19
N ASP B 107 -21.45 10.21 22.70
CA ASP B 107 -22.70 10.94 22.56
C ASP B 107 -22.75 11.73 21.26
N ILE B 108 -21.60 11.92 20.62
CA ILE B 108 -21.54 12.74 19.40
C ILE B 108 -22.28 12.06 18.26
N GLY B 109 -23.57 12.38 18.13
CA GLY B 109 -24.39 11.86 17.03
C GLY B 109 -24.30 12.74 15.80
N ALA B 110 -24.95 12.33 14.73
CA ALA B 110 -24.97 13.10 13.49
C ALA B 110 -25.93 14.29 13.57
N GLU B 111 -26.72 14.39 14.64
CA GLU B 111 -27.57 15.58 14.81
C GLU B 111 -26.73 16.79 15.22
N HIS B 112 -25.42 16.57 15.33
CA HIS B 112 -24.45 17.60 15.69
C HIS B 112 -23.70 18.15 14.51
N ILE B 113 -23.74 17.43 13.40
CA ILE B 113 -23.06 17.84 12.18
C ILE B 113 -23.25 19.33 11.87
N ASN B 114 -22.13 20.03 11.88
CA ASN B 114 -22.03 21.48 11.61
C ASN B 114 -22.65 22.35 12.68
N LYS B 115 -22.66 21.85 13.90
CA LYS B 115 -23.05 22.62 15.08
C LYS B 115 -21.84 22.75 16.01
N LEU B 116 -21.93 23.58 17.02
CA LEU B 116 -20.83 23.70 17.93
C LEU B 116 -21.12 22.80 19.11
N ILE B 117 -20.31 21.76 19.27
CA ILE B 117 -20.48 20.84 20.39
C ILE B 117 -19.35 21.02 21.40
N GLN B 118 -19.59 20.58 22.63
CA GLN B 118 -18.56 20.61 23.65
C GLN B 118 -18.33 19.20 24.21
N VAL B 119 -17.08 18.74 24.11
CA VAL B 119 -16.76 17.34 24.40
C VAL B 119 -15.67 17.25 25.44
N GLU B 120 -15.85 16.30 26.38
CA GLU B 120 -14.83 15.97 27.36
C GLU B 120 -14.27 14.60 27.06
N GLY B 121 -12.95 14.48 27.10
CA GLY B 121 -12.29 13.22 26.82
C GLY B 121 -10.83 13.22 27.22
N ILE B 122 -10.14 12.15 26.89
CA ILE B 122 -8.72 12.08 27.11
C ILE B 122 -7.97 11.98 25.77
N VAL B 123 -6.89 12.74 25.65
CA VAL B 123 -6.13 12.77 24.42
C VAL B 123 -5.36 11.45 24.29
N THR B 124 -5.67 10.70 23.24
CA THR B 124 -5.01 9.45 22.88
C THR B 124 -3.75 9.70 22.05
N ARG B 125 -3.83 10.64 21.10
CA ARG B 125 -2.73 10.96 20.18
C ARG B 125 -2.69 12.41 19.82
N VAL B 126 -1.50 12.89 19.46
CA VAL B 126 -1.34 14.23 18.87
C VAL B 126 -0.45 14.06 17.65
N GLY B 127 -0.75 14.77 16.58
CA GLY B 127 0.10 14.71 15.40
C GLY B 127 1.31 15.62 15.51
N GLU B 128 2.14 15.63 14.47
CA GLU B 128 3.24 16.58 14.41
C GLU B 128 2.67 17.89 13.89
N ILE B 129 3.30 18.98 14.29
CA ILE B 129 2.85 20.30 13.90
C ILE B 129 3.28 20.62 12.46
N LYS B 130 2.31 20.89 11.59
CA LYS B 130 2.62 21.18 10.19
C LYS B 130 2.01 22.52 9.78
N PRO B 131 2.53 23.13 8.68
CA PRO B 131 1.88 24.32 8.12
C PRO B 131 0.71 24.01 7.19
N PHE B 132 -0.49 24.47 7.56
CA PHE B 132 -1.69 24.32 6.75
C PHE B 132 -1.89 25.58 5.92
N VAL B 133 -2.09 25.38 4.62
CA VAL B 133 -2.28 26.47 3.67
C VAL B 133 -3.70 27.00 3.83
N SER B 134 -3.90 27.92 4.77
CA SER B 134 -5.25 28.45 5.04
C SER B 134 -5.76 29.30 3.90
N VAL B 135 -4.85 29.91 3.16
CA VAL B 135 -5.21 30.68 1.97
C VAL B 135 -4.25 30.37 0.82
N ALA B 136 -4.78 29.68 -0.18
CA ALA B 136 -4.00 29.37 -1.36
C ALA B 136 -4.12 30.53 -2.31
N VAL B 137 -2.98 31.00 -2.82
CA VAL B 137 -2.98 31.99 -3.87
C VAL B 137 -2.41 31.41 -5.14
N PHE B 138 -3.23 31.38 -6.19
CA PHE B 138 -2.84 30.88 -7.48
C PHE B 138 -2.43 32.02 -8.42
N VAL B 139 -1.41 31.79 -9.24
CA VAL B 139 -0.90 32.83 -10.13
C VAL B 139 -0.78 32.28 -11.56
N CYS B 140 -1.36 33.02 -12.51
CA CYS B 140 -1.31 32.71 -13.95
C CYS B 140 0.06 33.06 -14.54
N LYS B 141 0.66 32.08 -15.21
CA LYS B 141 1.98 32.25 -15.80
C LYS B 141 1.94 33.08 -17.09
N ASP B 142 0.73 33.35 -17.59
CA ASP B 142 0.52 34.14 -18.81
C ASP B 142 0.23 35.61 -18.52
N CYS B 143 -0.94 35.91 -17.94
CA CYS B 143 -1.29 37.31 -17.60
C CYS B 143 -0.76 37.80 -16.23
N GLY B 144 -0.25 36.87 -15.42
CA GLY B 144 0.20 37.19 -14.07
C GLY B 144 -0.94 37.56 -13.14
N HIS B 145 -2.15 37.08 -13.44
CA HIS B 145 -3.32 37.34 -12.60
C HIS B 145 -3.27 36.52 -11.31
N GLU B 146 -3.76 37.09 -10.23
CA GLU B 146 -3.78 36.43 -8.92
C GLU B 146 -5.19 36.06 -8.46
N MET B 147 -5.38 34.78 -8.10
CA MET B 147 -6.65 34.30 -7.56
C MET B 147 -6.50 33.76 -6.13
N ILE B 148 -7.21 34.39 -5.21
CA ILE B 148 -7.23 33.97 -3.80
C ILE B 148 -8.29 32.89 -3.55
N VAL B 149 -7.90 31.79 -2.90
CA VAL B 149 -8.82 30.69 -2.63
C VAL B 149 -8.60 30.20 -1.21
N PRO B 150 -9.53 30.53 -0.29
CA PRO B 150 -9.37 30.06 1.09
C PRO B 150 -9.63 28.57 1.19
N GLN B 151 -8.99 27.92 2.16
CA GLN B 151 -9.09 26.48 2.31
C GLN B 151 -9.72 26.11 3.65
N LYS B 152 -10.06 24.84 3.80
CA LYS B 152 -10.61 24.35 5.05
C LYS B 152 -9.72 23.16 5.44
N PRO B 153 -9.35 23.07 6.73
CA PRO B 153 -8.38 22.06 7.17
C PRO B 153 -8.88 20.62 7.13
N TYR B 154 -10.17 20.43 6.82
CA TYR B 154 -10.75 19.09 6.75
C TYR B 154 -11.09 18.65 5.32
N GLU B 155 -11.06 19.59 4.39
CA GLU B 155 -11.30 19.30 2.97
C GLU B 155 -10.02 19.40 2.16
N SER B 156 -9.96 18.61 1.09
CA SER B 156 -8.83 18.60 0.17
C SER B 156 -8.66 19.94 -0.54
N LEU B 157 -7.46 20.18 -1.07
CA LEU B 157 -7.11 21.45 -1.69
C LEU B 157 -8.02 21.81 -2.85
N GLU B 158 -8.66 22.98 -2.74
CA GLU B 158 -9.50 23.49 -3.81
C GLU B 158 -8.64 24.29 -4.78
N LYS B 159 -8.30 23.65 -5.90
CA LYS B 159 -7.46 24.24 -6.94
C LYS B 159 -8.28 25.16 -7.83
N VAL B 160 -7.63 25.73 -8.83
CA VAL B 160 -8.32 26.39 -9.93
C VAL B 160 -7.85 25.78 -11.25
N LYS B 161 -8.81 25.48 -12.12
CA LYS B 161 -8.54 24.81 -13.39
C LYS B 161 -8.00 25.79 -14.45
N LYS B 162 -8.66 26.95 -14.57
CA LYS B 162 -8.29 27.99 -15.54
C LYS B 162 -8.37 29.41 -14.97
N CYS B 163 -7.53 30.30 -15.51
CA CYS B 163 -7.47 31.71 -15.11
C CYS B 163 -8.83 32.39 -15.20
N GLU B 164 -9.18 33.16 -14.19
CA GLU B 164 -10.48 33.83 -14.17
C GLU B 164 -10.48 35.14 -14.96
N GLN B 165 -9.35 35.47 -15.58
CA GLN B 165 -9.22 36.70 -16.36
C GLN B 165 -8.89 36.47 -17.84
N CYS B 166 -7.92 35.60 -18.12
CA CYS B 166 -7.55 35.27 -19.50
C CYS B 166 -7.85 33.80 -19.86
N GLY B 167 -8.71 33.13 -19.08
CA GLY B 167 -9.15 31.76 -19.36
C GLY B 167 -8.07 30.70 -19.53
N SER B 168 -6.82 31.08 -19.27
CA SER B 168 -5.66 30.20 -19.49
C SER B 168 -5.56 29.03 -18.50
N LYS B 169 -5.26 27.85 -19.02
CA LYS B 169 -5.09 26.64 -18.21
C LYS B 169 -3.63 26.47 -17.77
N ASN B 170 -2.96 27.60 -17.57
CA ASN B 170 -1.57 27.64 -17.14
C ASN B 170 -1.41 28.44 -15.83
N ILE B 171 -1.98 27.87 -14.76
CA ILE B 171 -1.86 28.43 -13.41
C ILE B 171 -1.18 27.44 -12.46
N GLU B 172 -0.45 27.99 -11.50
CA GLU B 172 0.12 27.21 -10.41
C GLU B 172 -0.08 27.95 -9.08
N LEU B 173 -0.09 27.19 -7.99
CA LEU B 173 -0.10 27.75 -6.65
C LEU B 173 1.21 28.48 -6.34
N ASP B 174 1.10 29.74 -5.94
CA ASP B 174 2.27 30.52 -5.54
C ASP B 174 2.50 30.35 -4.04
N VAL B 175 3.53 29.57 -3.75
CA VAL B 175 3.91 29.20 -2.40
C VAL B 175 4.23 30.39 -1.46
N ASN B 176 4.72 31.48 -2.02
CA ASN B 176 5.01 32.68 -1.24
C ASN B 176 3.80 33.56 -0.98
N LYS B 177 2.91 33.66 -1.96
CA LYS B 177 1.73 34.52 -1.84
C LYS B 177 0.69 33.85 -0.94
N SER B 178 0.73 32.53 -0.87
CA SER B 178 -0.19 31.78 -0.03
C SER B 178 0.11 32.01 1.44
N SER B 179 -0.91 31.94 2.27
CA SER B 179 -0.74 32.11 3.71
C SER B 179 -0.84 30.76 4.39
N ALA B 180 0.05 30.51 5.34
CA ALA B 180 0.08 29.24 6.08
C ALA B 180 -0.01 29.45 7.58
N VAL B 181 -0.77 28.59 8.25
CA VAL B 181 -0.87 28.60 9.72
C VAL B 181 -0.52 27.24 10.31
N ASN B 182 -0.25 27.21 11.61
CA ASN B 182 0.04 25.95 12.26
C ASN B 182 -1.19 25.04 12.28
N PHE B 183 -0.93 23.75 12.25
CA PHE B 183 -1.96 22.74 12.16
C PHE B 183 -1.46 21.60 13.02
N GLN B 184 -2.37 20.95 13.73
CA GLN B 184 -2.03 19.76 14.49
C GLN B 184 -3.25 18.92 14.69
N SER B 185 -3.16 17.65 14.30
CA SER B 185 -4.23 16.70 14.54
C SER B 185 -4.09 16.06 15.92
N PHE B 186 -5.21 15.66 16.50
CA PHE B 186 -5.17 14.97 17.77
C PHE B 186 -6.39 14.08 17.84
N ARG B 187 -6.37 13.15 18.78
CA ARG B 187 -7.48 12.24 19.00
C ARG B 187 -7.87 12.21 20.47
N ILE B 188 -9.16 12.36 20.77
CA ILE B 188 -9.66 12.12 22.12
C ILE B 188 -10.65 11.00 22.10
N GLN B 189 -10.73 10.29 23.24
CA GLN B 189 -11.73 9.27 23.44
C GLN B 189 -12.21 9.31 24.89
N ASP B 190 -13.33 8.64 25.16
CA ASP B 190 -13.84 8.49 26.52
C ASP B 190 -12.89 7.59 27.31
N ARG B 191 -12.68 7.92 28.59
CA ARG B 191 -11.88 7.07 29.44
C ARG B 191 -12.73 5.87 29.85
N PRO B 192 -12.10 4.69 29.99
CA PRO B 192 -12.77 3.46 30.40
C PRO B 192 -13.61 3.59 31.68
N GLU B 193 -13.07 4.29 32.68
CA GLU B 193 -13.76 4.58 33.94
C GLU B 193 -15.13 5.20 33.72
N THR B 194 -15.30 5.95 32.63
CA THR B 194 -16.58 6.59 32.35
C THR B 194 -17.57 5.63 31.69
N LEU B 195 -17.09 4.45 31.31
CA LEU B 195 -17.93 3.47 30.59
C LEU B 195 -18.23 2.23 31.42
N LYS B 196 -19.09 1.36 30.87
CA LYS B 196 -19.37 0.08 31.49
C LYS B 196 -18.19 -0.89 31.30
N GLY B 197 -18.14 -1.91 32.14
CA GLY B 197 -17.10 -2.94 32.03
C GLY B 197 -17.13 -3.60 30.65
N GLY B 198 -15.95 -3.82 30.09
CA GLY B 198 -15.78 -4.42 28.76
C GLY B 198 -16.44 -3.69 27.59
N GLU B 199 -16.71 -2.40 27.79
CA GLU B 199 -17.24 -1.55 26.73
C GLU B 199 -16.06 -0.97 25.95
N MET B 200 -16.16 -1.08 24.64
CA MET B 200 -15.18 -0.50 23.74
C MET B 200 -15.31 1.05 23.69
N PRO B 201 -14.30 1.79 24.20
CA PRO B 201 -14.36 3.25 24.14
C PRO B 201 -14.38 3.77 22.70
N ARG B 202 -15.12 4.83 22.44
CA ARG B 202 -15.11 5.48 21.12
C ARG B 202 -14.23 6.71 21.09
N PHE B 203 -13.78 7.08 19.89
CA PHE B 203 -12.88 8.22 19.73
C PHE B 203 -13.33 9.17 18.63
N ILE B 204 -12.66 10.30 18.54
CA ILE B 204 -12.89 11.23 17.46
C ILE B 204 -11.59 12.00 17.19
N ASP B 205 -11.32 12.30 15.92
CA ASP B 205 -10.13 13.06 15.56
C ASP B 205 -10.46 14.53 15.39
N GLY B 206 -9.56 15.38 15.90
CA GLY B 206 -9.76 16.83 15.85
C GLY B 206 -8.66 17.55 15.10
N ILE B 207 -8.90 18.82 14.84
CA ILE B 207 -7.91 19.69 14.25
C ILE B 207 -7.69 20.91 15.15
N LEU B 208 -6.42 21.22 15.43
CA LEU B 208 -6.08 22.46 16.10
C LEU B 208 -5.35 23.36 15.11
N LEU B 209 -5.76 24.61 15.03
CA LEU B 209 -5.07 25.53 14.15
C LEU B 209 -4.46 26.70 14.90
N ASP B 210 -3.51 27.36 14.25
CA ASP B 210 -2.94 28.63 14.69
C ASP B 210 -2.34 28.56 16.10
N ASP B 211 -2.94 29.31 17.02
CA ASP B 211 -2.39 29.50 18.36
C ASP B 211 -2.82 28.45 19.40
N ILE B 212 -3.74 27.57 19.03
CA ILE B 212 -4.15 26.50 19.96
C ILE B 212 -3.50 25.17 19.59
N VAL B 213 -2.53 25.23 18.70
CA VAL B 213 -1.70 24.09 18.35
C VAL B 213 -0.76 23.81 19.50
N ASP B 214 -0.45 22.53 19.73
CA ASP B 214 0.56 22.13 20.70
C ASP B 214 0.22 22.53 22.14
N VAL B 215 -1.04 22.49 22.50
CA VAL B 215 -1.45 22.84 23.85
C VAL B 215 -1.85 21.62 24.67
N ALA B 216 -1.76 20.45 24.06
CA ALA B 216 -2.16 19.21 24.71
C ALA B 216 -1.25 18.08 24.31
N LEU B 217 -0.98 17.22 25.26
CA LEU B 217 -0.16 16.05 25.05
C LEU B 217 -1.01 14.81 25.27
N PRO B 218 -0.54 13.62 24.83
CA PRO B 218 -1.32 12.42 25.10
C PRO B 218 -1.40 12.17 26.60
N GLY B 219 -2.55 11.69 27.06
CA GLY B 219 -2.78 11.50 28.48
C GLY B 219 -3.54 12.65 29.12
N ASP B 220 -3.51 13.82 28.48
CA ASP B 220 -4.24 14.98 28.96
C ASP B 220 -5.74 14.78 28.88
N ARG B 221 -6.43 15.30 29.90
CA ARG B 221 -7.88 15.28 29.96
C ARG B 221 -8.37 16.67 29.61
N VAL B 222 -9.13 16.77 28.53
CA VAL B 222 -9.48 18.07 27.99
C VAL B 222 -10.99 18.27 27.84
N ILE B 223 -11.41 19.53 27.82
CA ILE B 223 -12.73 19.90 27.34
C ILE B 223 -12.56 20.78 26.11
N VAL B 224 -12.95 20.25 24.97
CA VAL B 224 -12.86 21.00 23.72
C VAL B 224 -14.23 21.44 23.27
N THR B 225 -14.31 22.58 22.62
CA THR B 225 -15.51 22.97 21.91
C THR B 225 -15.08 23.04 20.47
N GLY B 226 -16.00 22.76 19.55
CA GLY B 226 -15.65 22.78 18.13
C GLY B 226 -16.83 22.47 17.26
N ILE B 227 -16.68 22.75 15.98
CA ILE B 227 -17.68 22.38 14.99
C ILE B 227 -17.46 20.93 14.60
N LEU B 228 -18.50 20.11 14.66
CA LEU B 228 -18.39 18.74 14.18
C LEU B 228 -18.52 18.73 12.67
N ARG B 229 -17.48 18.27 11.99
CA ARG B 229 -17.48 18.17 10.53
C ARG B 229 -17.53 16.73 10.11
N VAL B 230 -18.18 16.46 8.99
CA VAL B 230 -18.12 15.11 8.43
C VAL B 230 -17.66 15.17 7.01
N VAL B 231 -16.79 14.24 6.66
CA VAL B 231 -16.34 14.11 5.30
C VAL B 231 -16.49 12.64 4.93
N LEU B 232 -16.65 12.34 3.65
CA LEU B 232 -16.82 10.95 3.22
C LEU B 232 -15.55 10.15 3.41
N GLU B 233 -15.64 9.06 4.18
CA GLU B 233 -14.48 8.25 4.52
C GLU B 233 -14.11 7.46 3.29
N LYS B 234 -12.89 7.66 2.79
CA LYS B 234 -12.43 6.98 1.55
C LYS B 234 -11.94 5.55 1.81
N ARG B 235 -11.67 5.27 3.08
CA ARG B 235 -11.31 3.93 3.58
C ARG B 235 -12.41 2.88 3.36
N GLU B 236 -13.66 3.29 3.38
CA GLU B 236 -14.79 2.38 3.22
C GLU B 236 -15.26 2.32 1.76
N LYS B 237 -15.87 1.20 1.37
CA LYS B 237 -16.47 1.05 0.04
C LYS B 237 -17.72 1.92 -0.06
N THR B 238 -18.65 1.65 0.85
CA THR B 238 -19.92 2.36 0.96
C THR B 238 -19.76 3.80 1.56
N PRO B 239 -20.76 4.68 1.40
CA PRO B 239 -20.68 6.03 1.97
C PRO B 239 -20.82 6.08 3.50
N ILE B 240 -19.70 6.30 4.17
CA ILE B 240 -19.67 6.46 5.62
C ILE B 240 -19.06 7.83 5.92
N PHE B 241 -19.61 8.54 6.89
CA PHE B 241 -19.01 9.80 7.33
C PHE B 241 -17.86 9.56 8.28
N ARG B 242 -16.79 10.32 8.10
CA ARG B 242 -15.69 10.30 9.04
C ARG B 242 -15.80 11.60 9.84
N LYS B 243 -16.02 11.48 11.14
CA LYS B 243 -16.18 12.66 11.98
C LYS B 243 -14.85 13.33 12.25
N ILE B 244 -14.83 14.65 12.18
CA ILE B 244 -13.66 15.46 12.51
C ILE B 244 -14.12 16.63 13.35
N LEU B 245 -13.42 16.88 14.45
CA LEU B 245 -13.77 18.01 15.29
C LEU B 245 -12.86 19.19 14.98
N GLU B 246 -13.42 20.22 14.37
CA GLU B 246 -12.66 21.44 14.08
C GLU B 246 -12.72 22.30 15.32
N VAL B 247 -11.67 22.21 16.14
CA VAL B 247 -11.66 22.79 17.49
C VAL B 247 -11.71 24.31 17.51
N ASN B 248 -12.64 24.84 18.28
CA ASN B 248 -12.77 26.28 18.47
C ASN B 248 -12.08 26.72 19.74
N HIS B 249 -12.19 25.91 20.78
CA HIS B 249 -11.59 26.20 22.08
C HIS B 249 -11.22 24.91 22.79
N ILE B 250 -10.06 24.92 23.45
CA ILE B 250 -9.62 23.76 24.22
C ILE B 250 -8.97 24.20 25.51
N GLU B 251 -9.28 23.48 26.58
CA GLU B 251 -8.67 23.71 27.89
C GLU B 251 -8.68 22.40 28.65
N PRO B 252 -7.74 22.21 29.58
CA PRO B 252 -7.74 21.02 30.42
C PRO B 252 -8.86 21.08 31.43
N VAL B 253 -9.28 19.92 31.95
CA VAL B 253 -10.33 19.86 32.96
C VAL B 253 -9.68 19.95 34.36
N SER B 254 -10.47 20.31 35.37
CA SER B 254 -9.94 20.40 36.74
C SER B 254 -10.91 19.83 37.77
N SER C 1 -45.08 -14.92 -7.56
CA SER C 1 -44.93 -14.13 -6.30
C SER C 1 -46.18 -13.28 -5.97
N VAL C 2 -45.98 -12.23 -5.16
CA VAL C 2 -47.05 -11.35 -4.69
C VAL C 2 -46.62 -9.89 -4.84
N ASP C 3 -47.42 -9.09 -5.55
CA ASP C 3 -47.08 -7.68 -5.78
C ASP C 3 -47.19 -6.87 -4.48
N ARG C 4 -46.46 -5.77 -4.42
CA ARG C 4 -46.28 -4.96 -3.21
C ARG C 4 -47.58 -4.59 -2.54
N GLU C 5 -48.48 -3.98 -3.30
CA GLU C 5 -49.79 -3.55 -2.80
C GLU C 5 -50.48 -4.62 -1.98
N GLU C 6 -50.46 -5.83 -2.50
CA GLU C 6 -51.17 -6.93 -1.90
C GLU C 6 -50.45 -7.48 -0.69
N MET C 7 -49.13 -7.38 -0.67
CA MET C 7 -48.36 -7.81 0.51
C MET C 7 -48.70 -6.93 1.69
N ILE C 8 -48.66 -5.62 1.46
CA ILE C 8 -48.99 -4.63 2.49
C ILE C 8 -50.34 -4.94 3.12
N GLU C 9 -51.34 -5.17 2.27
CA GLU C 9 -52.67 -5.60 2.73
C GLU C 9 -52.59 -6.83 3.64
N ARG C 10 -51.97 -7.89 3.13
CA ARG C 10 -51.89 -9.18 3.82
C ARG C 10 -51.12 -9.03 5.14
N PHE C 11 -50.04 -8.23 5.12
CA PHE C 11 -49.24 -7.97 6.31
C PHE C 11 -50.04 -7.22 7.36
N ALA C 12 -50.70 -6.14 6.92
CA ALA C 12 -51.53 -5.29 7.80
C ALA C 12 -52.58 -6.13 8.50
N ASN C 13 -53.18 -7.02 7.71
CA ASN C 13 -54.14 -7.98 8.19
C ASN C 13 -53.54 -8.93 9.24
N PHE C 14 -52.35 -9.46 8.94
CA PHE C 14 -51.63 -10.33 9.87
C PHE C 14 -51.37 -9.64 11.22
N LEU C 15 -50.79 -8.43 11.18
CA LEU C 15 -50.48 -7.67 12.39
C LEU C 15 -51.69 -7.49 13.29
N ARG C 16 -52.82 -7.12 12.67
CA ARG C 16 -54.07 -6.87 13.38
C ARG C 16 -54.68 -8.14 13.96
N GLU C 17 -54.74 -9.18 13.14
CA GLU C 17 -55.56 -10.36 13.42
C GLU C 17 -54.84 -11.52 14.12
N TYR C 18 -53.54 -11.68 13.84
CA TYR C 18 -52.82 -12.82 14.41
C TYR C 18 -52.99 -12.93 15.90
N THR C 19 -53.32 -14.14 16.35
CA THR C 19 -53.25 -14.45 17.78
C THR C 19 -52.58 -15.81 18.00
N ASP C 20 -51.84 -15.91 19.11
CA ASP C 20 -51.09 -17.12 19.42
C ASP C 20 -51.97 -18.23 19.99
N GLU C 21 -51.33 -19.26 20.54
CA GLU C 21 -51.99 -20.41 21.14
C GLU C 21 -52.97 -20.02 22.25
N ASP C 22 -52.69 -18.94 22.96
CA ASP C 22 -53.52 -18.50 24.09
C ASP C 22 -54.51 -17.40 23.73
N GLY C 23 -54.52 -17.01 22.45
CA GLY C 23 -55.41 -15.96 21.96
C GLY C 23 -54.90 -14.55 22.10
N ASN C 24 -53.66 -14.39 22.58
CA ASN C 24 -52.96 -13.10 22.61
C ASN C 24 -52.71 -12.52 21.23
N PRO C 25 -53.15 -11.27 21.02
CA PRO C 25 -52.93 -10.62 19.73
C PRO C 25 -51.53 -9.98 19.67
N VAL C 26 -50.52 -10.84 19.72
CA VAL C 26 -49.13 -10.47 19.86
C VAL C 26 -48.73 -9.16 19.17
N TYR C 27 -49.03 -9.02 17.88
CA TYR C 27 -48.49 -7.92 17.09
C TYR C 27 -49.32 -6.65 17.23
N ARG C 28 -50.60 -6.84 17.55
CA ARG C 28 -51.45 -5.73 17.93
C ARG C 28 -50.86 -5.08 19.19
N GLY C 29 -50.48 -5.93 20.14
CA GLY C 29 -49.84 -5.48 21.37
C GLY C 29 -48.48 -4.83 21.13
N LYS C 30 -47.67 -5.42 20.27
CA LYS C 30 -46.34 -4.85 19.99
C LYS C 30 -46.48 -3.46 19.39
N ILE C 31 -47.47 -3.31 18.52
CA ILE C 31 -47.73 -2.04 17.86
C ILE C 31 -48.32 -1.02 18.83
N THR C 32 -49.26 -1.44 19.67
CA THR C 32 -49.78 -0.60 20.75
C THR C 32 -48.63 -0.03 21.60
N ASP C 33 -47.70 -0.90 21.97
CA ASP C 33 -46.50 -0.51 22.68
C ASP C 33 -45.69 0.59 22.02
N LEU C 34 -45.86 0.76 20.70
CA LEU C 34 -45.16 1.82 20.01
C LEU C 34 -45.64 3.21 20.42
N LEU C 35 -46.79 3.27 21.09
CA LEU C 35 -47.30 4.55 21.59
C LEU C 35 -46.78 4.92 22.97
N THR C 36 -46.01 4.03 23.59
CA THR C 36 -45.33 4.33 24.87
C THR C 36 -44.36 5.51 24.73
N ILE C 37 -44.08 6.14 25.87
CA ILE C 37 -43.27 7.34 25.91
C ILE C 37 -41.85 7.17 25.35
N THR C 38 -41.25 5.99 25.51
CA THR C 38 -39.97 5.68 24.86
C THR C 38 -40.06 4.36 24.10
N PRO C 39 -40.53 4.40 22.83
CA PRO C 39 -40.85 3.19 22.07
C PRO C 39 -39.64 2.50 21.48
N LYS C 40 -39.84 1.28 20.98
CA LYS C 40 -38.81 0.60 20.19
C LYS C 40 -38.80 1.14 18.76
N ARG C 41 -37.71 0.91 18.04
CA ARG C 41 -37.66 1.35 16.66
C ARG C 41 -37.87 0.18 15.69
N SER C 42 -38.17 -0.99 16.24
CA SER C 42 -38.56 -2.13 15.41
C SER C 42 -39.57 -3.10 16.02
N VAL C 43 -40.16 -3.90 15.15
CA VAL C 43 -41.09 -4.92 15.59
C VAL C 43 -40.53 -6.24 15.08
N ALA C 44 -40.16 -7.11 16.01
CA ALA C 44 -39.67 -8.43 15.67
C ALA C 44 -40.85 -9.34 15.40
N ILE C 45 -40.84 -10.01 14.26
CA ILE C 45 -41.91 -10.90 13.88
C ILE C 45 -41.34 -12.31 13.79
N ASP C 46 -41.97 -13.22 14.52
CA ASP C 46 -41.68 -14.64 14.49
C ASP C 46 -42.14 -15.24 13.18
N TRP C 47 -41.20 -15.65 12.33
CA TRP C 47 -41.56 -16.15 11.01
C TRP C 47 -42.57 -17.27 11.09
N MET C 48 -42.47 -18.08 12.14
CA MET C 48 -43.39 -19.21 12.32
C MET C 48 -44.83 -18.75 12.51
N HIS C 49 -45.01 -17.63 13.22
CA HIS C 49 -46.32 -17.01 13.40
C HIS C 49 -46.92 -16.62 12.06
N LEU C 50 -46.13 -15.92 11.26
CA LEU C 50 -46.56 -15.47 9.95
C LEU C 50 -46.84 -16.66 9.04
N ASN C 51 -46.06 -17.72 9.19
CA ASN C 51 -46.23 -18.91 8.34
C ASN C 51 -47.50 -19.65 8.67
N SER C 52 -47.89 -19.64 9.93
CA SER C 52 -49.12 -20.30 10.32
C SER C 52 -50.35 -19.47 9.97
N PHE C 53 -50.18 -18.18 9.74
CA PHE C 53 -51.31 -17.29 9.47
C PHE C 53 -51.48 -17.01 7.98
N ASP C 54 -50.39 -16.94 7.23
CA ASP C 54 -50.44 -16.62 5.81
C ASP C 54 -49.14 -17.15 5.20
N SER C 55 -49.10 -18.47 5.10
CA SER C 55 -47.92 -19.21 4.68
C SER C 55 -47.35 -18.74 3.36
N GLU C 56 -48.22 -18.50 2.38
CA GLU C 56 -47.81 -18.04 1.08
C GLU C 56 -46.97 -16.75 1.22
N LEU C 57 -47.37 -15.90 2.16
CA LEU C 57 -46.68 -14.63 2.40
C LEU C 57 -45.34 -14.86 3.10
N ALA C 58 -45.35 -15.76 4.08
CA ALA C 58 -44.15 -16.10 4.83
C ALA C 58 -43.02 -16.58 3.92
N HIS C 59 -43.38 -17.36 2.91
CA HIS C 59 -42.39 -17.85 1.96
C HIS C 59 -41.91 -16.74 1.01
N GLU C 60 -42.79 -15.79 0.71
CA GLU C 60 -42.44 -14.59 -0.03
C GLU C 60 -41.39 -13.72 0.68
N VAL C 61 -41.45 -13.69 2.00
CA VAL C 61 -40.47 -12.98 2.78
C VAL C 61 -39.09 -13.56 2.51
N ILE C 62 -38.99 -14.88 2.47
CA ILE C 62 -37.70 -15.52 2.25
C ILE C 62 -37.24 -15.42 0.81
N GLU C 63 -38.18 -15.52 -0.12
CA GLU C 63 -37.87 -15.45 -1.55
C GLU C 63 -37.50 -14.04 -1.96
N ASN C 64 -38.33 -13.06 -1.59
CA ASN C 64 -38.03 -11.66 -1.87
C ASN C 64 -37.98 -10.85 -0.59
N PRO C 65 -36.89 -11.00 0.20
CA PRO C 65 -36.86 -10.36 1.51
C PRO C 65 -36.89 -8.83 1.42
N GLU C 66 -36.33 -8.28 0.36
CA GLU C 66 -36.29 -6.82 0.19
C GLU C 66 -37.71 -6.25 0.08
N GLU C 67 -38.53 -6.81 -0.82
CA GLU C 67 -39.93 -6.40 -0.97
C GLU C 67 -40.74 -6.83 0.24
N GLY C 68 -40.46 -8.03 0.75
CA GLY C 68 -41.21 -8.58 1.86
C GLY C 68 -41.09 -7.71 3.09
N ILE C 69 -39.85 -7.41 3.49
CA ILE C 69 -39.58 -6.59 4.65
C ILE C 69 -40.21 -5.22 4.45
N SER C 70 -39.95 -4.61 3.27
CA SER C 70 -40.48 -3.30 2.94
C SER C 70 -42.01 -3.26 3.10
N ALA C 71 -42.72 -4.21 2.51
CA ALA C 71 -44.17 -4.27 2.65
C ALA C 71 -44.58 -4.34 4.12
N ALA C 72 -43.91 -5.18 4.89
CA ALA C 72 -44.23 -5.36 6.31
C ALA C 72 -44.08 -4.05 7.07
N GLU C 73 -43.07 -3.27 6.72
CA GLU C 73 -42.81 -2.00 7.35
C GLU C 73 -43.86 -0.97 6.96
N ASP C 74 -44.24 -0.97 5.68
CA ASP C 74 -45.34 -0.14 5.17
C ASP C 74 -46.65 -0.45 5.86
N ALA C 75 -46.89 -1.73 6.15
CA ALA C 75 -48.11 -2.13 6.84
C ALA C 75 -48.12 -1.64 8.28
N ILE C 76 -47.00 -1.79 8.99
CA ILE C 76 -46.88 -1.29 10.37
C ILE C 76 -47.29 0.18 10.38
N GLN C 77 -46.79 0.93 9.39
CA GLN C 77 -47.07 2.34 9.25
C GLN C 77 -48.55 2.62 9.09
N ILE C 78 -49.23 1.84 8.25
CA ILE C 78 -50.65 2.08 8.04
C ILE C 78 -51.49 1.61 9.22
N VAL C 79 -51.05 0.58 9.94
CA VAL C 79 -51.76 0.19 11.17
C VAL C 79 -51.64 1.29 12.22
N LEU C 80 -50.47 1.94 12.30
CA LEU C 80 -50.27 3.03 13.23
C LEU C 80 -51.16 4.24 12.92
N ARG C 81 -51.33 4.50 11.62
CA ARG C 81 -52.20 5.57 11.15
C ARG C 81 -53.70 5.25 11.29
N GLU C 82 -54.12 4.12 10.73
CA GLU C 82 -55.52 3.76 10.78
C GLU C 82 -56.04 3.36 12.13
N ASP C 83 -55.24 2.70 12.96
CA ASP C 83 -55.73 2.15 14.26
C ASP C 83 -55.32 2.95 15.49
N PHE C 84 -54.31 3.81 15.36
CA PHE C 84 -53.80 4.55 16.51
C PHE C 84 -53.71 6.05 16.25
N GLN C 85 -54.08 6.44 15.03
CA GLN C 85 -54.01 7.83 14.58
C GLN C 85 -52.66 8.48 14.89
N ARG C 86 -51.59 7.72 14.62
CA ARG C 86 -50.25 8.24 14.71
C ARG C 86 -49.57 8.27 13.32
N GLU C 87 -49.10 9.45 12.91
CA GLU C 87 -48.44 9.64 11.63
C GLU C 87 -46.94 9.90 11.78
N ASP C 88 -46.56 10.72 12.75
CA ASP C 88 -45.19 11.17 12.95
C ASP C 88 -44.27 10.12 13.57
N VAL C 89 -44.63 8.83 13.49
CA VAL C 89 -43.94 7.77 14.25
C VAL C 89 -42.50 7.50 13.82
N GLY C 90 -42.17 7.83 12.58
CA GLY C 90 -40.85 7.55 12.04
C GLY C 90 -40.71 6.11 11.61
N LYS C 91 -39.51 5.73 11.17
CA LYS C 91 -39.23 4.39 10.67
C LYS C 91 -39.32 3.35 11.75
N ILE C 92 -40.07 2.29 11.48
CA ILE C 92 -40.12 1.16 12.38
C ILE C 92 -39.73 -0.02 11.52
N HIS C 93 -38.68 -0.74 11.93
CA HIS C 93 -38.17 -1.90 11.17
C HIS C 93 -39.00 -3.15 11.37
N ALA C 94 -39.13 -3.97 10.32
CA ALA C 94 -39.68 -5.30 10.51
C ALA C 94 -38.51 -6.23 10.52
N ARG C 95 -38.34 -6.93 11.65
CA ARG C 95 -37.22 -7.84 11.79
C ARG C 95 -37.77 -9.24 12.02
N PHE C 96 -37.62 -10.09 11.01
CA PHE C 96 -38.09 -11.46 11.07
C PHE C 96 -37.05 -12.35 11.71
N TYR C 97 -37.50 -13.21 12.62
CA TYR C 97 -36.64 -14.17 13.28
C TYR C 97 -37.28 -15.56 13.28
N ASN C 98 -36.50 -16.57 13.67
CA ASN C 98 -36.97 -17.95 13.78
C ASN C 98 -37.40 -18.54 12.43
N LEU C 99 -36.50 -18.47 11.46
CA LEU C 99 -36.77 -19.05 10.14
C LEU C 99 -36.72 -20.58 10.18
N PRO C 100 -37.25 -21.25 9.15
CA PRO C 100 -37.36 -22.71 9.25
C PRO C 100 -36.01 -23.46 9.25
N GLU C 101 -35.00 -22.92 8.57
CA GLU C 101 -33.69 -23.58 8.53
C GLU C 101 -32.59 -22.72 9.10
N THR C 102 -31.74 -23.29 9.96
CA THR C 102 -30.51 -22.61 10.40
C THR C 102 -29.25 -23.13 9.69
N LEU C 103 -28.64 -22.29 8.86
CA LEU C 103 -27.38 -22.63 8.20
C LEU C 103 -26.16 -22.43 9.11
N MET C 104 -25.14 -23.25 8.91
CA MET C 104 -23.80 -22.95 9.42
C MET C 104 -23.19 -22.04 8.38
N VAL C 105 -22.14 -21.31 8.74
CA VAL C 105 -21.55 -20.37 7.78
C VAL C 105 -21.12 -21.10 6.52
N LYS C 106 -20.54 -22.29 6.69
CA LYS C 106 -20.07 -23.09 5.56
C LYS C 106 -21.20 -23.53 4.61
N ASP C 107 -22.45 -23.47 5.06
CA ASP C 107 -23.60 -23.93 4.28
C ASP C 107 -24.08 -22.83 3.36
N ILE C 108 -23.67 -21.59 3.62
CA ILE C 108 -24.14 -20.42 2.84
C ILE C 108 -23.62 -20.49 1.40
N GLY C 109 -24.44 -21.10 0.54
CA GLY C 109 -24.12 -21.20 -0.88
C GLY C 109 -24.68 -20.01 -1.66
N ALA C 110 -24.35 -19.95 -2.94
CA ALA C 110 -24.82 -18.88 -3.81
C ALA C 110 -26.29 -19.03 -4.19
N GLU C 111 -26.91 -20.16 -3.87
CA GLU C 111 -28.35 -20.32 -4.10
C GLU C 111 -29.14 -19.48 -3.08
N HIS C 112 -28.42 -18.79 -2.22
CA HIS C 112 -29.02 -17.96 -1.19
C HIS C 112 -29.00 -16.48 -1.54
N ILE C 113 -28.14 -16.12 -2.49
CA ILE C 113 -27.99 -14.75 -2.93
C ILE C 113 -29.33 -14.05 -3.08
N ASN C 114 -29.49 -13.00 -2.27
CA ASN C 114 -30.69 -12.15 -2.22
C ASN C 114 -31.92 -12.83 -1.66
N LYS C 115 -31.72 -13.83 -0.81
CA LYS C 115 -32.80 -14.45 -0.07
C LYS C 115 -32.57 -14.17 1.42
N LEU C 116 -33.56 -14.47 2.26
CA LEU C 116 -33.37 -14.28 3.69
C LEU C 116 -32.89 -15.59 4.30
N ILE C 117 -31.65 -15.62 4.76
CA ILE C 117 -31.10 -16.82 5.37
C ILE C 117 -30.97 -16.64 6.88
N GLN C 118 -30.89 -17.74 7.63
CA GLN C 118 -30.68 -17.67 9.05
C GLN C 118 -29.42 -18.43 9.38
N VAL C 119 -28.46 -17.77 10.02
CA VAL C 119 -27.15 -18.37 10.27
C VAL C 119 -26.79 -18.35 11.75
N GLU C 120 -26.23 -19.45 12.23
CA GLU C 120 -25.69 -19.52 13.59
C GLU C 120 -24.18 -19.54 13.54
N GLY C 121 -23.55 -18.75 14.40
CA GLY C 121 -22.10 -18.69 14.43
C GLY C 121 -21.55 -17.98 15.66
N ILE C 122 -20.24 -17.80 15.68
CA ILE C 122 -19.61 -17.04 16.72
C ILE C 122 -18.96 -15.79 16.12
N VAL C 123 -19.22 -14.65 16.77
CA VAL C 123 -18.67 -13.37 16.33
C VAL C 123 -17.17 -13.32 16.55
N THR C 124 -16.44 -13.18 15.45
CA THR C 124 -14.98 -13.10 15.42
C THR C 124 -14.52 -11.66 15.60
N ARG C 125 -15.23 -10.73 14.98
CA ARG C 125 -14.87 -9.31 15.04
C ARG C 125 -16.10 -8.43 15.01
N VAL C 126 -15.95 -7.22 15.52
CA VAL C 126 -16.97 -6.19 15.34
C VAL C 126 -16.23 -4.92 14.94
N GLY C 127 -16.79 -4.14 14.03
CA GLY C 127 -16.17 -2.87 13.61
C GLY C 127 -16.51 -1.76 14.59
N GLU C 128 -15.96 -0.57 14.35
CA GLU C 128 -16.36 0.61 15.12
C GLU C 128 -17.67 1.13 14.54
N ILE C 129 -18.46 1.78 15.38
CA ILE C 129 -19.76 2.27 14.97
C ILE C 129 -19.60 3.58 14.21
N LYS C 130 -20.08 3.63 12.98
CA LYS C 130 -19.93 4.83 12.13
C LYS C 130 -21.30 5.24 11.61
N PRO C 131 -21.43 6.50 11.17
CA PRO C 131 -22.67 6.93 10.50
C PRO C 131 -22.68 6.60 9.01
N PHE C 132 -23.65 5.79 8.61
CA PHE C 132 -23.87 5.44 7.21
C PHE C 132 -24.94 6.36 6.61
N VAL C 133 -24.61 6.94 5.46
CA VAL C 133 -25.48 7.87 4.76
C VAL C 133 -26.59 7.07 4.09
N SER C 134 -27.66 6.78 4.80
CA SER C 134 -28.73 5.95 4.24
C SER C 134 -29.47 6.68 3.13
N VAL C 135 -29.51 8.01 3.21
CA VAL C 135 -30.14 8.82 2.18
C VAL C 135 -29.25 10.02 1.86
N ALA C 136 -28.68 10.02 0.68
CA ALA C 136 -27.87 11.12 0.23
C ALA C 136 -28.75 12.16 -0.44
N VAL C 137 -28.59 13.41 -0.03
CA VAL C 137 -29.30 14.50 -0.67
C VAL C 137 -28.30 15.39 -1.37
N PHE C 138 -28.45 15.48 -2.69
CA PHE C 138 -27.59 16.32 -3.50
C PHE C 138 -28.28 17.63 -3.83
N VAL C 139 -27.52 18.71 -3.83
CA VAL C 139 -28.06 20.05 -4.04
C VAL C 139 -27.27 20.78 -5.13
N CYS C 140 -27.99 21.27 -6.14
CA CYS C 140 -27.41 22.07 -7.23
C CYS C 140 -27.06 23.48 -6.79
N LYS C 141 -25.82 23.88 -7.06
CA LYS C 141 -25.33 25.18 -6.65
C LYS C 141 -25.86 26.30 -7.54
N ASP C 142 -26.52 25.92 -8.65
CA ASP C 142 -27.08 26.89 -9.60
C ASP C 142 -28.56 27.16 -9.36
N CYS C 143 -29.42 26.18 -9.60
CA CYS C 143 -30.85 26.36 -9.38
C CYS C 143 -31.31 26.06 -7.94
N GLY C 144 -30.42 25.50 -7.13
CA GLY C 144 -30.76 25.08 -5.77
C GLY C 144 -31.72 23.91 -5.70
N HIS C 145 -31.75 23.09 -6.77
CA HIS C 145 -32.62 21.92 -6.82
C HIS C 145 -32.09 20.81 -5.94
N GLU C 146 -33.00 20.06 -5.33
CA GLU C 146 -32.64 18.98 -4.44
C GLU C 146 -32.97 17.63 -5.03
N MET C 147 -31.97 16.73 -5.06
CA MET C 147 -32.16 15.33 -5.48
C MET C 147 -31.90 14.30 -4.37
N ILE C 148 -32.93 13.55 -4.02
CA ILE C 148 -32.84 12.51 -3.01
C ILE C 148 -32.35 11.20 -3.64
N VAL C 149 -31.34 10.57 -3.03
CA VAL C 149 -30.79 9.32 -3.57
C VAL C 149 -30.54 8.34 -2.43
N PRO C 150 -31.41 7.33 -2.27
CA PRO C 150 -31.17 6.38 -1.16
C PRO C 150 -29.95 5.53 -1.44
N GLN C 151 -29.29 5.05 -0.39
CA GLN C 151 -28.09 4.26 -0.56
C GLN C 151 -28.30 2.86 0.00
N LYS C 152 -27.32 1.99 -0.26
CA LYS C 152 -27.34 0.63 0.31
C LYS C 152 -26.00 0.46 1.02
N PRO C 153 -26.00 -0.12 2.23
CA PRO C 153 -24.77 -0.19 3.02
C PRO C 153 -23.69 -1.15 2.49
N TYR C 154 -24.00 -1.88 1.41
CA TYR C 154 -23.03 -2.78 0.82
C TYR C 154 -22.50 -2.32 -0.54
N GLU C 155 -23.17 -1.34 -1.14
CA GLU C 155 -22.75 -0.73 -2.41
C GLU C 155 -22.12 0.64 -2.20
N SER C 156 -21.22 1.02 -3.10
CA SER C 156 -20.57 2.32 -3.09
C SER C 156 -21.56 3.44 -3.36
N LEU C 157 -21.18 4.67 -2.97
CA LEU C 157 -22.05 5.84 -3.05
C LEU C 157 -22.55 6.11 -4.46
N GLU C 158 -23.87 6.12 -4.61
CA GLU C 158 -24.48 6.46 -5.87
C GLU C 158 -24.65 7.98 -5.96
N LYS C 159 -23.73 8.61 -6.69
CA LYS C 159 -23.73 10.05 -6.89
C LYS C 159 -24.72 10.47 -7.98
N VAL C 160 -24.77 11.77 -8.23
CA VAL C 160 -25.45 12.29 -9.41
C VAL C 160 -24.45 13.13 -10.20
N LYS C 161 -24.44 12.92 -11.51
CA LYS C 161 -23.52 13.59 -12.43
C LYS C 161 -23.97 15.02 -12.76
N LYS C 162 -25.25 15.16 -13.11
CA LYS C 162 -25.85 16.45 -13.48
C LYS C 162 -27.25 16.66 -12.88
N CYS C 163 -27.59 17.93 -12.65
CA CYS C 163 -28.89 18.36 -12.12
C CYS C 163 -30.05 17.81 -12.95
N GLU C 164 -31.07 17.27 -12.28
CA GLU C 164 -32.20 16.69 -13.00
C GLU C 164 -33.23 17.74 -13.46
N GLN C 165 -32.92 19.00 -13.18
CA GLN C 165 -33.84 20.11 -13.50
C GLN C 165 -33.22 21.10 -14.46
N CYS C 166 -32.00 21.55 -14.16
CA CYS C 166 -31.29 22.50 -15.03
C CYS C 166 -30.05 21.89 -15.71
N GLY C 167 -29.97 20.57 -15.77
CA GLY C 167 -28.87 19.86 -16.44
C GLY C 167 -27.44 20.23 -16.04
N SER C 168 -27.30 21.07 -15.02
CA SER C 168 -25.99 21.57 -14.58
C SER C 168 -25.11 20.51 -13.92
N LYS C 169 -23.83 20.53 -14.26
CA LYS C 169 -22.84 19.60 -13.68
C LYS C 169 -22.16 20.22 -12.46
N ASN C 170 -22.91 21.05 -11.75
CA ASN C 170 -22.44 21.70 -10.53
C ASN C 170 -23.31 21.33 -9.30
N ILE C 171 -23.26 20.04 -8.92
CA ILE C 171 -23.97 19.53 -7.75
C ILE C 171 -22.99 18.94 -6.73
N GLU C 172 -23.32 19.08 -5.46
CA GLU C 172 -22.58 18.46 -4.38
C GLU C 172 -23.56 17.83 -3.39
N LEU C 173 -23.08 16.85 -2.64
CA LEU C 173 -23.82 16.24 -1.54
C LEU C 173 -23.99 17.22 -0.40
N ASP C 174 -25.23 17.47 0.01
CA ASP C 174 -25.51 18.32 1.18
C ASP C 174 -25.53 17.46 2.43
N VAL C 175 -24.44 17.59 3.16
CA VAL C 175 -24.21 16.86 4.39
C VAL C 175 -25.31 17.02 5.48
N ASN C 176 -25.98 18.17 5.50
CA ASN C 176 -27.07 18.41 6.45
C ASN C 176 -28.40 17.84 6.01
N LYS C 177 -28.70 17.90 4.71
CA LYS C 177 -29.97 17.42 4.18
C LYS C 177 -29.98 15.89 4.11
N SER C 178 -28.78 15.31 4.05
CA SER C 178 -28.64 13.86 4.01
C SER C 178 -28.99 13.24 5.35
N SER C 179 -29.53 12.03 5.32
CA SER C 179 -29.88 11.31 6.54
C SER C 179 -28.83 10.25 6.82
N ALA C 180 -28.41 10.16 8.08
CA ALA C 180 -27.41 9.16 8.49
C ALA C 180 -27.92 8.26 9.60
N VAL C 181 -27.56 6.99 9.54
CA VAL C 181 -27.92 6.02 10.59
C VAL C 181 -26.66 5.28 11.07
N ASN C 182 -26.76 4.64 12.22
CA ASN C 182 -25.64 3.86 12.74
C ASN C 182 -25.35 2.66 11.89
N PHE C 183 -24.08 2.31 11.83
CA PHE C 183 -23.59 1.23 10.99
C PHE C 183 -22.53 0.53 11.78
N GLN C 184 -22.47 -0.79 11.68
CA GLN C 184 -21.41 -1.53 12.33
C GLN C 184 -21.18 -2.82 11.60
N SER C 185 -19.94 -3.06 11.18
CA SER C 185 -19.59 -4.33 10.55
C SER C 185 -19.27 -5.36 11.61
N PHE C 186 -19.45 -6.62 11.28
CA PHE C 186 -19.03 -7.69 12.16
C PHE C 186 -18.76 -8.93 11.34
N ARG C 187 -18.10 -9.90 11.94
CA ARG C 187 -17.79 -11.17 11.30
C ARG C 187 -18.20 -12.32 12.19
N ILE C 188 -18.91 -13.29 11.62
CA ILE C 188 -19.16 -14.55 12.32
C ILE C 188 -18.56 -15.69 11.53
N GLN C 189 -18.21 -16.75 12.24
CA GLN C 189 -17.72 -17.97 11.63
C GLN C 189 -18.21 -19.15 12.44
N ASP C 190 -18.11 -20.35 11.86
CA ASP C 190 -18.44 -21.59 12.57
C ASP C 190 -17.41 -21.84 13.65
N ARG C 191 -17.85 -22.38 14.77
CA ARG C 191 -16.91 -22.73 15.82
C ARG C 191 -16.26 -24.06 15.46
N PRO C 192 -14.97 -24.22 15.80
CA PRO C 192 -14.23 -25.44 15.52
C PRO C 192 -14.93 -26.74 15.98
N GLU C 193 -15.51 -26.71 17.18
CA GLU C 193 -16.28 -27.83 17.75
C GLU C 193 -17.37 -28.32 16.82
N THR C 194 -17.90 -27.45 15.96
CA THR C 194 -18.96 -27.83 15.03
C THR C 194 -18.39 -28.49 13.77
N LEU C 195 -17.08 -28.42 13.59
CA LEU C 195 -16.45 -28.95 12.40
C LEU C 195 -15.62 -30.22 12.66
N LYS C 196 -15.08 -30.80 11.59
CA LYS C 196 -14.15 -31.92 11.72
C LYS C 196 -12.77 -31.44 12.19
N GLY C 197 -11.99 -32.37 12.75
CA GLY C 197 -10.62 -32.06 13.18
C GLY C 197 -9.81 -31.53 12.00
N GLY C 198 -8.99 -30.52 12.28
CA GLY C 198 -8.16 -29.87 11.26
C GLY C 198 -8.88 -29.28 10.05
N GLU C 199 -10.18 -29.01 10.22
CA GLU C 199 -10.98 -28.33 9.20
C GLU C 199 -10.87 -26.83 9.39
N MET C 200 -10.57 -26.12 8.32
CA MET C 200 -10.52 -24.66 8.35
C MET C 200 -11.92 -24.05 8.42
N PRO C 201 -12.25 -23.38 9.56
CA PRO C 201 -13.57 -22.73 9.68
C PRO C 201 -13.77 -21.63 8.65
N ARG C 202 -14.99 -21.47 8.16
CA ARG C 202 -15.33 -20.39 7.23
C ARG C 202 -16.08 -19.26 7.91
N PHE C 203 -15.99 -18.07 7.33
CA PHE C 203 -16.59 -16.89 7.94
C PHE C 203 -17.38 -16.08 6.93
N ILE C 204 -18.11 -15.09 7.42
CA ILE C 204 -18.85 -14.17 6.58
C ILE C 204 -18.95 -12.82 7.30
N ASP C 205 -18.85 -11.74 6.54
CA ASP C 205 -18.99 -10.40 7.12
C ASP C 205 -20.42 -9.89 6.99
N GLY C 206 -20.88 -9.22 8.04
CA GLY C 206 -22.24 -8.71 8.08
C GLY C 206 -22.27 -7.22 8.28
N ILE C 207 -23.47 -6.67 8.15
CA ILE C 207 -23.74 -5.26 8.43
C ILE C 207 -24.90 -5.15 9.41
N LEU C 208 -24.70 -4.36 10.47
CA LEU C 208 -25.78 -4.01 11.37
C LEU C 208 -26.08 -2.53 11.19
N LEU C 209 -27.36 -2.19 11.06
CA LEU C 209 -27.75 -0.79 10.93
C LEU C 209 -28.68 -0.36 12.02
N ASP C 210 -28.75 0.96 12.20
CA ASP C 210 -29.72 1.60 13.09
C ASP C 210 -29.66 1.10 14.54
N ASP C 211 -30.76 0.47 14.98
CA ASP C 211 -30.93 0.09 16.39
C ASP C 211 -30.38 -1.28 16.77
N ILE C 212 -29.90 -2.06 15.79
CA ILE C 212 -29.28 -3.36 16.08
C ILE C 212 -27.74 -3.29 16.04
N VAL C 213 -27.23 -2.07 15.92
CA VAL C 213 -25.82 -1.80 16.06
C VAL C 213 -25.36 -2.03 17.50
N ASP C 214 -24.15 -2.52 17.70
CA ASP C 214 -23.55 -2.63 19.04
C ASP C 214 -24.32 -3.55 19.98
N VAL C 215 -24.87 -4.64 19.45
CA VAL C 215 -25.60 -5.59 20.28
C VAL C 215 -24.82 -6.89 20.45
N ALA C 216 -23.64 -6.95 19.85
CA ALA C 216 -22.84 -8.15 19.96
C ALA C 216 -21.37 -7.80 20.07
N LEU C 217 -20.66 -8.57 20.87
CA LEU C 217 -19.22 -8.42 21.05
C LEU C 217 -18.52 -9.67 20.54
N PRO C 218 -17.20 -9.59 20.29
CA PRO C 218 -16.48 -10.80 19.87
C PRO C 218 -16.58 -11.87 20.93
N GLY C 219 -16.70 -13.13 20.50
CA GLY C 219 -16.89 -14.24 21.41
C GLY C 219 -18.33 -14.64 21.57
N ASP C 220 -19.25 -13.72 21.23
CA ASP C 220 -20.68 -13.98 21.32
C ASP C 220 -21.12 -15.02 20.31
N ARG C 221 -22.06 -15.85 20.73
CA ARG C 221 -22.65 -16.86 19.87
C ARG C 221 -24.04 -16.36 19.48
N VAL C 222 -24.23 -16.13 18.19
CA VAL C 222 -25.45 -15.47 17.72
C VAL C 222 -26.21 -16.28 16.66
N ILE C 223 -27.51 -16.01 16.57
CA ILE C 223 -28.30 -16.43 15.43
C ILE C 223 -28.79 -15.18 14.75
N VAL C 224 -28.26 -14.94 13.55
CA VAL C 224 -28.67 -13.80 12.75
C VAL C 224 -29.56 -14.25 11.60
N THR C 225 -30.49 -13.41 11.20
CA THR C 225 -31.20 -13.58 9.95
C THR C 225 -30.83 -12.37 9.14
N GLY C 226 -30.78 -12.52 7.82
CA GLY C 226 -30.41 -11.42 6.95
C GLY C 226 -30.48 -11.81 5.49
N ILE C 227 -30.44 -10.79 4.65
CA ILE C 227 -30.34 -11.00 3.21
C ILE C 227 -28.88 -11.23 2.85
N LEU C 228 -28.59 -12.32 2.15
CA LEU C 228 -27.23 -12.52 1.66
C LEU C 228 -27.00 -11.68 0.42
N ARG C 229 -26.02 -10.79 0.49
CA ARG C 229 -25.67 -9.92 -0.63
C ARG C 229 -24.32 -10.30 -1.19
N VAL C 230 -24.16 -10.18 -2.50
CA VAL C 230 -22.82 -10.39 -3.06
C VAL C 230 -22.42 -9.17 -3.84
N VAL C 231 -21.18 -8.77 -3.68
CA VAL C 231 -20.64 -7.70 -4.48
C VAL C 231 -19.31 -8.19 -5.06
N LEU C 232 -18.87 -7.63 -6.18
CA LEU C 232 -17.65 -8.10 -6.81
C LEU C 232 -16.44 -7.73 -5.96
N GLU C 233 -15.66 -8.73 -5.58
CA GLU C 233 -14.50 -8.52 -4.72
C GLU C 233 -13.43 -7.86 -5.55
N LYS C 234 -12.98 -6.68 -5.12
CA LYS C 234 -11.96 -5.93 -5.87
C LYS C 234 -10.53 -6.37 -5.54
N ARG C 235 -10.40 -7.11 -4.45
CA ARG C 235 -9.15 -7.74 -4.03
C ARG C 235 -8.62 -8.76 -5.04
N GLU C 236 -9.53 -9.44 -5.75
CA GLU C 236 -9.16 -10.47 -6.72
C GLU C 236 -9.04 -9.92 -8.15
N LYS C 237 -8.22 -10.56 -8.98
CA LYS C 237 -8.08 -10.21 -10.39
C LYS C 237 -9.37 -10.59 -11.11
N THR C 238 -9.67 -11.88 -11.05
CA THR C 238 -10.86 -12.48 -11.65
C THR C 238 -12.18 -12.12 -10.90
N PRO C 239 -13.34 -12.29 -11.56
CA PRO C 239 -14.60 -12.00 -10.86
C PRO C 239 -14.96 -13.00 -9.76
N ILE C 240 -14.78 -12.57 -8.52
CA ILE C 240 -15.18 -13.35 -7.36
C ILE C 240 -16.22 -12.56 -6.55
N PHE C 241 -17.28 -13.22 -6.09
CA PHE C 241 -18.24 -12.57 -5.21
C PHE C 241 -17.69 -12.52 -3.80
N ARG C 242 -17.87 -11.37 -3.15
CA ARG C 242 -17.61 -11.24 -1.73
C ARG C 242 -18.94 -11.25 -1.01
N LYS C 243 -19.17 -12.25 -0.17
CA LYS C 243 -20.44 -12.35 0.56
C LYS C 243 -20.54 -11.32 1.70
N ILE C 244 -21.71 -10.68 1.80
CA ILE C 244 -22.03 -9.79 2.91
C ILE C 244 -23.41 -10.10 3.45
N LEU C 245 -23.53 -10.25 4.75
CA LEU C 245 -24.84 -10.51 5.32
C LEU C 245 -25.45 -9.20 5.82
N GLU C 246 -26.49 -8.71 5.13
CA GLU C 246 -27.22 -7.52 5.56
C GLU C 246 -28.27 -7.94 6.59
N VAL C 247 -27.92 -7.81 7.87
CA VAL C 247 -28.66 -8.41 8.98
C VAL C 247 -30.04 -7.81 9.16
N ASN C 248 -31.03 -8.67 9.23
CA ASN C 248 -32.40 -8.25 9.48
C ASN C 248 -32.76 -8.40 10.96
N HIS C 249 -32.25 -9.46 11.60
CA HIS C 249 -32.49 -9.70 13.03
C HIS C 249 -31.33 -10.45 13.64
N ILE C 250 -30.97 -10.09 14.87
CA ILE C 250 -29.88 -10.77 15.56
C ILE C 250 -30.21 -10.96 17.02
N GLU C 251 -29.91 -12.14 17.53
CA GLU C 251 -30.09 -12.46 18.93
C GLU C 251 -29.08 -13.52 19.33
N PRO C 252 -28.67 -13.54 20.62
CA PRO C 252 -27.77 -14.56 21.11
C PRO C 252 -28.45 -15.92 21.17
N VAL C 253 -27.69 -17.00 21.14
CA VAL C 253 -28.27 -18.33 21.24
C VAL C 253 -28.36 -18.73 22.73
N SER C 254 -29.19 -19.71 23.06
CA SER C 254 -29.30 -20.17 24.44
C SER C 254 -29.39 -21.69 24.57
N SER D 1 -4.31 -30.63 -36.50
CA SER D 1 -5.08 -31.00 -35.27
C SER D 1 -6.42 -31.64 -35.64
N VAL D 2 -7.44 -31.44 -34.80
CA VAL D 2 -8.77 -32.01 -34.99
C VAL D 2 -9.85 -30.97 -34.63
N ASP D 3 -10.73 -30.64 -35.58
CA ASP D 3 -11.82 -29.69 -35.33
C ASP D 3 -12.84 -30.23 -34.33
N ARG D 4 -13.51 -29.29 -33.64
CA ARG D 4 -14.39 -29.59 -32.51
C ARG D 4 -15.42 -30.69 -32.78
N GLU D 5 -16.20 -30.51 -33.85
CA GLU D 5 -17.23 -31.47 -34.25
C GLU D 5 -16.73 -32.90 -34.23
N GLU D 6 -15.53 -33.10 -34.78
CA GLU D 6 -14.98 -34.42 -34.95
C GLU D 6 -14.43 -34.97 -33.64
N MET D 7 -13.98 -34.09 -32.75
CA MET D 7 -13.51 -34.51 -31.43
C MET D 7 -14.66 -35.08 -30.63
N ILE D 8 -15.77 -34.34 -30.61
CA ILE D 8 -16.96 -34.78 -29.93
C ILE D 8 -17.34 -36.18 -30.38
N GLU D 9 -17.44 -36.37 -31.70
CA GLU D 9 -17.69 -37.69 -32.28
C GLU D 9 -16.74 -38.73 -31.70
N ARG D 10 -15.44 -38.49 -31.82
CA ARG D 10 -14.40 -39.46 -31.43
C ARG D 10 -14.48 -39.74 -29.94
N PHE D 11 -14.76 -38.70 -29.15
CA PHE D 11 -14.89 -38.82 -27.70
C PHE D 11 -16.12 -39.65 -27.32
N ALA D 12 -17.24 -39.32 -27.92
CA ALA D 12 -18.49 -40.03 -27.68
C ALA D 12 -18.31 -41.51 -27.94
N ASN D 13 -17.64 -41.79 -29.05
CA ASN D 13 -17.30 -43.14 -29.44
C ASN D 13 -16.43 -43.81 -28.35
N PHE D 14 -15.39 -43.11 -27.90
CA PHE D 14 -14.48 -43.62 -26.88
C PHE D 14 -15.24 -44.01 -25.62
N LEU D 15 -16.08 -43.11 -25.15
CA LEU D 15 -16.85 -43.30 -23.92
C LEU D 15 -17.72 -44.54 -23.95
N ARG D 16 -18.40 -44.73 -25.08
CA ARG D 16 -19.28 -45.87 -25.33
C ARG D 16 -18.53 -47.19 -25.50
N GLU D 17 -17.45 -47.17 -26.28
CA GLU D 17 -16.80 -48.38 -26.75
C GLU D 17 -15.62 -48.85 -25.91
N TYR D 18 -14.85 -47.93 -25.35
CA TYR D 18 -13.65 -48.35 -24.63
C TYR D 18 -13.94 -49.47 -23.64
N THR D 19 -13.11 -50.51 -23.67
CA THR D 19 -13.09 -51.51 -22.61
C THR D 19 -11.66 -51.81 -22.14
N ASP D 20 -11.47 -52.09 -20.86
CA ASP D 20 -10.13 -52.36 -20.33
C ASP D 20 -9.61 -53.77 -20.63
N GLU D 21 -8.53 -54.16 -19.97
CA GLU D 21 -7.93 -55.49 -20.09
C GLU D 21 -8.92 -56.63 -19.84
N ASP D 22 -9.89 -56.42 -18.95
CA ASP D 22 -10.87 -57.46 -18.58
C ASP D 22 -12.20 -57.35 -19.34
N GLY D 23 -12.26 -56.39 -20.28
CA GLY D 23 -13.46 -56.16 -21.08
C GLY D 23 -14.52 -55.29 -20.43
N ASN D 24 -14.23 -54.72 -19.26
CA ASN D 24 -15.11 -53.76 -18.58
C ASN D 24 -15.23 -52.49 -19.40
N PRO D 25 -16.47 -52.05 -19.69
CA PRO D 25 -16.70 -50.81 -20.41
C PRO D 25 -16.69 -49.61 -19.45
N VAL D 26 -15.51 -49.38 -18.87
CA VAL D 26 -15.26 -48.39 -17.82
C VAL D 26 -16.13 -47.12 -17.88
N TYR D 27 -16.10 -46.44 -19.02
CA TYR D 27 -16.71 -45.12 -19.13
C TYR D 27 -18.20 -45.17 -19.40
N ARG D 28 -18.65 -46.26 -20.02
CA ARG D 28 -20.08 -46.55 -20.09
C ARG D 28 -20.63 -46.66 -18.66
N GLY D 29 -19.90 -47.38 -17.83
CA GLY D 29 -20.27 -47.58 -16.43
C GLY D 29 -20.22 -46.31 -15.63
N LYS D 30 -19.18 -45.51 -15.83
CA LYS D 30 -19.07 -44.23 -15.13
C LYS D 30 -20.23 -43.30 -15.46
N ILE D 31 -20.64 -43.30 -16.72
CA ILE D 31 -21.75 -42.47 -17.16
C ILE D 31 -23.10 -43.04 -16.68
N THR D 32 -23.26 -44.36 -16.71
CA THR D 32 -24.45 -44.99 -16.13
C THR D 32 -24.64 -44.52 -14.70
N ASP D 33 -23.55 -44.53 -13.94
CA ASP D 33 -23.55 -44.09 -12.56
C ASP D 33 -24.04 -42.66 -12.38
N LEU D 34 -23.98 -41.84 -13.41
CA LEU D 34 -24.51 -40.48 -13.32
C LEU D 34 -26.03 -40.47 -13.13
N LEU D 35 -26.70 -41.59 -13.37
CA LEU D 35 -28.15 -41.65 -13.14
C LEU D 35 -28.52 -42.06 -11.72
N THR D 36 -27.52 -42.32 -10.87
CA THR D 36 -27.79 -42.60 -9.46
C THR D 36 -28.40 -41.39 -8.78
N ILE D 37 -29.02 -41.64 -7.63
CA ILE D 37 -29.73 -40.59 -6.90
C ILE D 37 -28.86 -39.41 -6.44
N THR D 38 -27.59 -39.64 -6.11
CA THR D 38 -26.65 -38.55 -5.82
C THR D 38 -25.36 -38.70 -6.62
N PRO D 39 -25.36 -38.20 -7.87
CA PRO D 39 -24.27 -38.47 -8.83
C PRO D 39 -23.01 -37.63 -8.59
N LYS D 40 -21.92 -37.98 -9.28
CA LYS D 40 -20.74 -37.11 -9.26
C LYS D 40 -20.94 -35.99 -10.27
N ARG D 41 -20.11 -34.96 -10.20
CA ARG D 41 -20.24 -33.87 -11.14
C ARG D 41 -19.13 -33.92 -12.18
N SER D 42 -18.29 -34.95 -12.09
CA SER D 42 -17.28 -35.19 -13.13
C SER D 42 -16.95 -36.65 -13.44
N VAL D 43 -16.38 -36.86 -14.61
CA VAL D 43 -15.93 -38.15 -15.05
C VAL D 43 -14.42 -38.05 -15.22
N ALA D 44 -13.69 -38.81 -14.42
CA ALA D 44 -12.25 -38.85 -14.55
C ALA D 44 -11.92 -39.84 -15.65
N ILE D 45 -11.09 -39.40 -16.59
CA ILE D 45 -10.65 -40.24 -17.69
C ILE D 45 -9.15 -40.46 -17.61
N ASP D 46 -8.75 -41.73 -17.61
CA ASP D 46 -7.37 -42.15 -17.60
C ASP D 46 -6.79 -41.87 -18.98
N TRP D 47 -5.88 -40.91 -19.07
CA TRP D 47 -5.32 -40.53 -20.35
C TRP D 47 -4.81 -41.75 -21.11
N MET D 48 -4.20 -42.70 -20.39
CA MET D 48 -3.65 -43.90 -20.99
C MET D 48 -4.71 -44.72 -21.71
N HIS D 49 -5.90 -44.81 -21.12
CA HIS D 49 -7.05 -45.48 -21.74
C HIS D 49 -7.35 -44.82 -23.07
N LEU D 50 -7.48 -43.50 -23.07
CA LEU D 50 -7.80 -42.75 -24.27
C LEU D 50 -6.70 -42.89 -25.30
N ASN D 51 -5.46 -42.97 -24.85
CA ASN D 51 -4.32 -43.09 -25.77
C ASN D 51 -4.28 -44.43 -26.47
N SER D 52 -4.68 -45.48 -25.76
CA SER D 52 -4.71 -46.79 -26.35
C SER D 52 -5.91 -46.98 -27.27
N PHE D 53 -6.91 -46.12 -27.16
CA PHE D 53 -8.12 -46.28 -27.96
C PHE D 53 -8.16 -45.35 -29.16
N ASP D 54 -7.63 -44.15 -29.00
CA ASP D 54 -7.64 -43.14 -30.07
C ASP D 54 -6.49 -42.19 -29.79
N SER D 55 -5.28 -42.69 -30.01
CA SER D 55 -4.04 -41.99 -29.66
C SER D 55 -3.95 -40.58 -30.23
N GLU D 56 -4.37 -40.42 -31.48
CA GLU D 56 -4.34 -39.12 -32.12
C GLU D 56 -5.13 -38.10 -31.29
N LEU D 57 -6.26 -38.54 -30.75
CA LEU D 57 -7.11 -37.68 -29.94
C LEU D 57 -6.48 -37.39 -28.58
N ALA D 58 -5.90 -38.41 -27.95
CA ALA D 58 -5.23 -38.27 -26.67
C ALA D 58 -4.13 -37.21 -26.69
N HIS D 59 -3.41 -37.13 -27.80
CA HIS D 59 -2.36 -36.14 -27.94
C HIS D 59 -2.95 -34.76 -28.18
N GLU D 60 -4.11 -34.73 -28.83
CA GLU D 60 -4.87 -33.48 -29.00
C GLU D 60 -5.35 -32.87 -27.69
N VAL D 61 -5.66 -33.72 -26.71
CA VAL D 61 -6.02 -33.28 -25.38
C VAL D 61 -4.86 -32.50 -24.77
N ILE D 62 -3.64 -33.03 -24.90
CA ILE D 62 -2.49 -32.34 -24.35
C ILE D 62 -2.15 -31.06 -25.13
N GLU D 63 -2.23 -31.12 -26.45
CA GLU D 63 -1.89 -29.99 -27.31
C GLU D 63 -2.87 -28.86 -27.18
N ASN D 64 -4.17 -29.17 -27.30
CA ASN D 64 -5.23 -28.19 -27.13
C ASN D 64 -6.18 -28.60 -26.02
N PRO D 65 -5.74 -28.50 -24.75
CA PRO D 65 -6.57 -29.02 -23.65
C PRO D 65 -7.90 -28.30 -23.53
N GLU D 66 -7.94 -27.03 -23.91
CA GLU D 66 -9.18 -26.26 -23.79
C GLU D 66 -10.27 -26.84 -24.71
N GLU D 67 -9.95 -27.04 -25.99
CA GLU D 67 -10.89 -27.64 -26.94
C GLU D 67 -11.09 -29.10 -26.62
N GLY D 68 -10.02 -29.76 -26.17
CA GLY D 68 -10.03 -31.18 -25.89
C GLY D 68 -11.00 -31.51 -24.79
N ILE D 69 -10.84 -30.80 -23.67
CA ILE D 69 -11.69 -31.02 -22.50
C ILE D 69 -13.13 -30.67 -22.85
N SER D 70 -13.31 -29.50 -23.48
CA SER D 70 -14.63 -29.05 -23.87
C SER D 70 -15.36 -30.10 -24.71
N ALA D 71 -14.70 -30.59 -25.77
CA ALA D 71 -15.26 -31.65 -26.62
C ALA D 71 -15.67 -32.86 -25.82
N ALA D 72 -14.77 -33.33 -24.94
CA ALA D 72 -15.03 -34.48 -24.07
C ALA D 72 -16.26 -34.28 -23.20
N GLU D 73 -16.45 -33.05 -22.73
CA GLU D 73 -17.61 -32.74 -21.91
C GLU D 73 -18.88 -32.73 -22.77
N ASP D 74 -18.80 -32.14 -23.97
CA ASP D 74 -19.92 -32.14 -24.90
C ASP D 74 -20.34 -33.53 -25.29
N ALA D 75 -19.35 -34.43 -25.43
CA ALA D 75 -19.62 -35.83 -25.73
C ALA D 75 -20.37 -36.51 -24.59
N ILE D 76 -19.90 -36.31 -23.35
CA ILE D 76 -20.56 -36.87 -22.15
C ILE D 76 -22.04 -36.49 -22.17
N GLN D 77 -22.30 -35.24 -22.51
CA GLN D 77 -23.65 -34.72 -22.60
C GLN D 77 -24.48 -35.46 -23.63
N ILE D 78 -23.91 -35.71 -24.81
CA ILE D 78 -24.68 -36.36 -25.86
C ILE D 78 -24.86 -37.83 -25.58
N VAL D 79 -23.91 -38.46 -24.89
CA VAL D 79 -24.09 -39.85 -24.47
C VAL D 79 -25.22 -39.95 -23.46
N LEU D 80 -25.35 -38.96 -22.58
CA LEU D 80 -26.43 -38.96 -21.57
C LEU D 80 -27.79 -38.78 -22.23
N ARG D 81 -27.85 -37.93 -23.25
CA ARG D 81 -29.08 -37.70 -23.99
C ARG D 81 -29.44 -38.88 -24.89
N GLU D 82 -28.51 -39.34 -25.73
CA GLU D 82 -28.80 -40.41 -26.67
C GLU D 82 -28.92 -41.78 -26.05
N ASP D 83 -28.15 -42.07 -25.01
CA ASP D 83 -28.14 -43.43 -24.48
C ASP D 83 -28.94 -43.60 -23.19
N PHE D 84 -29.24 -42.50 -22.50
CA PHE D 84 -29.88 -42.58 -21.18
C PHE D 84 -31.13 -41.71 -21.08
N GLN D 85 -31.38 -41.00 -22.17
CA GLN D 85 -32.49 -40.06 -22.28
C GLN D 85 -32.56 -39.09 -21.10
N ARG D 86 -31.40 -38.58 -20.70
CA ARG D 86 -31.30 -37.55 -19.67
C ARG D 86 -30.76 -36.24 -20.23
N GLU D 87 -31.53 -35.17 -20.08
CA GLU D 87 -31.18 -33.87 -20.63
C GLU D 87 -30.77 -32.89 -19.53
N ASP D 88 -31.52 -32.90 -18.44
CA ASP D 88 -31.38 -31.95 -17.35
C ASP D 88 -30.20 -32.26 -16.41
N VAL D 89 -29.20 -33.01 -16.88
CA VAL D 89 -28.10 -33.50 -16.01
C VAL D 89 -27.18 -32.42 -15.47
N GLY D 90 -27.06 -31.29 -16.16
CA GLY D 90 -26.16 -30.23 -15.74
C GLY D 90 -24.73 -30.50 -16.15
N LYS D 91 -23.82 -29.62 -15.76
CA LYS D 91 -22.42 -29.72 -16.18
C LYS D 91 -21.77 -30.95 -15.58
N ILE D 92 -21.08 -31.72 -16.42
CA ILE D 92 -20.25 -32.81 -15.94
C ILE D 92 -18.86 -32.56 -16.51
N HIS D 93 -17.86 -32.49 -15.63
CA HIS D 93 -16.49 -32.17 -16.05
C HIS D 93 -15.75 -33.38 -16.59
N ALA D 94 -14.90 -33.16 -17.57
CA ALA D 94 -14.02 -34.23 -18.00
C ALA D 94 -12.69 -33.94 -17.35
N ARG D 95 -12.23 -34.83 -16.50
CA ARG D 95 -10.98 -34.62 -15.80
C ARG D 95 -10.00 -35.73 -16.15
N PHE D 96 -9.01 -35.38 -16.96
CA PHE D 96 -8.01 -36.32 -17.41
C PHE D 96 -6.90 -36.48 -16.39
N TYR D 97 -6.51 -37.73 -16.16
CA TYR D 97 -5.42 -38.01 -15.24
C TYR D 97 -4.44 -39.03 -15.84
N ASN D 98 -3.32 -39.23 -15.16
CA ASN D 98 -2.31 -40.21 -15.58
C ASN D 98 -1.72 -39.89 -16.95
N LEU D 99 -1.14 -38.70 -17.09
CA LEU D 99 -0.53 -38.27 -18.34
C LEU D 99 0.82 -38.97 -18.48
N PRO D 100 1.41 -38.95 -19.69
CA PRO D 100 2.62 -39.74 -19.90
C PRO D 100 3.82 -39.21 -19.15
N GLU D 101 3.94 -37.88 -18.96
CA GLU D 101 5.07 -37.33 -18.21
C GLU D 101 4.66 -36.62 -16.93
N THR D 102 5.39 -36.87 -15.83
CA THR D 102 5.22 -36.07 -14.60
C THR D 102 6.35 -35.03 -14.37
N LEU D 103 6.01 -33.75 -14.47
CA LEU D 103 6.98 -32.68 -14.25
C LEU D 103 7.14 -32.35 -12.77
N MET D 104 8.35 -31.98 -12.36
CA MET D 104 8.54 -31.32 -11.08
C MET D 104 8.20 -29.87 -11.31
N VAL D 105 7.93 -29.11 -10.27
CA VAL D 105 7.56 -27.71 -10.46
C VAL D 105 8.64 -26.95 -11.24
N LYS D 106 9.91 -27.23 -10.92
CA LYS D 106 11.02 -26.59 -11.60
C LYS D 106 11.15 -26.92 -13.08
N ASP D 107 10.45 -27.95 -13.53
CA ASP D 107 10.50 -28.37 -14.94
C ASP D 107 9.50 -27.60 -15.79
N ILE D 108 8.52 -26.96 -15.15
CA ILE D 108 7.46 -26.23 -15.87
C ILE D 108 8.04 -25.05 -16.65
N GLY D 109 8.40 -25.29 -17.90
CA GLY D 109 8.89 -24.23 -18.77
C GLY D 109 7.77 -23.55 -19.52
N ALA D 110 8.10 -22.51 -20.28
CA ALA D 110 7.12 -21.80 -21.08
C ALA D 110 6.70 -22.58 -22.33
N GLU D 111 7.38 -23.67 -22.65
CA GLU D 111 6.96 -24.50 -23.76
C GLU D 111 5.68 -25.27 -23.41
N HIS D 112 5.19 -25.05 -22.19
CA HIS D 112 3.99 -25.72 -21.70
C HIS D 112 2.78 -24.82 -21.74
N ILE D 113 3.02 -23.53 -21.87
CA ILE D 113 1.97 -22.54 -21.93
C ILE D 113 0.79 -22.97 -22.78
N ASN D 114 -0.35 -23.15 -22.12
CA ASN D 114 -1.62 -23.54 -22.73
C ASN D 114 -1.67 -24.98 -23.19
N LYS D 115 -0.86 -25.83 -22.56
CA LYS D 115 -0.91 -27.26 -22.79
C LYS D 115 -1.34 -27.93 -21.50
N LEU D 116 -1.64 -29.22 -21.54
CA LEU D 116 -2.03 -29.92 -20.33
C LEU D 116 -0.80 -30.58 -19.72
N ILE D 117 -0.35 -30.08 -18.57
CA ILE D 117 0.83 -30.67 -17.93
C ILE D 117 0.42 -31.44 -16.69
N GLN D 118 1.28 -32.35 -16.25
CA GLN D 118 1.02 -33.11 -15.03
C GLN D 118 2.17 -32.87 -14.07
N VAL D 119 1.85 -32.35 -12.89
CA VAL D 119 2.89 -31.93 -11.93
C VAL D 119 2.73 -32.62 -10.61
N GLU D 120 3.85 -33.05 -10.03
CA GLU D 120 3.89 -33.59 -8.67
C GLU D 120 4.58 -32.61 -7.73
N GLY D 121 3.99 -32.41 -6.56
CA GLY D 121 4.55 -31.48 -5.60
C GLY D 121 3.92 -31.60 -4.22
N ILE D 122 4.28 -30.68 -3.34
CA ILE D 122 3.67 -30.61 -2.03
C ILE D 122 2.93 -29.28 -1.90
N VAL D 123 1.71 -29.33 -1.40
CA VAL D 123 0.89 -28.14 -1.20
C VAL D 123 1.46 -27.29 -0.07
N THR D 124 1.87 -26.08 -0.41
CA THR D 124 2.41 -25.11 0.52
C THR D 124 1.29 -24.28 1.15
N ARG D 125 0.27 -23.93 0.35
CA ARG D 125 -0.83 -23.09 0.81
C ARG D 125 -2.12 -23.43 0.14
N VAL D 126 -3.22 -23.13 0.81
CA VAL D 126 -4.52 -23.19 0.18
C VAL D 126 -5.25 -21.89 0.53
N GLY D 127 -6.01 -21.34 -0.41
CA GLY D 127 -6.81 -20.16 -0.15
C GLY D 127 -8.13 -20.49 0.51
N GLU D 128 -8.92 -19.47 0.81
CA GLU D 128 -10.28 -19.67 1.33
C GLU D 128 -11.17 -19.89 0.14
N ILE D 129 -12.22 -20.64 0.36
CA ILE D 129 -13.12 -21.00 -0.71
C ILE D 129 -14.05 -19.82 -0.99
N LYS D 130 -14.05 -19.34 -2.23
CA LYS D 130 -14.88 -18.19 -2.62
C LYS D 130 -15.75 -18.55 -3.83
N PRO D 131 -16.82 -17.77 -4.07
CA PRO D 131 -17.61 -17.96 -5.29
C PRO D 131 -17.04 -17.18 -6.46
N PHE D 132 -16.65 -17.91 -7.50
CA PHE D 132 -16.16 -17.34 -8.76
C PHE D 132 -17.30 -17.24 -9.76
N VAL D 133 -17.46 -16.06 -10.34
CA VAL D 133 -18.52 -15.76 -11.28
C VAL D 133 -18.15 -16.38 -12.62
N SER D 134 -18.47 -17.65 -12.81
CA SER D 134 -18.08 -18.33 -14.04
C SER D 134 -18.82 -17.81 -15.26
N VAL D 135 -20.04 -17.30 -15.03
CA VAL D 135 -20.82 -16.68 -16.08
C VAL D 135 -21.46 -15.38 -15.60
N ALA D 136 -20.97 -14.27 -16.12
CA ALA D 136 -21.51 -12.98 -15.76
C ALA D 136 -22.69 -12.71 -16.67
N VAL D 137 -23.81 -12.29 -16.10
CA VAL D 137 -24.90 -11.83 -16.92
C VAL D 137 -25.16 -10.35 -16.69
N PHE D 138 -25.05 -9.58 -17.77
CA PHE D 138 -25.26 -8.15 -17.71
C PHE D 138 -26.66 -7.80 -18.17
N VAL D 139 -27.26 -6.79 -17.55
CA VAL D 139 -28.64 -6.40 -17.88
C VAL D 139 -28.73 -4.89 -18.07
N CYS D 140 -29.31 -4.50 -19.21
CA CYS D 140 -29.55 -3.09 -19.56
C CYS D 140 -30.74 -2.53 -18.77
N LYS D 141 -30.50 -1.39 -18.13
CA LYS D 141 -31.52 -0.74 -17.31
C LYS D 141 -32.57 0.00 -18.16
N ASP D 142 -32.30 0.12 -19.46
CA ASP D 142 -33.20 0.79 -20.41
C ASP D 142 -34.12 -0.20 -21.14
N CYS D 143 -33.56 -1.02 -22.03
CA CYS D 143 -34.35 -2.01 -22.78
C CYS D 143 -34.59 -3.34 -22.03
N GLY D 144 -33.85 -3.55 -20.92
CA GLY D 144 -33.90 -4.80 -20.17
C GLY D 144 -33.29 -5.97 -20.93
N HIS D 145 -32.37 -5.68 -21.84
CA HIS D 145 -31.70 -6.73 -22.61
C HIS D 145 -30.67 -7.45 -21.75
N GLU D 146 -30.52 -8.75 -22.01
CA GLU D 146 -29.58 -9.59 -21.28
C GLU D 146 -28.39 -10.06 -22.12
N MET D 147 -27.17 -9.81 -21.63
CA MET D 147 -25.95 -10.27 -22.29
C MET D 147 -25.17 -11.24 -21.41
N ILE D 148 -25.00 -12.46 -21.92
CA ILE D 148 -24.19 -13.49 -21.27
C ILE D 148 -22.68 -13.38 -21.60
N VAL D 149 -21.83 -13.40 -20.59
CA VAL D 149 -20.38 -13.26 -20.79
C VAL D 149 -19.67 -14.24 -19.88
N PRO D 150 -19.16 -15.35 -20.44
CA PRO D 150 -18.44 -16.30 -19.59
C PRO D 150 -17.09 -15.75 -19.17
N GLN D 151 -16.61 -16.19 -18.02
CA GLN D 151 -15.37 -15.67 -17.46
C GLN D 151 -14.33 -16.77 -17.34
N LYS D 152 -13.10 -16.37 -17.07
CA LYS D 152 -12.01 -17.32 -16.85
C LYS D 152 -11.40 -16.98 -15.47
N PRO D 153 -11.14 -18.00 -14.63
CA PRO D 153 -10.71 -17.75 -13.26
C PRO D 153 -9.32 -17.15 -13.12
N TYR D 154 -8.61 -16.97 -14.23
CA TYR D 154 -7.26 -16.41 -14.17
C TYR D 154 -7.18 -15.02 -14.82
N GLU D 155 -8.24 -14.64 -15.55
CA GLU D 155 -8.35 -13.30 -16.12
C GLU D 155 -9.36 -12.42 -15.40
N SER D 156 -9.11 -11.12 -15.43
CA SER D 156 -9.99 -10.12 -14.83
C SER D 156 -11.37 -10.10 -15.49
N LEU D 157 -12.35 -9.56 -14.77
CA LEU D 157 -13.73 -9.56 -15.23
C LEU D 157 -13.89 -8.86 -16.56
N GLU D 158 -14.44 -9.60 -17.53
CA GLU D 158 -14.75 -9.03 -18.83
C GLU D 158 -16.14 -8.40 -18.82
N LYS D 159 -16.17 -7.07 -18.67
CA LYS D 159 -17.42 -6.31 -18.60
C LYS D 159 -18.00 -6.10 -19.99
N VAL D 160 -19.12 -5.38 -20.05
CA VAL D 160 -19.60 -4.83 -21.32
C VAL D 160 -19.78 -3.33 -21.17
N LYS D 161 -19.30 -2.59 -22.17
CA LYS D 161 -19.34 -1.12 -22.15
C LYS D 161 -20.73 -0.56 -22.49
N LYS D 162 -21.33 -1.10 -23.54
CA LYS D 162 -22.65 -0.66 -24.03
C LYS D 162 -23.56 -1.82 -24.46
N CYS D 163 -24.87 -1.61 -24.33
CA CYS D 163 -25.88 -2.60 -24.70
C CYS D 163 -25.73 -3.06 -26.14
N GLU D 164 -25.83 -4.37 -26.37
CA GLU D 164 -25.67 -4.90 -27.74
C GLU D 164 -26.95 -4.82 -28.57
N GLN D 165 -28.00 -4.23 -28.00
CA GLN D 165 -29.28 -4.10 -28.67
C GLN D 165 -29.73 -2.64 -28.86
N CYS D 166 -29.65 -1.85 -27.79
CA CYS D 166 -30.02 -0.45 -27.84
C CYS D 166 -28.82 0.50 -27.64
N GLY D 167 -27.60 -0.02 -27.79
CA GLY D 167 -26.38 0.79 -27.70
C GLY D 167 -26.19 1.63 -26.44
N SER D 168 -27.04 1.42 -25.44
CA SER D 168 -27.05 2.20 -24.20
C SER D 168 -25.86 1.88 -23.28
N LYS D 169 -25.25 2.93 -22.73
CA LYS D 169 -24.13 2.81 -21.79
C LYS D 169 -24.63 2.75 -20.35
N ASN D 170 -25.81 2.15 -20.18
CA ASN D 170 -26.44 1.98 -18.88
C ASN D 170 -26.74 0.50 -18.61
N ILE D 171 -25.65 -0.27 -18.45
CA ILE D 171 -25.73 -1.68 -18.07
C ILE D 171 -25.00 -1.96 -16.75
N GLU D 172 -25.52 -2.93 -16.00
CA GLU D 172 -24.87 -3.42 -14.80
C GLU D 172 -24.93 -4.96 -14.77
N LEU D 173 -23.98 -5.56 -14.06
CA LEU D 173 -23.98 -7.00 -13.82
C LEU D 173 -25.14 -7.39 -12.92
N ASP D 174 -25.94 -8.33 -13.38
CA ASP D 174 -27.05 -8.85 -12.58
C ASP D 174 -26.57 -10.04 -11.76
N VAL D 175 -26.32 -9.77 -10.49
CA VAL D 175 -25.83 -10.72 -9.50
C VAL D 175 -26.66 -12.04 -9.37
N ASN D 176 -27.97 -11.96 -9.62
CA ASN D 176 -28.85 -13.14 -9.56
C ASN D 176 -28.82 -13.96 -10.81
N LYS D 177 -28.73 -13.30 -11.97
CA LYS D 177 -28.74 -14.01 -13.26
C LYS D 177 -27.39 -14.66 -13.54
N SER D 178 -26.33 -14.11 -12.95
CA SER D 178 -24.99 -14.65 -13.09
C SER D 178 -24.88 -16.00 -12.41
N SER D 179 -23.98 -16.83 -12.91
CA SER D 179 -23.74 -18.14 -12.29
C SER D 179 -22.41 -18.12 -11.57
N ALA D 180 -22.38 -18.70 -10.37
CA ALA D 180 -21.18 -18.73 -9.56
C ALA D 180 -20.82 -20.17 -9.19
N VAL D 181 -19.53 -20.48 -9.18
CA VAL D 181 -19.05 -21.80 -8.73
C VAL D 181 -18.00 -21.62 -7.66
N ASN D 182 -17.68 -22.71 -6.95
CA ASN D 182 -16.61 -22.65 -5.95
C ASN D 182 -15.25 -22.43 -6.58
N PHE D 183 -14.38 -21.74 -5.84
CA PHE D 183 -13.06 -21.38 -6.30
C PHE D 183 -12.13 -21.51 -5.12
N GLN D 184 -10.91 -21.96 -5.37
CA GLN D 184 -9.91 -22.06 -4.31
C GLN D 184 -8.53 -22.06 -4.92
N SER D 185 -7.69 -21.13 -4.45
CA SER D 185 -6.32 -21.06 -4.88
C SER D 185 -5.49 -21.94 -4.00
N PHE D 186 -4.38 -22.41 -4.53
CA PHE D 186 -3.45 -23.20 -3.74
C PHE D 186 -2.08 -23.05 -4.38
N ARG D 187 -1.06 -23.43 -3.63
CA ARG D 187 0.30 -23.39 -4.11
C ARG D 187 0.99 -24.73 -3.88
N ILE D 188 1.66 -25.25 -4.91
CA ILE D 188 2.53 -26.41 -4.72
C ILE D 188 3.95 -26.06 -5.10
N GLN D 189 4.89 -26.74 -4.46
CA GLN D 189 6.30 -26.60 -4.78
C GLN D 189 6.98 -27.95 -4.65
N ASP D 190 8.19 -28.06 -5.21
CA ASP D 190 9.00 -29.27 -5.08
C ASP D 190 9.46 -29.38 -3.63
N ARG D 191 9.51 -30.62 -3.12
CA ARG D 191 10.02 -30.86 -1.78
C ARG D 191 11.54 -30.81 -1.84
N PRO D 192 12.18 -30.26 -0.78
CA PRO D 192 13.64 -30.16 -0.72
C PRO D 192 14.38 -31.47 -0.96
N GLU D 193 13.88 -32.58 -0.43
CA GLU D 193 14.41 -33.92 -0.66
C GLU D 193 14.59 -34.24 -2.14
N THR D 194 13.73 -33.68 -3.00
CA THR D 194 13.82 -33.94 -4.44
C THR D 194 14.89 -33.07 -5.12
N LEU D 195 15.45 -32.11 -4.38
CA LEU D 195 16.41 -31.16 -4.96
C LEU D 195 17.81 -31.39 -4.40
N LYS D 196 18.77 -30.63 -4.93
CA LYS D 196 20.13 -30.62 -4.40
C LYS D 196 20.21 -29.82 -3.09
N GLY D 197 21.24 -30.07 -2.30
CA GLY D 197 21.45 -29.35 -1.06
C GLY D 197 21.54 -27.85 -1.34
N GLY D 198 20.92 -27.06 -0.47
CA GLY D 198 20.91 -25.59 -0.59
C GLY D 198 20.31 -25.01 -1.86
N GLU D 199 19.51 -25.81 -2.56
CA GLU D 199 18.79 -25.38 -3.76
C GLU D 199 17.46 -24.78 -3.32
N MET D 200 17.17 -23.61 -3.85
CA MET D 200 15.91 -22.94 -3.57
C MET D 200 14.75 -23.61 -4.33
N PRO D 201 13.78 -24.20 -3.59
CA PRO D 201 12.64 -24.84 -4.26
C PRO D 201 11.80 -23.83 -5.02
N ARG D 202 11.24 -24.23 -6.15
CA ARG D 202 10.32 -23.38 -6.90
C ARG D 202 8.88 -23.79 -6.70
N PHE D 203 7.96 -22.85 -6.91
CA PHE D 203 6.54 -23.09 -6.69
C PHE D 203 5.68 -22.61 -7.84
N ILE D 204 4.40 -22.93 -7.79
CA ILE D 204 3.45 -22.47 -8.78
C ILE D 204 2.09 -22.37 -8.11
N ASP D 205 1.30 -21.35 -8.48
CA ASP D 205 -0.04 -21.21 -7.93
C ASP D 205 -1.09 -21.79 -8.86
N GLY D 206 -2.07 -22.46 -8.26
CA GLY D 206 -3.12 -23.11 -9.03
C GLY D 206 -4.48 -22.59 -8.69
N ILE D 207 -5.46 -23.00 -9.51
CA ILE D 207 -6.86 -22.75 -9.25
C ILE D 207 -7.64 -24.06 -9.20
N LEU D 208 -8.47 -24.24 -8.20
CA LEU D 208 -9.40 -25.35 -8.19
C LEU D 208 -10.81 -24.79 -8.33
N LEU D 209 -11.62 -25.36 -9.22
CA LEU D 209 -13.00 -24.91 -9.35
C LEU D 209 -14.01 -26.01 -9.03
N ASP D 210 -15.24 -25.58 -8.78
CA ASP D 210 -16.37 -26.48 -8.65
C ASP D 210 -16.17 -27.58 -7.60
N ASP D 211 -16.17 -28.82 -8.06
CA ASP D 211 -16.18 -29.98 -7.16
C ASP D 211 -14.80 -30.47 -6.73
N ILE D 212 -13.73 -29.90 -7.25
CA ILE D 212 -12.40 -30.28 -6.80
C ILE D 212 -11.80 -29.25 -5.85
N VAL D 213 -12.66 -28.33 -5.41
CA VAL D 213 -12.29 -27.36 -4.38
C VAL D 213 -12.18 -28.09 -3.04
N ASP D 214 -11.27 -27.64 -2.19
CA ASP D 214 -11.18 -28.14 -0.82
C ASP D 214 -10.88 -29.64 -0.75
N VAL D 215 -10.03 -30.14 -1.64
CA VAL D 215 -9.68 -31.56 -1.62
C VAL D 215 -8.24 -31.76 -1.16
N ALA D 216 -7.56 -30.65 -0.89
CA ALA D 216 -6.18 -30.72 -0.45
C ALA D 216 -5.91 -29.70 0.64
N LEU D 217 -5.07 -30.10 1.59
CA LEU D 217 -4.65 -29.25 2.69
C LEU D 217 -3.14 -29.03 2.57
N PRO D 218 -2.60 -28.02 3.29
CA PRO D 218 -1.15 -27.83 3.23
C PRO D 218 -0.44 -29.03 3.82
N GLY D 219 0.72 -29.37 3.26
CA GLY D 219 1.42 -30.58 3.65
C GLY D 219 1.11 -31.79 2.79
N ASP D 220 -0.02 -31.75 2.09
CA ASP D 220 -0.40 -32.81 1.16
C ASP D 220 0.54 -32.91 -0.05
N ARG D 221 0.81 -34.15 -0.46
CA ARG D 221 1.61 -34.42 -1.63
C ARG D 221 0.68 -34.83 -2.75
N VAL D 222 0.64 -34.05 -3.81
CA VAL D 222 -0.37 -34.24 -4.84
C VAL D 222 0.21 -34.46 -6.24
N ILE D 223 -0.56 -35.11 -7.10
CA ILE D 223 -0.29 -35.07 -8.53
C ILE D 223 -1.47 -34.37 -9.19
N VAL D 224 -1.21 -33.17 -9.70
CA VAL D 224 -2.25 -32.43 -10.40
C VAL D 224 -2.01 -32.46 -11.90
N THR D 225 -3.09 -32.43 -12.68
CA THR D 225 -2.98 -32.16 -14.11
C THR D 225 -3.74 -30.88 -14.31
N GLY D 226 -3.32 -30.08 -15.28
CA GLY D 226 -3.97 -28.80 -15.53
C GLY D 226 -3.36 -28.08 -16.70
N ILE D 227 -4.09 -27.10 -17.21
CA ILE D 227 -3.57 -26.23 -18.25
C ILE D 227 -2.66 -25.18 -17.61
N LEU D 228 -1.44 -25.03 -18.10
CA LEU D 228 -0.57 -23.97 -17.63
C LEU D 228 -0.98 -22.65 -18.29
N ARG D 229 -1.37 -21.68 -17.47
CA ARG D 229 -1.76 -20.35 -17.97
C ARG D 229 -0.72 -19.33 -17.57
N VAL D 230 -0.52 -18.35 -18.44
CA VAL D 230 0.32 -17.22 -18.04
C VAL D 230 -0.43 -15.93 -18.23
N VAL D 231 -0.30 -15.07 -17.24
CA VAL D 231 -0.86 -13.74 -17.32
C VAL D 231 0.26 -12.77 -16.97
N LEU D 232 0.18 -11.53 -17.47
CA LEU D 232 1.23 -10.55 -17.20
C LEU D 232 1.26 -10.17 -15.73
N GLU D 233 2.42 -10.34 -15.10
CA GLU D 233 2.56 -10.05 -13.68
C GLU D 233 2.60 -8.55 -13.51
N LYS D 234 1.63 -8.01 -12.76
CA LYS D 234 1.52 -6.57 -12.54
C LYS D 234 2.45 -6.06 -11.43
N ARG D 235 2.94 -7.00 -10.63
CA ARG D 235 3.95 -6.75 -9.59
C ARG D 235 5.28 -6.23 -10.15
N GLU D 236 5.63 -6.65 -11.37
CA GLU D 236 6.90 -6.27 -12.00
C GLU D 236 6.73 -5.06 -12.92
N LYS D 237 7.83 -4.30 -13.10
CA LYS D 237 7.84 -3.16 -14.02
C LYS D 237 7.79 -3.67 -15.46
N THR D 238 8.77 -4.50 -15.78
CA THR D 238 8.93 -5.13 -17.10
C THR D 238 7.93 -6.30 -17.32
N PRO D 239 7.71 -6.72 -18.59
CA PRO D 239 6.77 -7.81 -18.85
C PRO D 239 7.28 -9.18 -18.42
N ILE D 240 6.72 -9.69 -17.34
CA ILE D 240 7.05 -11.01 -16.85
C ILE D 240 5.74 -11.82 -16.79
N PHE D 241 5.80 -13.09 -17.18
CA PHE D 241 4.64 -13.96 -17.02
C PHE D 241 4.51 -14.48 -15.60
N ARG D 242 3.29 -14.50 -15.08
CA ARG D 242 3.00 -15.16 -13.83
C ARG D 242 2.31 -16.45 -14.19
N LYS D 243 2.93 -17.58 -13.82
CA LYS D 243 2.35 -18.88 -14.11
C LYS D 243 1.18 -19.21 -13.18
N ILE D 244 0.12 -19.75 -13.76
CA ILE D 244 -1.02 -20.23 -12.99
C ILE D 244 -1.45 -21.58 -13.54
N LEU D 245 -1.63 -22.56 -12.66
CA LEU D 245 -2.08 -23.86 -13.09
C LEU D 245 -3.60 -23.99 -12.94
N GLU D 246 -4.32 -23.98 -14.04
CA GLU D 246 -5.77 -24.16 -14.00
C GLU D 246 -6.03 -25.66 -13.93
N VAL D 247 -6.27 -26.17 -12.73
CA VAL D 247 -6.29 -27.62 -12.47
C VAL D 247 -7.45 -28.33 -13.14
N ASN D 248 -7.13 -29.40 -13.87
CA ASN D 248 -8.13 -30.26 -14.47
C ASN D 248 -8.43 -31.48 -13.62
N HIS D 249 -7.40 -32.03 -12.98
CA HIS D 249 -7.55 -33.19 -12.10
C HIS D 249 -6.51 -33.17 -11.01
N ILE D 250 -6.91 -33.54 -9.79
CA ILE D 250 -5.99 -33.61 -8.67
C ILE D 250 -6.27 -34.83 -7.81
N GLU D 251 -5.20 -35.51 -7.39
CA GLU D 251 -5.28 -36.65 -6.50
C GLU D 251 -3.98 -36.74 -5.70
N PRO D 252 -4.04 -37.30 -4.49
CA PRO D 252 -2.83 -37.46 -3.67
C PRO D 252 -1.95 -38.55 -4.24
N VAL D 253 -0.67 -38.51 -3.92
CA VAL D 253 0.24 -39.53 -4.41
C VAL D 253 0.27 -40.68 -3.39
N SER D 254 0.70 -41.87 -3.82
CA SER D 254 0.80 -43.03 -2.92
C SER D 254 2.09 -43.81 -3.09
N SER E 1 33.40 6.14 -34.00
CA SER E 1 33.00 4.73 -33.75
C SER E 1 33.08 3.85 -35.02
N VAL E 2 32.43 2.68 -34.97
CA VAL E 2 32.45 1.70 -36.05
C VAL E 2 31.03 1.23 -36.36
N ASP E 3 30.58 1.38 -37.61
CA ASP E 3 29.22 0.98 -37.99
C ASP E 3 29.05 -0.55 -37.95
N ARG E 4 27.80 -0.98 -37.78
CA ARG E 4 27.45 -2.37 -37.51
C ARG E 4 28.05 -3.35 -38.49
N GLU E 5 27.83 -3.10 -39.78
CA GLU E 5 28.32 -3.96 -40.86
C GLU E 5 29.79 -4.31 -40.68
N GLU E 6 30.57 -3.30 -40.36
CA GLU E 6 32.01 -3.44 -40.29
C GLU E 6 32.44 -4.14 -39.01
N MET E 7 31.66 -3.98 -37.93
CA MET E 7 31.96 -4.68 -36.67
C MET E 7 31.80 -6.18 -36.88
N ILE E 8 30.70 -6.57 -37.51
CA ILE E 8 30.41 -7.96 -37.78
C ILE E 8 31.56 -8.60 -38.55
N GLU E 9 32.02 -7.91 -39.58
CA GLU E 9 33.20 -8.32 -40.35
C GLU E 9 34.41 -8.55 -39.44
N ARG E 10 34.78 -7.51 -38.69
CA ARG E 10 35.97 -7.55 -37.81
C ARG E 10 35.85 -8.63 -36.74
N PHE E 11 34.65 -8.79 -36.18
CA PHE E 11 34.38 -9.83 -35.19
C PHE E 11 34.53 -11.22 -35.79
N ALA E 12 33.89 -11.44 -36.93
CA ALA E 12 33.92 -12.73 -37.63
C ALA E 12 35.37 -13.11 -37.88
N ASN E 13 36.14 -12.12 -38.33
CA ASN E 13 37.55 -12.28 -38.57
C ASN E 13 38.30 -12.71 -37.29
N PHE E 14 38.04 -11.98 -36.20
CA PHE E 14 38.64 -12.28 -34.89
C PHE E 14 38.35 -13.71 -34.47
N LEU E 15 37.08 -14.11 -34.50
CA LEU E 15 36.69 -15.46 -34.10
C LEU E 15 37.48 -16.53 -34.85
N ARG E 16 37.62 -16.32 -36.17
CA ARG E 16 38.26 -17.29 -37.05
C ARG E 16 39.76 -17.33 -36.86
N GLU E 17 40.36 -16.14 -36.76
CA GLU E 17 41.82 -16.00 -36.85
C GLU E 17 42.56 -15.97 -35.53
N TYR E 18 41.94 -15.43 -34.47
CA TYR E 18 42.64 -15.27 -33.19
C TYR E 18 43.25 -16.58 -32.73
N THR E 19 44.52 -16.50 -32.33
CA THR E 19 45.20 -17.58 -31.64
C THR E 19 45.97 -17.06 -30.42
N ASP E 20 46.01 -17.87 -29.37
CA ASP E 20 46.66 -17.47 -28.12
C ASP E 20 48.17 -17.63 -28.18
N GLU E 21 48.82 -17.51 -27.01
CA GLU E 21 50.26 -17.60 -26.87
C GLU E 21 50.81 -18.90 -27.46
N ASP E 22 50.04 -19.98 -27.38
CA ASP E 22 50.49 -21.30 -27.87
C ASP E 22 50.02 -21.64 -29.29
N GLY E 23 49.32 -20.70 -29.92
CA GLY E 23 48.83 -20.93 -31.28
C GLY E 23 47.47 -21.59 -31.37
N ASN E 24 46.84 -21.86 -30.22
CA ASN E 24 45.47 -22.39 -30.16
C ASN E 24 44.48 -21.39 -30.71
N PRO E 25 43.66 -21.82 -31.68
CA PRO E 25 42.60 -20.98 -32.22
C PRO E 25 41.35 -21.01 -31.34
N VAL E 26 41.50 -20.48 -30.13
CA VAL E 26 40.50 -20.52 -29.06
C VAL E 26 39.03 -20.46 -29.52
N TYR E 27 38.69 -19.43 -30.30
CA TYR E 27 37.29 -19.16 -30.60
C TYR E 27 36.78 -20.00 -31.76
N ARG E 28 37.70 -20.39 -32.64
CA ARG E 28 37.39 -21.38 -33.66
C ARG E 28 36.97 -22.68 -32.97
N GLY E 29 37.72 -23.05 -31.93
CA GLY E 29 37.42 -24.23 -31.13
C GLY E 29 36.12 -24.10 -30.39
N LYS E 30 35.88 -22.95 -29.78
CA LYS E 30 34.67 -22.75 -29.00
C LYS E 30 33.44 -22.87 -29.89
N ILE E 31 33.58 -22.37 -31.13
CA ILE E 31 32.49 -22.40 -32.10
C ILE E 31 32.30 -23.80 -32.66
N THR E 32 33.40 -24.49 -32.94
CA THR E 32 33.34 -25.91 -33.33
C THR E 32 32.55 -26.71 -32.31
N ASP E 33 32.85 -26.48 -31.03
CA ASP E 33 32.13 -27.10 -29.92
C ASP E 33 30.63 -26.89 -29.96
N LEU E 34 30.17 -25.83 -30.63
CA LEU E 34 28.74 -25.60 -30.77
C LEU E 34 28.05 -26.68 -31.58
N LEU E 35 28.81 -27.49 -32.32
CA LEU E 35 28.23 -28.60 -33.07
C LEU E 35 28.11 -29.91 -32.27
N THR E 36 28.57 -29.90 -31.01
CA THR E 36 28.38 -31.04 -30.12
C THR E 36 26.89 -31.32 -29.87
N ILE E 37 26.60 -32.55 -29.46
CA ILE E 37 25.23 -32.99 -29.27
C ILE E 37 24.44 -32.15 -28.24
N THR E 38 25.09 -31.67 -27.17
CA THR E 38 24.45 -30.75 -26.21
C THR E 38 25.32 -29.50 -26.02
N PRO E 39 25.14 -28.51 -26.90
CA PRO E 39 26.03 -27.34 -26.96
C PRO E 39 25.74 -26.29 -25.89
N LYS E 40 26.65 -25.35 -25.72
CA LYS E 40 26.40 -24.18 -24.89
C LYS E 40 25.55 -23.19 -25.65
N ARG E 41 24.95 -22.24 -24.93
CA ARG E 41 24.13 -21.23 -25.56
C ARG E 41 24.86 -19.89 -25.62
N SER E 42 26.11 -19.86 -25.16
CA SER E 42 26.94 -18.67 -25.34
C SER E 42 28.42 -18.93 -25.52
N VAL E 43 29.12 -17.92 -26.02
CA VAL E 43 30.55 -17.99 -26.22
C VAL E 43 31.15 -16.87 -25.37
N ALA E 44 31.95 -17.24 -24.38
CA ALA E 44 32.60 -16.25 -23.55
C ALA E 44 33.85 -15.79 -24.26
N ILE E 45 34.01 -14.48 -24.40
CA ILE E 45 35.17 -13.91 -25.07
C ILE E 45 35.96 -13.10 -24.06
N ASP E 46 37.24 -13.43 -23.96
CA ASP E 46 38.19 -12.72 -23.11
C ASP E 46 38.50 -11.36 -23.73
N TRP E 47 38.00 -10.29 -23.12
CA TRP E 47 38.22 -8.96 -23.68
C TRP E 47 39.68 -8.70 -24.03
N MET E 48 40.58 -9.24 -23.22
CA MET E 48 42.01 -9.05 -23.46
C MET E 48 42.46 -9.65 -24.78
N HIS E 49 41.92 -10.82 -25.12
CA HIS E 49 42.18 -11.45 -26.40
C HIS E 49 41.77 -10.53 -27.54
N LEU E 50 40.54 -10.04 -27.47
CA LEU E 50 40.00 -9.17 -28.50
C LEU E 50 40.81 -7.89 -28.58
N ASN E 51 41.28 -7.40 -27.44
CA ASN E 51 42.05 -6.15 -27.43
C ASN E 51 43.42 -6.30 -28.07
N SER E 52 44.03 -7.47 -27.93
CA SER E 52 45.32 -7.71 -28.54
C SER E 52 45.19 -8.00 -30.03
N PHE E 53 44.01 -8.37 -30.49
CA PHE E 53 43.81 -8.70 -31.90
C PHE E 53 43.22 -7.53 -32.74
N ASP E 54 42.34 -6.75 -32.13
CA ASP E 54 41.67 -5.65 -32.83
C ASP E 54 41.24 -4.66 -31.76
N SER E 55 42.24 -3.99 -31.20
CA SER E 55 42.04 -3.06 -30.08
C SER E 55 40.96 -2.01 -30.30
N GLU E 56 40.94 -1.42 -31.48
CA GLU E 56 39.94 -0.43 -31.80
C GLU E 56 38.52 -1.01 -31.58
N LEU E 57 38.34 -2.28 -31.91
CA LEU E 57 37.04 -2.95 -31.76
C LEU E 57 36.74 -3.27 -30.31
N ALA E 58 37.77 -3.69 -29.58
CA ALA E 58 37.67 -3.99 -28.16
C ALA E 58 37.18 -2.79 -27.35
N HIS E 59 37.63 -1.60 -27.72
CA HIS E 59 37.19 -0.39 -27.03
C HIS E 59 35.78 0.00 -27.44
N GLU E 60 35.40 -0.34 -28.67
CA GLU E 60 34.03 -0.17 -29.15
C GLU E 60 33.02 -1.00 -28.37
N VAL E 61 33.44 -2.18 -27.93
CA VAL E 61 32.60 -3.04 -27.11
C VAL E 61 32.26 -2.31 -25.81
N ILE E 62 33.24 -1.66 -25.20
CA ILE E 62 32.99 -0.95 -23.95
C ILE E 62 32.20 0.33 -24.17
N GLU E 63 32.50 1.05 -25.25
CA GLU E 63 31.81 2.31 -25.56
C GLU E 63 30.37 2.11 -25.98
N ASN E 64 30.16 1.21 -26.93
CA ASN E 64 28.82 0.86 -27.36
C ASN E 64 28.56 -0.64 -27.18
N PRO E 65 28.36 -1.07 -25.93
CA PRO E 65 28.22 -2.51 -25.68
C PRO E 65 26.99 -3.11 -26.38
N GLU E 66 25.93 -2.32 -26.54
CA GLU E 66 24.72 -2.84 -27.15
C GLU E 66 24.99 -3.25 -28.60
N GLU E 67 25.58 -2.35 -29.38
CA GLU E 67 25.93 -2.64 -30.78
C GLU E 67 27.08 -3.65 -30.82
N GLY E 68 28.04 -3.48 -29.92
CA GLY E 68 29.21 -4.33 -29.90
C GLY E 68 28.84 -5.80 -29.72
N ILE E 69 28.07 -6.09 -28.67
CA ILE E 69 27.66 -7.44 -28.34
C ILE E 69 26.82 -7.99 -29.49
N SER E 70 25.84 -7.20 -29.95
CA SER E 70 24.97 -7.61 -31.06
C SER E 70 25.79 -8.01 -32.31
N ALA E 71 26.72 -7.16 -32.72
CA ALA E 71 27.64 -7.47 -33.83
C ALA E 71 28.39 -8.79 -33.63
N ALA E 72 28.98 -8.95 -32.46
CA ALA E 72 29.68 -10.18 -32.11
C ALA E 72 28.79 -11.42 -32.22
N GLU E 73 27.52 -11.27 -31.82
CA GLU E 73 26.58 -12.37 -31.89
C GLU E 73 26.23 -12.67 -33.34
N ASP E 74 26.02 -11.61 -34.13
CA ASP E 74 25.76 -11.74 -35.56
C ASP E 74 26.91 -12.41 -36.27
N ALA E 75 28.13 -12.12 -35.84
CA ALA E 75 29.31 -12.74 -36.42
C ALA E 75 29.36 -14.24 -36.13
N ILE E 76 29.16 -14.61 -34.86
CA ILE E 76 29.10 -16.03 -34.47
C ILE E 76 28.16 -16.78 -35.42
N GLN E 77 26.99 -16.18 -35.68
CA GLN E 77 25.98 -16.74 -36.54
C GLN E 77 26.52 -16.97 -37.94
N ILE E 78 27.21 -15.97 -38.49
CA ILE E 78 27.71 -16.13 -39.86
C ILE E 78 28.90 -17.07 -39.93
N VAL E 79 29.69 -17.19 -38.86
CA VAL E 79 30.75 -18.22 -38.84
C VAL E 79 30.15 -19.61 -38.80
N LEU E 80 29.04 -19.77 -38.08
CA LEU E 80 28.38 -21.08 -38.02
C LEU E 80 27.80 -21.47 -39.37
N ARG E 81 27.30 -20.48 -40.11
CA ARG E 81 26.75 -20.71 -41.45
C ARG E 81 27.82 -20.95 -42.50
N GLU E 82 28.77 -20.04 -42.59
CA GLU E 82 29.81 -20.12 -43.60
C GLU E 82 30.82 -21.24 -43.38
N ASP E 83 31.19 -21.50 -42.13
CA ASP E 83 32.27 -22.45 -41.84
C ASP E 83 31.82 -23.84 -41.38
N PHE E 84 30.56 -23.95 -40.94
CA PHE E 84 30.07 -25.20 -40.38
C PHE E 84 28.74 -25.63 -41.00
N GLN E 85 28.25 -24.78 -41.92
CA GLN E 85 26.98 -25.00 -42.63
C GLN E 85 25.84 -25.33 -41.67
N ARG E 86 25.79 -24.59 -40.56
CA ARG E 86 24.70 -24.72 -39.60
C ARG E 86 23.89 -23.39 -39.55
N GLU E 87 22.58 -23.51 -39.78
CA GLU E 87 21.68 -22.36 -39.78
C GLU E 87 20.75 -22.37 -38.57
N ASP E 88 20.19 -23.53 -38.26
CA ASP E 88 19.18 -23.69 -37.22
C ASP E 88 19.71 -23.58 -35.78
N VAL E 89 20.88 -22.99 -35.59
CA VAL E 89 21.60 -23.05 -34.30
C VAL E 89 20.91 -22.34 -33.15
N GLY E 90 20.10 -21.34 -33.47
CA GLY E 90 19.44 -20.52 -32.46
C GLY E 90 20.37 -19.46 -31.92
N LYS E 91 19.89 -18.72 -30.92
CA LYS E 91 20.66 -17.63 -30.32
C LYS E 91 21.90 -18.14 -29.56
N ILE E 92 23.05 -17.54 -29.86
CA ILE E 92 24.25 -17.82 -29.10
C ILE E 92 24.70 -16.46 -28.60
N HIS E 93 24.87 -16.33 -27.28
CA HIS E 93 25.26 -15.04 -26.68
C HIS E 93 26.76 -14.78 -26.78
N ALA E 94 27.13 -13.52 -26.94
CA ALA E 94 28.51 -13.15 -26.78
C ALA E 94 28.65 -12.53 -25.41
N ARG E 95 29.43 -13.19 -24.56
CA ARG E 95 29.62 -12.70 -23.19
C ARG E 95 31.09 -12.36 -22.96
N PHE E 96 31.37 -11.06 -22.91
CA PHE E 96 32.73 -10.58 -22.72
C PHE E 96 33.10 -10.59 -21.26
N TYR E 97 34.31 -11.04 -20.97
CA TYR E 97 34.81 -11.05 -19.59
C TYR E 97 36.24 -10.53 -19.55
N ASN E 98 36.74 -10.30 -18.34
CA ASN E 98 38.11 -9.82 -18.12
C ASN E 98 38.38 -8.44 -18.72
N LEU E 99 37.54 -7.46 -18.35
CA LEU E 99 37.71 -6.09 -18.83
C LEU E 99 38.94 -5.45 -18.16
N PRO E 100 39.41 -4.30 -18.68
CA PRO E 100 40.66 -3.76 -18.15
C PRO E 100 40.56 -3.21 -16.73
N GLU E 101 39.40 -2.66 -16.34
CA GLU E 101 39.22 -2.12 -14.99
C GLU E 101 38.12 -2.84 -14.21
N THR E 102 38.39 -3.15 -12.94
CA THR E 102 37.35 -3.66 -12.04
C THR E 102 36.85 -2.60 -11.04
N LEU E 103 35.60 -2.17 -11.20
CA LEU E 103 35.00 -1.24 -10.26
C LEU E 103 34.47 -1.91 -8.99
N MET E 104 34.53 -1.21 -7.85
CA MET E 104 33.75 -1.59 -6.69
C MET E 104 32.39 -0.98 -6.93
N VAL E 105 31.36 -1.45 -6.22
CA VAL E 105 30.01 -0.95 -6.47
C VAL E 105 29.95 0.57 -6.28
N LYS E 106 30.65 1.08 -5.26
CA LYS E 106 30.68 2.51 -4.96
C LYS E 106 31.36 3.35 -6.05
N ASP E 107 32.09 2.71 -6.95
CA ASP E 107 32.79 3.40 -8.04
C ASP E 107 31.88 3.64 -9.24
N ILE E 108 30.79 2.90 -9.31
CA ILE E 108 29.86 2.98 -10.45
C ILE E 108 29.21 4.36 -10.50
N GLY E 109 29.84 5.27 -11.24
CA GLY E 109 29.31 6.61 -11.45
C GLY E 109 28.42 6.67 -12.69
N ALA E 110 27.82 7.83 -12.93
CA ALA E 110 26.96 8.00 -14.09
C ALA E 110 27.73 8.14 -15.41
N GLU E 111 29.05 8.28 -15.35
CA GLU E 111 29.84 8.33 -16.58
C GLU E 111 29.92 6.95 -17.21
N HIS E 112 29.28 5.97 -16.57
CA HIS E 112 29.25 4.59 -17.03
C HIS E 112 27.96 4.23 -17.72
N ILE E 113 26.93 5.04 -17.51
CA ILE E 113 25.62 4.84 -18.13
C ILE E 113 25.74 4.42 -19.60
N ASN E 114 25.26 3.21 -19.87
CA ASN E 114 25.24 2.59 -21.20
C ASN E 114 26.61 2.22 -21.73
N LYS E 115 27.53 1.95 -20.82
CA LYS E 115 28.81 1.39 -21.19
C LYS E 115 28.93 -0.01 -20.56
N LEU E 116 29.96 -0.76 -20.94
CA LEU E 116 30.16 -2.07 -20.33
C LEU E 116 31.13 -1.91 -19.18
N ILE E 117 30.63 -2.09 -17.95
CA ILE E 117 31.50 -2.01 -16.77
C ILE E 117 31.75 -3.40 -16.19
N GLN E 118 32.81 -3.52 -15.40
CA GLN E 118 33.10 -4.77 -14.72
C GLN E 118 33.15 -4.53 -13.23
N VAL E 119 32.31 -5.23 -12.47
CA VAL E 119 32.15 -4.96 -11.05
C VAL E 119 32.40 -6.21 -10.23
N GLU E 120 33.13 -6.03 -9.13
CA GLU E 120 33.33 -7.08 -8.12
C GLU E 120 32.52 -6.77 -6.88
N GLY E 121 31.84 -7.77 -6.36
CA GLY E 121 31.02 -7.61 -5.17
C GLY E 121 30.55 -8.90 -4.54
N ILE E 122 29.70 -8.79 -3.54
CA ILE E 122 29.12 -9.96 -2.94
C ILE E 122 27.61 -9.92 -3.14
N VAL E 123 27.05 -11.05 -3.56
CA VAL E 123 25.61 -11.16 -3.79
C VAL E 123 24.86 -11.09 -2.47
N THR E 124 24.04 -10.06 -2.32
CA THR E 124 23.19 -9.83 -1.16
C THR E 124 21.87 -10.58 -1.31
N ARG E 125 21.31 -10.56 -2.53
CA ARG E 125 20.01 -11.20 -2.80
C ARG E 125 19.96 -11.78 -4.18
N VAL E 126 19.08 -12.76 -4.37
CA VAL E 126 18.72 -13.26 -5.69
C VAL E 126 17.20 -13.37 -5.74
N GLY E 127 16.62 -13.05 -6.88
CA GLY E 127 15.17 -13.15 -7.03
C GLY E 127 14.76 -14.56 -7.40
N GLU E 128 13.46 -14.79 -7.55
CA GLU E 128 12.97 -16.06 -8.06
C GLU E 128 13.09 -16.01 -9.57
N ILE E 129 13.24 -17.17 -10.17
CA ILE E 129 13.39 -17.28 -11.62
C ILE E 129 12.02 -17.17 -12.30
N LYS E 130 11.87 -16.17 -13.17
CA LYS E 130 10.60 -15.92 -13.88
C LYS E 130 10.83 -15.87 -15.38
N PRO E 131 9.77 -16.09 -16.17
CA PRO E 131 9.87 -15.92 -17.62
C PRO E 131 9.68 -14.48 -18.06
N PHE E 132 10.71 -13.91 -18.67
CA PHE E 132 10.67 -12.58 -19.23
C PHE E 132 10.30 -12.67 -20.71
N VAL E 133 9.33 -11.86 -21.11
CA VAL E 133 8.83 -11.83 -22.47
C VAL E 133 9.81 -11.04 -23.33
N SER E 134 10.84 -11.71 -23.85
CA SER E 134 11.88 -11.00 -24.59
C SER E 134 11.38 -10.48 -25.93
N VAL E 135 10.36 -11.15 -26.46
CA VAL E 135 9.73 -10.73 -27.68
C VAL E 135 8.23 -10.87 -27.53
N ALA E 136 7.55 -9.73 -27.53
CA ALA E 136 6.09 -9.70 -27.47
C ALA E 136 5.54 -9.75 -28.87
N VAL E 137 4.59 -10.63 -29.09
CA VAL E 137 3.91 -10.69 -30.37
C VAL E 137 2.45 -10.30 -30.17
N PHE E 138 2.05 -9.22 -30.83
CA PHE E 138 0.68 -8.74 -30.76
C PHE E 138 -0.08 -9.17 -31.99
N VAL E 139 -1.34 -9.54 -31.79
CA VAL E 139 -2.20 -10.05 -32.87
C VAL E 139 -3.53 -9.31 -32.92
N CYS E 140 -3.84 -8.76 -34.11
CA CYS E 140 -5.11 -8.07 -34.35
C CYS E 140 -6.28 -9.05 -34.45
N LYS E 141 -7.34 -8.77 -33.69
CA LYS E 141 -8.50 -9.64 -33.68
C LYS E 141 -9.39 -9.45 -34.92
N ASP E 142 -9.10 -8.42 -35.71
CA ASP E 142 -9.84 -8.12 -36.93
C ASP E 142 -9.19 -8.70 -38.18
N CYS E 143 -8.02 -8.17 -38.57
CA CYS E 143 -7.35 -8.69 -39.76
C CYS E 143 -6.42 -9.89 -39.51
N GLY E 144 -6.18 -10.20 -38.23
CA GLY E 144 -5.27 -11.28 -37.85
C GLY E 144 -3.80 -10.95 -38.12
N HIS E 145 -3.49 -9.66 -38.21
CA HIS E 145 -2.12 -9.20 -38.47
C HIS E 145 -1.25 -9.39 -37.24
N GLU E 146 0.02 -9.74 -37.47
CA GLU E 146 0.96 -9.96 -36.39
C GLU E 146 2.01 -8.87 -36.36
N MET E 147 2.19 -8.29 -35.17
CA MET E 147 3.27 -7.31 -34.92
C MET E 147 4.30 -7.76 -33.86
N ILE E 148 5.55 -7.89 -34.29
CA ILE E 148 6.62 -8.29 -33.40
C ILE E 148 7.17 -7.05 -32.68
N VAL E 149 7.32 -7.13 -31.35
CA VAL E 149 7.86 -6.03 -30.58
C VAL E 149 8.86 -6.54 -29.56
N PRO E 150 10.17 -6.33 -29.81
CA PRO E 150 11.13 -6.83 -28.80
C PRO E 150 11.11 -6.01 -27.53
N GLN E 151 11.46 -6.61 -26.40
CA GLN E 151 11.40 -5.92 -25.13
C GLN E 151 12.77 -5.83 -24.50
N LYS E 152 12.87 -5.06 -23.43
CA LYS E 152 14.13 -4.92 -22.70
C LYS E 152 13.77 -5.23 -21.23
N PRO E 153 14.60 -6.03 -20.55
CA PRO E 153 14.25 -6.50 -19.19
C PRO E 153 14.26 -5.42 -18.11
N TYR E 154 14.67 -4.20 -18.46
CA TYR E 154 14.71 -3.08 -17.51
C TYR E 154 13.65 -2.02 -17.77
N GLU E 155 13.04 -2.07 -18.97
CA GLU E 155 11.93 -1.19 -19.33
C GLU E 155 10.58 -1.89 -19.31
N SER E 156 9.53 -1.11 -19.01
CA SER E 156 8.16 -1.60 -19.02
C SER E 156 7.71 -2.06 -20.40
N LEU E 157 6.65 -2.86 -20.43
CA LEU E 157 6.18 -3.46 -21.66
C LEU E 157 5.81 -2.42 -22.71
N GLU E 158 6.44 -2.52 -23.87
CA GLU E 158 6.10 -1.67 -24.99
C GLU E 158 4.97 -2.31 -25.78
N LYS E 159 3.76 -1.81 -25.55
CA LYS E 159 2.54 -2.30 -26.22
C LYS E 159 2.40 -1.71 -27.61
N VAL E 160 1.32 -2.09 -28.30
CA VAL E 160 0.89 -1.40 -29.52
C VAL E 160 -0.55 -0.93 -29.32
N LYS E 161 -0.79 0.33 -29.71
CA LYS E 161 -2.09 0.98 -29.55
C LYS E 161 -3.09 0.55 -30.64
N LYS E 162 -2.64 0.58 -31.90
CA LYS E 162 -3.45 0.23 -33.05
C LYS E 162 -2.69 -0.63 -34.08
N CYS E 163 -3.45 -1.47 -34.80
CA CYS E 163 -2.94 -2.33 -35.88
C CYS E 163 -2.16 -1.56 -36.96
N GLU E 164 -0.96 -2.05 -37.29
CA GLU E 164 -0.14 -1.35 -38.27
C GLU E 164 -0.58 -1.60 -39.72
N GLN E 165 -1.64 -2.37 -39.88
CA GLN E 165 -2.13 -2.74 -41.21
C GLN E 165 -3.55 -2.26 -41.47
N CYS E 166 -4.45 -2.51 -40.53
CA CYS E 166 -5.85 -2.07 -40.65
C CYS E 166 -6.24 -1.01 -39.62
N GLY E 167 -5.25 -0.35 -39.02
CA GLY E 167 -5.48 0.74 -38.06
C GLY E 167 -6.41 0.48 -36.88
N SER E 168 -6.84 -0.78 -36.73
CA SER E 168 -7.79 -1.17 -35.69
C SER E 168 -7.20 -1.13 -34.28
N LYS E 169 -8.00 -0.61 -33.34
CA LYS E 169 -7.60 -0.54 -31.93
C LYS E 169 -8.06 -1.78 -31.15
N ASN E 170 -8.09 -2.91 -31.85
CA ASN E 170 -8.48 -4.20 -31.27
C ASN E 170 -7.34 -5.26 -31.38
N ILE E 171 -6.23 -4.97 -30.69
CA ILE E 171 -5.09 -5.88 -30.63
C ILE E 171 -4.82 -6.35 -29.19
N GLU E 172 -4.37 -7.59 -29.05
CA GLU E 172 -3.92 -8.13 -27.78
C GLU E 172 -2.60 -8.88 -27.97
N LEU E 173 -1.86 -9.01 -26.88
CA LEU E 173 -0.64 -9.81 -26.86
C LEU E 173 -0.97 -11.29 -26.96
N ASP E 174 -0.36 -11.98 -27.92
CA ASP E 174 -0.54 -13.41 -28.09
C ASP E 174 0.53 -14.11 -27.31
N VAL E 175 0.08 -14.70 -26.22
CA VAL E 175 0.92 -15.37 -25.26
C VAL E 175 1.72 -16.57 -25.83
N ASN E 176 1.17 -17.23 -26.84
CA ASN E 176 1.85 -18.33 -27.53
C ASN E 176 2.87 -17.88 -28.55
N LYS E 177 2.57 -16.82 -29.30
CA LYS E 177 3.45 -16.34 -30.34
C LYS E 177 4.62 -15.59 -29.74
N SER E 178 4.44 -15.07 -28.53
CA SER E 178 5.51 -14.38 -27.82
C SER E 178 6.61 -15.32 -27.36
N SER E 179 7.84 -14.84 -27.35
CA SER E 179 8.97 -15.64 -26.89
C SER E 179 9.34 -15.24 -25.47
N ALA E 180 9.58 -16.22 -24.62
CA ALA E 180 9.98 -15.97 -23.25
C ALA E 180 11.32 -16.61 -22.89
N VAL E 181 12.13 -15.90 -22.10
CA VAL E 181 13.40 -16.45 -21.61
C VAL E 181 13.46 -16.36 -20.09
N ASN E 182 14.37 -17.11 -19.48
CA ASN E 182 14.56 -16.99 -18.03
C ASN E 182 15.08 -15.64 -17.61
N PHE E 183 14.67 -15.23 -16.42
CA PHE E 183 14.99 -13.92 -15.87
C PHE E 183 15.24 -14.13 -14.39
N GLN E 184 16.21 -13.43 -13.85
CA GLN E 184 16.44 -13.47 -12.42
C GLN E 184 17.12 -12.18 -11.98
N SER E 185 16.52 -11.51 -11.00
CA SER E 185 17.15 -10.33 -10.41
C SER E 185 18.11 -10.74 -9.30
N PHE E 186 19.11 -9.90 -9.06
CA PHE E 186 20.02 -10.14 -7.95
C PHE E 186 20.59 -8.80 -7.54
N ARG E 187 21.23 -8.77 -6.38
CA ARG E 187 21.85 -7.56 -5.84
C ARG E 187 23.24 -7.87 -5.36
N ILE E 188 24.21 -7.06 -5.77
CA ILE E 188 25.54 -7.16 -5.19
C ILE E 188 25.88 -5.87 -4.49
N GLN E 189 26.75 -5.96 -3.49
CA GLN E 189 27.29 -4.78 -2.84
C GLN E 189 28.74 -5.02 -2.46
N ASP E 190 29.46 -3.96 -2.13
CA ASP E 190 30.83 -4.07 -1.65
C ASP E 190 30.82 -4.73 -0.27
N ARG E 191 31.82 -5.54 0.00
CA ARG E 191 31.93 -6.13 1.33
C ARG E 191 32.50 -5.09 2.27
N PRO E 192 32.05 -5.09 3.53
CA PRO E 192 32.55 -4.16 4.54
C PRO E 192 34.07 -4.12 4.67
N GLU E 193 34.73 -5.29 4.62
CA GLU E 193 36.19 -5.40 4.64
C GLU E 193 36.86 -4.52 3.60
N THR E 194 36.19 -4.26 2.48
CA THR E 194 36.78 -3.43 1.43
C THR E 194 36.61 -1.95 1.70
N LEU E 195 35.83 -1.61 2.72
CA LEU E 195 35.52 -0.21 3.00
C LEU E 195 36.16 0.24 4.31
N LYS E 196 36.00 1.53 4.61
CA LYS E 196 36.45 2.08 5.88
C LYS E 196 35.50 1.69 7.01
N GLY E 197 35.98 1.76 8.25
CA GLY E 197 35.14 1.47 9.42
C GLY E 197 33.93 2.38 9.45
N GLY E 198 32.78 1.79 9.80
CA GLY E 198 31.51 2.51 9.87
C GLY E 198 31.04 3.17 8.58
N GLU E 199 31.57 2.70 7.45
CA GLU E 199 31.13 3.17 6.13
C GLU E 199 29.96 2.32 5.69
N MET E 200 28.91 2.98 5.24
CA MET E 200 27.73 2.31 4.70
C MET E 200 28.01 1.74 3.30
N PRO E 201 27.97 0.40 3.15
CA PRO E 201 28.21 -0.22 1.85
C PRO E 201 27.12 0.16 0.85
N ARG E 202 27.50 0.30 -0.41
CA ARG E 202 26.55 0.58 -1.48
C ARG E 202 26.28 -0.65 -2.31
N PHE E 203 25.11 -0.66 -2.96
CA PHE E 203 24.68 -1.83 -3.72
C PHE E 203 24.15 -1.44 -5.10
N ILE E 204 23.92 -2.45 -5.93
CA ILE E 204 23.31 -2.28 -7.24
C ILE E 204 22.52 -3.54 -7.60
N ASP E 205 21.39 -3.35 -8.26
CA ASP E 205 20.58 -4.49 -8.69
C ASP E 205 20.88 -4.83 -10.14
N GLY E 206 20.95 -6.13 -10.41
CA GLY E 206 21.23 -6.61 -11.75
C GLY E 206 20.12 -7.49 -12.30
N ILE E 207 20.28 -7.80 -13.59
CA ILE E 207 19.41 -8.74 -14.27
C ILE E 207 20.24 -9.84 -14.93
N LEU E 208 19.85 -11.09 -14.69
CA LEU E 208 20.44 -12.21 -15.41
C LEU E 208 19.39 -12.78 -16.34
N LEU E 209 19.74 -13.02 -17.60
CA LEU E 209 18.80 -13.60 -18.53
C LEU E 209 19.29 -14.93 -19.06
N ASP E 210 18.35 -15.70 -19.61
CA ASP E 210 18.62 -16.93 -20.35
C ASP E 210 19.44 -17.95 -19.57
N ASP E 211 20.64 -18.22 -20.05
CA ASP E 211 21.48 -19.31 -19.51
C ASP E 211 22.40 -18.93 -18.35
N ILE E 212 22.43 -17.64 -17.98
CA ILE E 212 23.24 -17.22 -16.84
C ILE E 212 22.36 -16.95 -15.61
N VAL E 213 21.09 -17.33 -15.73
CA VAL E 213 20.17 -17.35 -14.61
C VAL E 213 20.59 -18.44 -13.61
N ASP E 214 20.41 -18.17 -12.32
CA ASP E 214 20.57 -19.19 -11.28
C ASP E 214 22.00 -19.72 -11.21
N VAL E 215 22.97 -18.85 -11.40
CA VAL E 215 24.38 -19.26 -11.31
C VAL E 215 25.05 -18.71 -10.06
N ALA E 216 24.29 -17.95 -9.28
CA ALA E 216 24.82 -17.35 -8.09
C ALA E 216 23.80 -17.38 -6.97
N LEU E 217 24.30 -17.59 -5.75
CA LEU E 217 23.48 -17.59 -4.54
C LEU E 217 23.91 -16.44 -3.65
N PRO E 218 23.09 -16.07 -2.66
CA PRO E 218 23.54 -15.02 -1.74
C PRO E 218 24.77 -15.47 -0.96
N GLY E 219 25.67 -14.53 -0.71
CA GLY E 219 26.94 -14.85 -0.06
C GLY E 219 28.07 -15.08 -1.03
N ASP E 220 27.75 -15.40 -2.29
CA ASP E 220 28.74 -15.56 -3.36
C ASP E 220 29.46 -14.27 -3.69
N ARG E 221 30.75 -14.40 -3.96
CA ARG E 221 31.60 -13.29 -4.36
C ARG E 221 31.82 -13.37 -5.87
N VAL E 222 31.31 -12.39 -6.61
CA VAL E 222 31.26 -12.51 -8.05
C VAL E 222 31.99 -11.37 -8.76
N ILE E 223 32.43 -11.63 -9.99
CA ILE E 223 32.83 -10.57 -10.90
C ILE E 223 31.89 -10.59 -12.08
N VAL E 224 31.07 -9.54 -12.17
CA VAL E 224 30.13 -9.44 -13.27
C VAL E 224 30.58 -8.36 -14.24
N THR E 225 30.27 -8.54 -15.52
CA THR E 225 30.44 -7.49 -16.49
C THR E 225 29.01 -7.26 -16.96
N GLY E 226 28.71 -6.05 -17.39
CA GLY E 226 27.37 -5.76 -17.87
C GLY E 226 27.22 -4.32 -18.28
N ILE E 227 26.12 -4.04 -18.96
CA ILE E 227 25.83 -2.67 -19.33
C ILE E 227 25.13 -2.02 -18.14
N LEU E 228 25.58 -0.84 -17.74
CA LEU E 228 24.89 -0.08 -16.70
C LEU E 228 23.71 0.65 -17.32
N ARG E 229 22.52 0.37 -16.84
CA ARG E 229 21.31 1.01 -17.34
C ARG E 229 20.74 1.88 -16.26
N VAL E 230 20.12 2.99 -16.65
CA VAL E 230 19.40 3.79 -15.67
C VAL E 230 17.98 4.01 -16.13
N VAL E 231 17.05 3.87 -15.21
CA VAL E 231 15.68 4.16 -15.51
C VAL E 231 15.19 5.12 -14.42
N LEU E 232 14.15 5.91 -14.70
CA LEU E 232 13.66 6.87 -13.71
C LEU E 232 13.00 6.18 -12.51
N GLU E 233 13.50 6.45 -11.30
CA GLU E 233 13.02 5.78 -10.10
C GLU E 233 11.68 6.37 -9.78
N LYS E 234 10.64 5.53 -9.75
CA LYS E 234 9.27 6.00 -9.49
C LYS E 234 8.97 6.16 -8.00
N ARG E 235 9.83 5.57 -7.17
CA ARG E 235 9.80 5.69 -5.71
C ARG E 235 10.01 7.13 -5.21
N GLU E 236 10.80 7.91 -5.96
CA GLU E 236 11.12 9.29 -5.59
C GLU E 236 10.18 10.31 -6.26
N LYS E 237 10.01 11.46 -5.62
CA LYS E 237 9.21 12.56 -6.17
C LYS E 237 9.95 13.17 -7.37
N THR E 238 11.16 13.63 -7.08
CA THR E 238 12.05 14.25 -8.05
C THR E 238 12.69 13.20 -9.00
N PRO E 239 13.22 13.64 -10.16
CA PRO E 239 13.88 12.70 -11.08
C PRO E 239 15.23 12.13 -10.58
N ILE E 240 15.20 10.89 -10.14
CA ILE E 240 16.39 10.18 -9.71
C ILE E 240 16.55 8.96 -10.62
N PHE E 241 17.78 8.64 -11.01
CA PHE E 241 18.03 7.42 -11.76
C PHE E 241 18.17 6.25 -10.82
N ARG E 242 17.58 5.13 -11.22
CA ARG E 242 17.76 3.88 -10.51
C ARG E 242 18.70 3.04 -11.36
N LYS E 243 19.89 2.75 -10.85
CA LYS E 243 20.84 1.96 -11.62
C LYS E 243 20.42 0.49 -11.68
N ILE E 244 20.59 -0.11 -12.86
CA ILE E 244 20.37 -1.54 -13.05
C ILE E 244 21.52 -2.10 -13.87
N LEU E 245 22.09 -3.22 -13.45
CA LEU E 245 23.18 -3.82 -14.20
C LEU E 245 22.64 -4.95 -15.05
N GLU E 246 22.60 -4.74 -16.36
CA GLU E 246 22.16 -5.77 -17.29
C GLU E 246 23.37 -6.63 -17.60
N VAL E 247 23.47 -7.78 -16.91
CA VAL E 247 24.67 -8.60 -16.88
C VAL E 247 24.98 -9.26 -18.21
N ASN E 248 26.21 -9.07 -18.68
CA ASN E 248 26.68 -9.74 -19.87
C ASN E 248 27.43 -11.04 -19.55
N HIS E 249 28.23 -11.01 -18.48
CA HIS E 249 29.00 -12.18 -18.05
C HIS E 249 29.16 -12.16 -16.54
N ILE E 250 29.05 -13.33 -15.92
CA ILE E 250 29.24 -13.46 -14.48
C ILE E 250 30.01 -14.73 -14.14
N GLU E 251 30.95 -14.59 -13.22
CA GLU E 251 31.74 -15.71 -12.72
C GLU E 251 32.16 -15.40 -11.30
N PRO E 252 32.34 -16.45 -10.47
CA PRO E 252 32.84 -16.26 -9.10
C PRO E 252 34.30 -15.83 -9.10
N VAL E 253 34.74 -15.19 -8.02
CA VAL E 253 36.13 -14.76 -7.92
C VAL E 253 36.95 -15.90 -7.26
N SER E 254 38.27 -15.87 -7.45
CA SER E 254 39.14 -16.89 -6.85
C SER E 254 40.42 -16.31 -6.24
N SER F 1 25.00 59.63 47.90
CA SER F 1 24.51 59.79 46.50
C SER F 1 23.73 61.10 46.32
N VAL F 2 23.05 61.23 45.18
CA VAL F 2 22.38 62.48 44.81
C VAL F 2 20.87 62.28 44.65
N ASP F 3 20.07 63.10 45.33
CA ASP F 3 18.62 63.14 45.12
C ASP F 3 18.33 63.82 43.78
N ARG F 4 17.18 63.50 43.18
CA ARG F 4 16.91 63.93 41.81
C ARG F 4 16.77 65.43 41.61
N GLU F 5 16.30 66.14 42.64
CA GLU F 5 16.21 67.60 42.63
C GLU F 5 17.55 68.24 42.29
N GLU F 6 18.57 67.77 42.99
CA GLU F 6 19.93 68.28 42.83
C GLU F 6 20.57 67.82 41.54
N MET F 7 20.21 66.61 41.07
CA MET F 7 20.74 66.09 39.80
C MET F 7 20.35 66.97 38.62
N ILE F 8 19.07 67.37 38.59
CA ILE F 8 18.58 68.19 37.49
C ILE F 8 19.44 69.43 37.36
N GLU F 9 19.73 70.08 38.49
CA GLU F 9 20.61 71.26 38.51
C GLU F 9 22.03 70.94 38.05
N ARG F 10 22.63 69.89 38.62
CA ARG F 10 24.00 69.46 38.27
C ARG F 10 24.13 69.11 36.78
N PHE F 11 23.05 68.55 36.21
CA PHE F 11 23.00 68.24 34.77
C PHE F 11 22.83 69.49 33.92
N ALA F 12 21.92 70.35 34.34
CA ALA F 12 21.67 71.61 33.64
C ALA F 12 22.94 72.46 33.60
N ASN F 13 23.73 72.39 34.67
CA ASN F 13 25.07 72.97 34.67
C ASN F 13 25.86 72.33 33.56
N PHE F 14 26.16 71.04 33.72
CA PHE F 14 26.93 70.29 32.73
C PHE F 14 26.59 70.68 31.28
N LEU F 15 25.31 70.68 30.94
CA LEU F 15 24.88 70.97 29.58
C LEU F 15 25.31 72.37 29.12
N ARG F 16 25.08 73.37 29.97
CA ARG F 16 25.49 74.76 29.70
C ARG F 16 27.02 74.93 29.82
N GLU F 17 27.56 74.47 30.94
CA GLU F 17 28.97 74.69 31.30
C GLU F 17 30.00 73.95 30.46
N TYR F 18 29.81 72.64 30.22
CA TYR F 18 30.88 71.84 29.62
C TYR F 18 31.37 72.39 28.29
N THR F 19 32.69 72.48 28.20
CA THR F 19 33.41 72.91 26.99
C THR F 19 34.56 71.95 26.69
N ASP F 20 34.74 71.65 25.40
CA ASP F 20 35.76 70.69 24.98
C ASP F 20 37.15 71.30 25.01
N GLU F 21 38.10 70.55 24.44
CA GLU F 21 39.52 70.93 24.33
C GLU F 21 39.71 72.25 23.57
N ASP F 22 38.66 72.71 22.90
CA ASP F 22 38.67 73.95 22.12
C ASP F 22 37.77 75.05 22.71
N GLY F 23 37.17 74.79 23.86
CA GLY F 23 36.31 75.77 24.52
C GLY F 23 34.92 75.98 23.94
N ASN F 24 34.44 75.04 23.11
CA ASN F 24 33.06 75.07 22.61
C ASN F 24 32.08 74.43 23.59
N PRO F 25 30.89 75.04 23.77
CA PRO F 25 29.92 74.43 24.65
C PRO F 25 29.16 73.28 23.94
N VAL F 26 29.88 72.20 23.66
CA VAL F 26 29.35 71.04 22.92
C VAL F 26 27.85 70.80 23.11
N TYR F 27 27.43 70.69 24.36
CA TYR F 27 26.06 70.27 24.66
C TYR F 27 25.04 71.37 24.45
N ARG F 28 25.51 72.62 24.55
CA ARG F 28 24.72 73.76 24.10
C ARG F 28 24.45 73.63 22.60
N GLY F 29 25.49 73.24 21.86
CA GLY F 29 25.40 72.98 20.43
C GLY F 29 24.35 71.93 20.13
N LYS F 30 24.55 70.73 20.68
CA LYS F 30 23.61 69.63 20.50
C LYS F 30 22.17 70.00 20.83
N ILE F 31 21.98 70.84 21.84
CA ILE F 31 20.63 71.24 22.26
C ILE F 31 19.95 72.11 21.21
N THR F 32 20.73 72.95 20.54
CA THR F 32 20.17 73.79 19.48
C THR F 32 19.76 72.99 18.25
N ASP F 33 20.50 71.91 17.98
CA ASP F 33 20.19 70.99 16.88
C ASP F 33 18.86 70.27 17.07
N LEU F 34 18.17 70.57 18.16
CA LEU F 34 16.83 70.05 18.38
C LEU F 34 15.79 71.08 17.92
N LEU F 35 16.26 72.24 17.47
CA LEU F 35 15.41 73.36 17.07
C LEU F 35 15.44 73.63 15.56
N THR F 36 16.20 72.82 14.83
CA THR F 36 16.24 72.86 13.35
C THR F 36 14.86 72.58 12.77
N ILE F 37 14.61 73.07 11.55
CA ILE F 37 13.43 72.67 10.77
C ILE F 37 13.24 71.16 10.90
N THR F 38 14.33 70.42 10.64
CA THR F 38 14.36 68.97 10.73
C THR F 38 15.31 68.54 11.88
N PRO F 39 14.74 68.22 13.06
CA PRO F 39 15.45 68.15 14.33
C PRO F 39 15.73 66.74 14.85
N LYS F 40 16.58 66.64 15.87
CA LYS F 40 16.78 65.38 16.61
C LYS F 40 15.92 65.33 17.87
N ARG F 41 15.50 64.13 18.28
CA ARG F 41 14.74 63.94 19.52
C ARG F 41 15.63 63.45 20.67
N SER F 42 16.93 63.45 20.44
CA SER F 42 17.88 62.93 21.42
C SER F 42 19.13 63.80 21.54
N VAL F 43 19.76 63.73 22.69
CA VAL F 43 21.04 64.38 22.92
C VAL F 43 21.99 63.29 23.39
N ALA F 44 23.00 62.97 22.58
CA ALA F 44 23.94 61.91 22.93
C ALA F 44 25.01 62.49 23.84
N ILE F 45 24.97 62.13 25.12
CA ILE F 45 25.96 62.63 26.08
C ILE F 45 27.08 61.62 26.24
N ASP F 46 28.31 62.06 25.96
CA ASP F 46 29.50 61.24 26.15
C ASP F 46 29.79 61.12 27.63
N TRP F 47 29.86 59.90 28.14
CA TRP F 47 30.01 59.69 29.59
C TRP F 47 31.32 60.28 30.09
N MET F 48 32.37 60.17 29.29
CA MET F 48 33.68 60.70 29.65
C MET F 48 33.60 62.19 29.91
N HIS F 49 32.87 62.93 29.07
CA HIS F 49 32.62 64.35 29.29
C HIS F 49 31.99 64.59 30.67
N LEU F 50 30.86 63.94 30.93
CA LEU F 50 30.18 64.09 32.21
C LEU F 50 31.07 63.69 33.36
N ASN F 51 31.95 62.72 33.11
CA ASN F 51 32.83 62.27 34.18
C ASN F 51 33.92 63.27 34.55
N SER F 52 34.63 63.78 33.54
CA SER F 52 35.68 64.75 33.76
C SER F 52 35.14 66.08 34.33
N PHE F 53 33.83 66.27 34.28
CA PHE F 53 33.22 67.52 34.71
C PHE F 53 32.48 67.42 36.05
N ASP F 54 31.86 66.27 36.31
CA ASP F 54 31.06 66.10 37.53
C ASP F 54 31.09 64.62 37.89
N SER F 55 32.29 64.14 38.17
CA SER F 55 32.57 62.73 38.39
C SER F 55 31.57 61.99 39.27
N GLU F 56 31.03 62.68 40.27
CA GLU F 56 30.07 62.09 41.19
C GLU F 56 28.76 61.78 40.49
N LEU F 57 28.29 62.71 39.65
CA LEU F 57 27.05 62.55 38.88
C LEU F 57 27.19 61.51 37.78
N ALA F 58 28.36 61.50 37.13
CA ALA F 58 28.66 60.50 36.12
C ALA F 58 28.61 59.08 36.70
N HIS F 59 29.19 58.90 37.88
CA HIS F 59 29.14 57.63 38.57
C HIS F 59 27.70 57.31 38.98
N GLU F 60 26.90 58.35 39.18
CA GLU F 60 25.50 58.19 39.55
C GLU F 60 24.59 57.67 38.44
N VAL F 61 24.86 58.06 37.18
CA VAL F 61 23.99 57.57 36.08
C VAL F 61 24.18 56.08 35.89
N ILE F 62 25.34 55.57 36.29
CA ILE F 62 25.60 54.14 36.20
C ILE F 62 24.92 53.36 37.32
N GLU F 63 24.96 53.89 38.54
CA GLU F 63 24.35 53.21 39.68
C GLU F 63 22.83 53.32 39.66
N ASN F 64 22.34 54.49 39.23
CA ASN F 64 20.90 54.72 39.12
C ASN F 64 20.49 55.27 37.77
N PRO F 65 20.65 54.45 36.72
CA PRO F 65 20.42 54.94 35.37
C PRO F 65 19.03 55.53 35.19
N GLU F 66 18.01 54.95 35.83
CA GLU F 66 16.64 55.40 35.61
C GLU F 66 16.41 56.85 36.05
N GLU F 67 16.92 57.21 37.23
CA GLU F 67 16.80 58.58 37.76
C GLU F 67 17.81 59.48 37.09
N GLY F 68 19.01 58.94 36.89
CA GLY F 68 20.05 59.65 36.17
C GLY F 68 19.54 60.15 34.82
N ILE F 69 19.11 59.23 33.96
CA ILE F 69 18.59 59.56 32.64
C ILE F 69 17.43 60.53 32.76
N SER F 70 16.50 60.21 33.64
CA SER F 70 15.31 61.04 33.86
C SER F 70 15.66 62.47 34.24
N ALA F 71 16.61 62.64 35.16
CA ALA F 71 17.04 63.97 35.60
C ALA F 71 17.70 64.79 34.49
N ALA F 72 18.60 64.16 33.74
CA ALA F 72 19.22 64.78 32.58
C ALA F 72 18.17 65.21 31.56
N GLU F 73 17.13 64.41 31.39
CA GLU F 73 16.09 64.76 30.43
C GLU F 73 15.27 65.94 30.92
N ASP F 74 15.18 66.09 32.24
CA ASP F 74 14.53 67.23 32.87
C ASP F 74 15.36 68.50 32.69
N ALA F 75 16.68 68.36 32.78
CA ALA F 75 17.61 69.47 32.58
C ALA F 75 17.62 69.93 31.14
N ILE F 76 17.66 69.00 30.20
CA ILE F 76 17.54 69.35 28.80
C ILE F 76 16.27 70.19 28.62
N GLN F 77 15.19 69.78 29.30
CA GLN F 77 13.89 70.43 29.15
C GLN F 77 13.84 71.84 29.73
N ILE F 78 14.57 72.06 30.83
CA ILE F 78 14.63 73.41 31.43
C ILE F 78 15.60 74.34 30.69
N VAL F 79 16.68 73.79 30.15
CA VAL F 79 17.59 74.57 29.30
C VAL F 79 16.91 75.00 28.00
N LEU F 80 15.95 74.22 27.52
CA LEU F 80 15.16 74.65 26.38
C LEU F 80 14.26 75.83 26.78
N ARG F 81 13.54 75.65 27.88
CA ARG F 81 12.61 76.66 28.37
C ARG F 81 13.33 77.95 28.75
N GLU F 82 14.42 77.83 29.51
CA GLU F 82 15.11 78.99 30.06
C GLU F 82 16.07 79.69 29.09
N ASP F 83 16.83 78.92 28.32
CA ASP F 83 17.86 79.50 27.45
C ASP F 83 17.44 79.71 25.99
N PHE F 84 16.26 79.21 25.61
CA PHE F 84 15.82 79.30 24.22
C PHE F 84 14.33 79.60 24.05
N GLN F 85 13.66 79.83 25.19
CA GLN F 85 12.22 80.12 25.24
C GLN F 85 11.41 79.10 24.46
N ARG F 86 11.62 77.82 24.78
CA ARG F 86 10.95 76.73 24.09
C ARG F 86 10.48 75.67 25.07
N GLU F 87 9.17 75.51 25.16
CA GLU F 87 8.57 74.53 26.04
C GLU F 87 7.52 73.76 25.28
N ASP F 88 7.72 73.67 23.96
CA ASP F 88 6.79 73.01 23.07
C ASP F 88 7.49 71.86 22.37
N VAL F 89 8.74 71.61 22.75
CA VAL F 89 9.61 70.68 22.01
C VAL F 89 9.22 69.22 22.22
N GLY F 90 8.71 68.90 23.41
CA GLY F 90 8.31 67.53 23.73
C GLY F 90 9.49 66.69 24.18
N LYS F 91 9.26 65.38 24.31
CA LYS F 91 10.25 64.50 24.91
C LYS F 91 11.57 64.51 24.13
N ILE F 92 12.66 64.79 24.85
CA ILE F 92 14.02 64.68 24.33
C ILE F 92 14.81 63.69 25.19
N HIS F 93 15.25 62.59 24.57
CA HIS F 93 15.97 61.52 25.26
C HIS F 93 17.38 61.96 25.58
N ALA F 94 17.87 61.56 26.75
CA ALA F 94 19.28 61.71 27.07
C ALA F 94 19.93 60.35 26.96
N ARG F 95 20.79 60.19 25.96
CA ARG F 95 21.37 58.88 25.66
C ARG F 95 22.86 58.87 25.94
N PHE F 96 23.26 58.15 26.99
CA PHE F 96 24.65 58.08 27.43
C PHE F 96 25.44 57.03 26.69
N TYR F 97 26.63 57.39 26.23
CA TYR F 97 27.49 56.47 25.52
C TYR F 97 28.94 56.60 25.99
N ASN F 98 29.78 55.68 25.51
CA ASN F 98 31.20 55.67 25.89
C ASN F 98 31.37 55.54 27.40
N LEU F 99 30.82 54.46 27.95
CA LEU F 99 30.91 54.16 29.37
C LEU F 99 32.29 53.60 29.70
N PRO F 100 32.67 53.59 30.98
CA PRO F 100 34.02 53.21 31.39
C PRO F 100 34.37 51.75 31.13
N GLU F 101 33.43 50.83 31.31
CA GLU F 101 33.68 49.39 31.15
C GLU F 101 32.79 48.78 30.04
N THR F 102 33.36 47.91 29.21
CA THR F 102 32.58 47.20 28.18
C THR F 102 32.44 45.72 28.48
N LEU F 103 31.22 45.24 28.61
CA LEU F 103 30.98 43.81 28.85
C LEU F 103 30.77 43.05 27.56
N MET F 104 31.20 41.80 27.56
CA MET F 104 30.73 40.83 26.59
C MET F 104 29.42 40.30 27.14
N VAL F 105 28.56 39.79 26.27
CA VAL F 105 27.27 39.29 26.72
C VAL F 105 27.44 38.29 27.86
N LYS F 106 28.46 37.43 27.76
CA LYS F 106 28.76 36.44 28.79
C LYS F 106 29.19 37.03 30.14
N ASP F 107 29.65 38.28 30.13
CA ASP F 107 30.11 38.96 31.33
C ASP F 107 28.97 39.58 32.13
N ILE F 108 27.78 39.63 31.55
CA ILE F 108 26.61 40.20 32.23
C ILE F 108 26.25 39.31 33.42
N GLY F 109 26.21 39.91 34.61
CA GLY F 109 25.92 39.20 35.85
C GLY F 109 24.88 39.90 36.70
N ALA F 110 24.53 39.29 37.83
CA ALA F 110 23.48 39.81 38.71
C ALA F 110 23.81 41.20 39.26
N GLU F 111 25.10 41.53 39.30
CA GLU F 111 25.54 42.80 39.86
C GLU F 111 25.21 43.98 38.94
N HIS F 112 24.74 43.68 37.73
CA HIS F 112 24.40 44.71 36.75
C HIS F 112 22.93 45.08 36.72
N ILE F 113 22.08 44.20 37.25
CA ILE F 113 20.63 44.43 37.35
C ILE F 113 20.30 45.86 37.80
N ASN F 114 19.62 46.58 36.93
CA ASN F 114 19.16 47.96 37.14
C ASN F 114 20.27 48.99 37.13
N LYS F 115 21.36 48.66 36.45
CA LYS F 115 22.45 49.58 36.30
C LYS F 115 22.72 49.78 34.82
N LEU F 116 23.42 50.85 34.48
CA LEU F 116 23.71 51.13 33.09
C LEU F 116 24.92 50.33 32.70
N ILE F 117 24.76 49.41 31.76
CA ILE F 117 25.89 48.63 31.30
C ILE F 117 26.18 48.96 29.84
N GLN F 118 27.38 48.64 29.38
CA GLN F 118 27.71 48.79 27.99
C GLN F 118 28.17 47.45 27.42
N VAL F 119 27.46 46.97 26.41
CA VAL F 119 27.71 45.65 25.83
C VAL F 119 28.12 45.76 24.36
N GLU F 120 29.23 45.09 24.01
CA GLU F 120 29.61 44.97 22.60
C GLU F 120 29.23 43.60 22.11
N GLY F 121 28.67 43.52 20.90
CA GLY F 121 28.22 42.25 20.36
C GLY F 121 27.78 42.35 18.92
N ILE F 122 27.22 41.26 18.39
CA ILE F 122 26.72 41.25 17.03
C ILE F 122 25.21 40.96 17.07
N VAL F 123 24.45 41.59 16.17
CA VAL F 123 23.01 41.42 16.14
C VAL F 123 22.60 40.11 15.49
N THR F 124 21.89 39.27 16.24
CA THR F 124 21.39 37.99 15.79
C THR F 124 20.09 38.16 15.03
N ARG F 125 19.10 38.78 15.66
CA ARG F 125 17.85 39.04 14.96
C ARG F 125 17.28 40.40 15.37
N VAL F 126 16.32 40.90 14.60
CA VAL F 126 15.60 42.10 15.00
C VAL F 126 14.14 41.89 14.73
N GLY F 127 13.29 42.50 15.55
CA GLY F 127 11.86 42.29 15.44
C GLY F 127 11.17 43.25 14.48
N GLU F 128 9.87 43.02 14.32
CA GLU F 128 8.98 43.90 13.56
C GLU F 128 8.85 45.19 14.38
N ILE F 129 8.66 46.31 13.70
CA ILE F 129 8.51 47.60 14.39
C ILE F 129 7.07 47.90 14.69
N LYS F 130 6.71 47.85 15.97
CA LYS F 130 5.32 48.02 16.35
C LYS F 130 5.15 49.19 17.32
N PRO F 131 3.90 49.63 17.52
CA PRO F 131 3.58 50.67 18.49
C PRO F 131 3.53 50.14 19.92
N PHE F 132 4.10 50.92 20.84
CA PHE F 132 4.10 50.62 22.27
C PHE F 132 3.42 51.77 22.98
N VAL F 133 2.33 51.48 23.70
CA VAL F 133 1.65 52.51 24.49
C VAL F 133 2.53 52.85 25.70
N SER F 134 3.28 53.96 25.60
CA SER F 134 4.26 54.34 26.63
C SER F 134 3.61 55.00 27.83
N VAL F 135 2.49 55.66 27.60
CA VAL F 135 1.71 56.27 28.67
C VAL F 135 0.24 56.03 28.37
N ALA F 136 -0.42 55.31 29.27
CA ALA F 136 -1.84 55.02 29.11
C ALA F 136 -2.67 55.97 29.93
N VAL F 137 -3.62 56.62 29.26
CA VAL F 137 -4.54 57.52 29.95
C VAL F 137 -5.93 56.87 29.98
N PHE F 138 -6.39 56.59 31.19
CA PHE F 138 -7.69 55.94 31.37
C PHE F 138 -8.72 56.95 31.82
N VAL F 139 -9.86 56.95 31.12
CA VAL F 139 -10.95 57.87 31.41
C VAL F 139 -12.15 57.12 31.93
N CYS F 140 -12.61 57.45 33.14
CA CYS F 140 -13.87 56.92 33.66
C CYS F 140 -15.04 57.49 32.86
N LYS F 141 -15.92 56.61 32.38
CA LYS F 141 -17.04 57.03 31.54
C LYS F 141 -18.22 57.55 32.36
N ASP F 142 -18.18 57.32 33.67
CA ASP F 142 -19.23 57.77 34.56
C ASP F 142 -19.02 59.20 35.04
N CYS F 143 -17.94 59.44 35.79
CA CYS F 143 -17.66 60.79 36.30
C CYS F 143 -16.72 61.64 35.43
N GLY F 144 -16.03 61.03 34.47
CA GLY F 144 -15.16 61.77 33.55
C GLY F 144 -13.70 61.89 33.97
N HIS F 145 -13.38 61.45 35.19
CA HIS F 145 -12.04 61.55 35.77
C HIS F 145 -10.97 60.85 34.94
N GLU F 146 -9.80 61.46 34.84
CA GLU F 146 -8.69 60.86 34.10
C GLU F 146 -7.66 60.26 35.04
N MET F 147 -7.03 59.17 34.61
CA MET F 147 -5.97 58.50 35.37
C MET F 147 -4.78 58.15 34.47
N ILE F 148 -3.59 58.53 34.90
CA ILE F 148 -2.40 58.35 34.07
C ILE F 148 -1.54 57.19 34.57
N VAL F 149 -1.44 56.15 33.76
CA VAL F 149 -0.61 55.01 34.10
C VAL F 149 0.61 54.93 33.17
N PRO F 150 1.80 55.10 33.72
CA PRO F 150 2.95 55.02 32.82
C PRO F 150 3.30 53.56 32.62
N GLN F 151 3.93 53.24 31.48
CA GLN F 151 4.21 51.86 31.12
C GLN F 151 5.70 51.57 31.00
N LYS F 152 6.07 50.31 31.14
CA LYS F 152 7.43 49.89 30.86
C LYS F 152 7.35 49.01 29.62
N PRO F 153 8.30 49.16 28.69
CA PRO F 153 8.24 48.40 27.44
C PRO F 153 8.52 46.91 27.63
N TYR F 154 9.09 46.55 28.78
CA TYR F 154 9.44 45.17 29.09
C TYR F 154 8.43 44.48 30.02
N GLU F 155 7.31 45.14 30.29
CA GLU F 155 6.16 44.53 30.99
C GLU F 155 4.90 44.69 30.13
N SER F 156 3.82 44.02 30.50
CA SER F 156 2.59 44.13 29.70
C SER F 156 1.77 45.34 30.09
N LEU F 157 0.90 45.79 29.20
CA LEU F 157 0.05 46.97 29.42
C LEU F 157 -0.64 46.93 30.76
N GLU F 158 -0.25 47.85 31.63
CA GLU F 158 -0.84 47.96 32.95
C GLU F 158 -2.06 48.86 32.91
N LYS F 159 -3.15 48.40 33.52
CA LYS F 159 -4.44 49.10 33.47
C LYS F 159 -4.92 49.54 34.84
N VAL F 160 -6.13 50.12 34.91
CA VAL F 160 -6.73 50.50 36.20
C VAL F 160 -8.08 49.82 36.30
N LYS F 161 -8.32 49.15 37.43
CA LYS F 161 -9.54 48.36 37.62
C LYS F 161 -10.78 49.24 37.85
N LYS F 162 -10.70 50.18 38.78
CA LYS F 162 -11.79 51.10 39.06
C LYS F 162 -11.30 52.55 39.19
N CYS F 163 -12.20 53.47 38.91
CA CYS F 163 -11.91 54.89 38.95
C CYS F 163 -11.53 55.31 40.37
N GLU F 164 -10.38 55.98 40.52
CA GLU F 164 -9.89 56.38 41.85
C GLU F 164 -10.76 57.46 42.49
N GLN F 165 -11.55 58.15 41.66
CA GLN F 165 -12.43 59.21 42.14
C GLN F 165 -13.77 58.66 42.62
N CYS F 166 -14.57 58.10 41.70
CA CYS F 166 -15.93 57.64 42.03
C CYS F 166 -16.10 56.12 42.24
N GLY F 167 -15.01 55.37 42.25
CA GLY F 167 -15.06 53.93 42.49
C GLY F 167 -15.62 53.07 41.36
N SER F 168 -16.18 53.71 40.33
CA SER F 168 -16.78 53.03 39.18
C SER F 168 -15.81 52.16 38.36
N LYS F 169 -16.36 51.08 37.81
CA LYS F 169 -15.59 50.15 36.98
C LYS F 169 -15.73 50.43 35.48
N ASN F 170 -16.66 51.32 35.13
CA ASN F 170 -16.88 51.71 33.73
C ASN F 170 -15.77 52.66 33.20
N ILE F 171 -14.60 52.08 32.96
CA ILE F 171 -13.41 52.80 32.50
C ILE F 171 -13.06 52.39 31.08
N GLU F 172 -12.42 53.29 30.34
CA GLU F 172 -11.91 52.97 29.02
C GLU F 172 -10.55 53.60 28.78
N LEU F 173 -9.79 53.02 27.86
CA LEU F 173 -8.51 53.57 27.48
C LEU F 173 -8.72 54.66 26.43
N ASP F 174 -8.31 55.89 26.73
CA ASP F 174 -8.40 56.97 25.75
C ASP F 174 -7.12 56.95 24.94
N VAL F 175 -7.24 56.47 23.72
CA VAL F 175 -6.09 56.34 22.84
C VAL F 175 -5.49 57.69 22.45
N ASN F 176 -6.31 58.74 22.40
CA ASN F 176 -5.83 60.08 22.09
C ASN F 176 -5.05 60.75 23.21
N LYS F 177 -5.53 60.66 24.44
CA LYS F 177 -4.82 61.19 25.60
C LYS F 177 -3.53 60.40 25.86
N SER F 178 -3.50 59.16 25.39
CA SER F 178 -2.38 58.27 25.62
C SER F 178 -1.21 58.55 24.69
N SER F 179 -0.01 58.15 25.11
CA SER F 179 1.18 58.37 24.32
C SER F 179 1.71 57.02 23.84
N ALA F 180 2.02 56.94 22.55
CA ALA F 180 2.60 55.73 21.96
C ALA F 180 3.87 56.07 21.19
N VAL F 181 4.83 55.15 21.18
CA VAL F 181 6.06 55.36 20.44
C VAL F 181 6.40 54.07 19.71
N ASN F 182 7.35 54.11 18.78
CA ASN F 182 7.81 52.86 18.15
C ASN F 182 8.60 51.95 19.08
N PHE F 183 8.49 50.65 18.84
CA PHE F 183 9.15 49.64 19.64
C PHE F 183 9.75 48.65 18.66
N GLN F 184 10.97 48.21 18.95
CA GLN F 184 11.55 47.14 18.16
C GLN F 184 12.42 46.29 19.05
N SER F 185 12.18 44.97 19.06
CA SER F 185 13.02 44.03 19.81
C SER F 185 14.19 43.64 18.95
N PHE F 186 15.27 43.22 19.59
CA PHE F 186 16.43 42.72 18.87
C PHE F 186 17.23 41.83 19.81
N ARG F 187 18.13 41.04 19.26
CA ARG F 187 18.98 40.17 20.04
C ARG F 187 20.43 40.36 19.63
N ILE F 188 21.32 40.57 20.60
CA ILE F 188 22.75 40.53 20.31
C ILE F 188 23.42 39.39 21.03
N GLN F 189 24.50 38.86 20.45
CA GLN F 189 25.34 37.87 21.11
C GLN F 189 26.80 38.20 20.92
N ASP F 190 27.68 37.53 21.66
CA ASP F 190 29.10 37.64 21.43
C ASP F 190 29.44 37.02 20.09
N ARG F 191 30.45 37.55 19.41
CA ARG F 191 30.84 37.03 18.11
C ARG F 191 31.61 35.73 18.34
N PRO F 192 31.16 34.60 17.71
CA PRO F 192 31.85 33.30 17.90
C PRO F 192 33.39 33.43 17.81
N GLU F 193 33.83 34.39 17.01
CA GLU F 193 35.23 34.67 16.74
C GLU F 193 35.99 35.22 17.96
N THR F 194 35.29 35.77 18.95
CA THR F 194 35.95 36.23 20.19
C THR F 194 35.88 35.17 21.31
N LEU F 195 35.47 33.96 20.95
CA LEU F 195 35.24 32.86 21.91
C LEU F 195 36.11 31.64 21.62
N LYS F 196 36.35 30.83 22.65
CA LYS F 196 37.14 29.57 22.54
C LYS F 196 36.47 28.49 21.69
N GLY F 197 37.21 27.38 21.50
CA GLY F 197 36.86 26.30 20.58
C GLY F 197 35.39 25.94 20.40
N GLY F 198 34.80 25.33 21.42
CA GLY F 198 33.40 24.93 21.38
C GLY F 198 32.51 25.73 22.30
N GLU F 199 32.97 26.93 22.67
CA GLU F 199 32.25 27.82 23.57
C GLU F 199 30.94 28.32 22.94
N MET F 200 29.84 27.96 23.58
CA MET F 200 28.52 28.46 23.21
C MET F 200 28.49 29.98 23.38
N PRO F 201 27.98 30.71 22.36
CA PRO F 201 27.90 32.16 22.51
C PRO F 201 26.68 32.55 23.35
N ARG F 202 26.89 33.48 24.28
CA ARG F 202 25.79 34.01 25.09
C ARG F 202 25.09 35.13 24.33
N PHE F 203 23.78 35.23 24.49
CA PHE F 203 22.96 36.22 23.79
C PHE F 203 22.12 37.00 24.80
N ILE F 204 21.60 38.16 24.42
CA ILE F 204 20.67 38.93 25.26
C ILE F 204 19.67 39.69 24.41
N ASP F 205 18.44 39.79 24.88
CA ASP F 205 17.41 40.51 24.15
C ASP F 205 17.29 41.99 24.54
N GLY F 206 17.17 42.85 23.55
CA GLY F 206 17.15 44.28 23.78
C GLY F 206 15.84 44.88 23.39
N ILE F 207 15.58 46.10 23.84
CA ILE F 207 14.44 46.87 23.40
C ILE F 207 14.88 48.22 22.87
N LEU F 208 14.39 48.58 21.68
CA LEU F 208 14.64 49.90 21.11
C LEU F 208 13.34 50.65 21.07
N LEU F 209 13.34 51.87 21.62
CA LEU F 209 12.14 52.70 21.60
C LEU F 209 12.32 53.98 20.81
N ASP F 210 11.19 54.50 20.35
CA ASP F 210 11.12 55.80 19.67
C ASP F 210 12.11 55.97 18.51
N ASP F 211 13.02 56.93 18.67
CA ASP F 211 13.90 57.33 17.57
C ASP F 211 15.16 56.47 17.39
N ILE F 212 15.24 55.33 18.08
CA ILE F 212 16.37 54.44 17.83
C ILE F 212 15.95 53.08 17.28
N VAL F 213 14.68 52.98 16.88
CA VAL F 213 14.19 51.78 16.20
C VAL F 213 14.78 51.73 14.79
N ASP F 214 14.86 50.54 14.21
CA ASP F 214 15.28 50.37 12.82
C ASP F 214 16.70 50.85 12.59
N VAL F 215 17.47 50.89 13.66
CA VAL F 215 18.84 51.40 13.61
C VAL F 215 19.84 50.31 13.25
N ALA F 216 19.43 49.05 13.34
CA ALA F 216 20.35 47.95 13.10
C ALA F 216 19.69 46.75 12.43
N LEU F 217 20.51 45.98 11.72
CA LEU F 217 20.06 44.78 11.04
C LEU F 217 20.90 43.61 11.53
N PRO F 218 20.40 42.39 11.35
CA PRO F 218 21.21 41.23 11.71
C PRO F 218 22.58 41.27 11.05
N GLY F 219 23.61 40.92 11.81
CA GLY F 219 24.95 40.92 11.29
C GLY F 219 25.71 42.18 11.65
N ASP F 220 24.99 43.20 12.12
CA ASP F 220 25.61 44.44 12.55
C ASP F 220 26.37 44.26 13.85
N ARG F 221 27.65 44.64 13.84
CA ARG F 221 28.44 44.71 15.04
C ARG F 221 28.08 46.03 15.73
N VAL F 222 27.66 45.98 16.99
CA VAL F 222 27.25 47.21 17.68
C VAL F 222 27.79 47.34 19.10
N ILE F 223 27.76 48.57 19.61
CA ILE F 223 27.96 48.81 21.05
C ILE F 223 26.71 49.47 21.61
N VAL F 224 25.92 48.69 22.35
CA VAL F 224 24.74 49.23 23.04
C VAL F 224 25.08 49.62 24.47
N THR F 225 24.36 50.61 25.01
CA THR F 225 24.38 50.89 26.45
C THR F 225 22.93 50.86 26.84
N GLY F 226 22.66 50.47 28.07
CA GLY F 226 21.28 50.35 28.51
C GLY F 226 21.17 49.83 29.92
N ILE F 227 19.96 49.88 30.44
CA ILE F 227 19.65 49.37 31.77
C ILE F 227 19.34 47.89 31.67
N LEU F 228 20.03 47.08 32.46
CA LEU F 228 19.70 45.67 32.50
C LEU F 228 18.45 45.49 33.35
N ARG F 229 17.43 44.87 32.78
CA ARG F 229 16.22 44.61 33.55
C ARG F 229 16.04 43.12 33.62
N VAL F 230 15.50 42.66 34.74
CA VAL F 230 15.04 41.27 34.83
C VAL F 230 13.53 41.31 34.97
N VAL F 231 12.86 40.48 34.20
CA VAL F 231 11.42 40.45 34.24
C VAL F 231 10.96 39.03 34.55
N LEU F 232 9.89 38.92 35.33
CA LEU F 232 9.35 37.64 35.74
C LEU F 232 8.59 36.95 34.60
N GLU F 233 9.03 35.74 34.25
CA GLU F 233 8.52 35.00 33.09
C GLU F 233 6.99 34.90 33.08
N LYS F 234 6.40 35.13 31.90
CA LYS F 234 4.95 35.10 31.72
C LYS F 234 4.36 33.70 31.95
N ARG F 235 5.09 32.67 31.53
CA ARG F 235 4.67 31.28 31.71
C ARG F 235 4.58 30.89 33.18
N GLU F 236 3.35 30.77 33.67
CA GLU F 236 3.06 30.57 35.09
C GLU F 236 3.21 29.11 35.54
N LYS F 237 4.37 28.52 35.26
CA LYS F 237 4.75 27.20 35.77
C LYS F 237 6.08 27.34 36.52
N THR F 238 6.00 27.57 37.82
CA THR F 238 7.15 28.02 38.62
C THR F 238 8.09 28.92 37.80
N PRO F 239 7.61 30.11 37.39
CA PRO F 239 8.33 30.98 36.45
C PRO F 239 9.67 31.47 37.01
N ILE F 240 10.52 32.00 36.14
CA ILE F 240 11.83 32.51 36.56
C ILE F 240 12.20 33.81 35.85
N PHE F 241 13.21 34.50 36.37
CA PHE F 241 13.66 35.77 35.82
C PHE F 241 14.42 35.65 34.53
N ARG F 242 13.91 36.27 33.45
CA ARG F 242 14.70 36.48 32.22
C ARG F 242 15.25 37.91 32.20
N LYS F 243 16.34 38.12 31.45
CA LYS F 243 16.94 39.44 31.35
C LYS F 243 16.70 40.12 30.00
N ILE F 244 16.30 41.38 30.08
CA ILE F 244 16.10 42.24 28.92
C ILE F 244 17.01 43.44 29.06
N LEU F 245 17.56 43.92 27.95
CA LEU F 245 18.35 45.15 27.94
C LEU F 245 17.55 46.30 27.36
N GLU F 246 17.17 47.24 28.22
CA GLU F 246 16.43 48.43 27.80
C GLU F 246 17.47 49.42 27.29
N VAL F 247 17.59 49.53 25.96
CA VAL F 247 18.72 50.23 25.33
C VAL F 247 18.62 51.71 25.51
N ASN F 248 19.72 52.32 25.96
CA ASN F 248 19.77 53.76 26.11
C ASN F 248 20.46 54.46 24.92
N HIS F 249 21.55 53.86 24.43
CA HIS F 249 22.25 54.37 23.26
C HIS F 249 22.79 53.20 22.46
N ILE F 250 22.82 53.33 21.12
CA ILE F 250 23.33 52.28 20.26
C ILE F 250 24.00 52.86 19.02
N GLU F 251 25.22 52.41 18.74
CA GLU F 251 25.98 52.84 17.58
C GLU F 251 26.72 51.62 17.03
N PRO F 252 27.05 51.62 15.74
CA PRO F 252 27.87 50.53 15.20
C PRO F 252 29.29 50.58 15.76
N VAL F 253 29.92 49.42 15.93
CA VAL F 253 31.29 49.35 16.41
C VAL F 253 32.23 49.94 15.36
N SER F 254 33.20 50.73 15.80
CA SER F 254 34.02 51.54 14.91
C SER F 254 34.93 50.72 13.97
N SER G 1 -52.79 12.86 59.91
CA SER G 1 -52.75 13.77 58.73
C SER G 1 -54.13 13.85 58.05
N VAL G 2 -54.19 14.26 56.78
CA VAL G 2 -55.46 14.57 56.12
C VAL G 2 -55.84 13.56 55.04
N ASP G 3 -57.03 12.98 55.15
CA ASP G 3 -57.60 12.13 54.10
C ASP G 3 -58.03 13.04 52.96
N ARG G 4 -58.12 12.50 51.75
CA ARG G 4 -58.34 13.33 50.56
C ARG G 4 -59.72 14.02 50.51
N GLU G 5 -60.75 13.37 51.05
CA GLU G 5 -62.09 13.98 51.15
C GLU G 5 -62.05 15.36 51.78
N GLU G 6 -61.35 15.42 52.92
CA GLU G 6 -61.24 16.64 53.71
C GLU G 6 -60.30 17.64 53.05
N MET G 7 -59.29 17.15 52.32
CA MET G 7 -58.35 18.04 51.62
C MET G 7 -59.05 18.87 50.57
N ILE G 8 -59.91 18.22 49.80
CA ILE G 8 -60.64 18.90 48.76
C ILE G 8 -61.37 20.11 49.33
N GLU G 9 -62.09 19.88 50.44
CA GLU G 9 -62.77 20.97 51.14
C GLU G 9 -61.80 22.03 51.62
N ARG G 10 -60.74 21.63 52.30
CA ARG G 10 -59.76 22.58 52.84
C ARG G 10 -59.11 23.40 51.73
N PHE G 11 -58.94 22.79 50.55
CA PHE G 11 -58.40 23.47 49.37
C PHE G 11 -59.41 24.43 48.78
N ALA G 12 -60.62 23.93 48.60
CA ALA G 12 -61.70 24.75 48.08
C ALA G 12 -61.94 26.00 48.95
N ASN G 13 -61.78 25.87 50.26
CA ASN G 13 -61.78 27.02 51.15
C ASN G 13 -60.66 27.92 50.71
N PHE G 14 -59.42 27.46 50.86
CA PHE G 14 -58.24 28.24 50.48
C PHE G 14 -58.43 29.08 49.22
N LEU G 15 -58.88 28.43 48.15
CA LEU G 15 -59.11 29.07 46.86
C LEU G 15 -60.11 30.24 46.87
N ARG G 16 -61.27 30.01 47.47
CA ARG G 16 -62.26 31.08 47.73
C ARG G 16 -61.84 32.09 48.80
N GLU G 17 -61.40 31.60 49.96
CA GLU G 17 -61.08 32.42 51.14
C GLU G 17 -59.82 33.26 51.03
N TYR G 18 -58.70 32.72 50.53
CA TYR G 18 -57.42 33.44 50.68
C TYR G 18 -57.47 34.83 50.05
N THR G 19 -57.01 35.83 50.81
CA THR G 19 -56.88 37.20 50.34
C THR G 19 -55.50 37.74 50.72
N ASP G 20 -54.92 38.52 49.82
CA ASP G 20 -53.57 39.06 50.05
C ASP G 20 -53.56 40.26 51.01
N GLU G 21 -52.38 40.89 51.10
CA GLU G 21 -52.12 42.06 51.95
C GLU G 21 -53.09 43.20 51.65
N ASP G 22 -53.79 43.11 50.51
CA ASP G 22 -54.74 44.15 50.03
C ASP G 22 -56.19 43.68 50.04
N GLY G 23 -56.42 42.46 50.52
CA GLY G 23 -57.77 41.90 50.61
C GLY G 23 -58.41 41.40 49.32
N ASN G 24 -57.62 41.20 48.26
CA ASN G 24 -58.09 40.57 47.01
C ASN G 24 -58.10 39.05 47.11
N PRO G 25 -59.14 38.40 46.58
CA PRO G 25 -59.15 36.94 46.58
C PRO G 25 -58.30 36.36 45.43
N VAL G 26 -56.98 36.53 45.55
CA VAL G 26 -56.01 36.10 44.52
C VAL G 26 -56.42 34.88 43.70
N TYR G 27 -56.73 33.79 44.39
CA TYR G 27 -56.97 32.52 43.71
C TYR G 27 -58.34 32.46 43.03
N ARG G 28 -59.29 33.24 43.53
CA ARG G 28 -60.55 33.46 42.82
C ARG G 28 -60.24 34.14 41.49
N GLY G 29 -59.33 35.11 41.52
CA GLY G 29 -58.85 35.80 40.32
C GLY G 29 -58.26 34.81 39.34
N LYS G 30 -57.23 34.10 39.76
CA LYS G 30 -56.57 33.09 38.91
C LYS G 30 -57.54 32.09 38.31
N ILE G 31 -58.58 31.73 39.06
CA ILE G 31 -59.54 30.74 38.55
C ILE G 31 -60.39 31.31 37.43
N THR G 32 -60.73 32.59 37.49
CA THR G 32 -61.51 33.22 36.41
C THR G 32 -60.71 33.36 35.11
N ASP G 33 -59.40 33.61 35.24
CA ASP G 33 -58.49 33.64 34.10
C ASP G 33 -58.49 32.31 33.32
N LEU G 34 -59.41 31.43 33.69
CA LEU G 34 -59.56 30.13 33.06
C LEU G 34 -60.86 30.02 32.27
N LEU G 35 -61.71 31.03 32.39
CA LEU G 35 -63.04 30.96 31.79
C LEU G 35 -63.11 31.47 30.36
N THR G 36 -62.14 32.32 29.99
CA THR G 36 -62.01 32.86 28.62
C THR G 36 -61.96 31.76 27.55
N ILE G 37 -62.13 32.17 26.29
CA ILE G 37 -62.24 31.26 25.16
C ILE G 37 -60.98 30.46 24.91
N THR G 38 -59.82 31.11 24.84
CA THR G 38 -58.56 30.36 24.82
C THR G 38 -57.80 30.65 26.12
N PRO G 39 -57.98 29.77 27.12
CA PRO G 39 -57.63 30.08 28.48
C PRO G 39 -56.30 29.45 28.90
N LYS G 40 -55.97 29.63 30.18
CA LYS G 40 -54.89 28.90 30.80
C LYS G 40 -55.37 27.51 31.22
N ARG G 41 -54.43 26.61 31.47
CA ARG G 41 -54.77 25.30 31.95
C ARG G 41 -54.22 24.97 33.35
N SER G 42 -53.66 26.00 34.01
CA SER G 42 -53.05 25.82 35.32
C SER G 42 -53.37 26.96 36.28
N VAL G 43 -53.25 26.66 37.57
CA VAL G 43 -53.35 27.66 38.62
C VAL G 43 -52.08 27.56 39.44
N ALA G 44 -51.24 28.59 39.40
CA ALA G 44 -50.01 28.56 40.16
C ALA G 44 -50.32 28.95 41.59
N ILE G 45 -50.21 28.02 42.52
CA ILE G 45 -50.43 28.32 43.93
C ILE G 45 -49.12 28.55 44.65
N ASP G 46 -48.97 29.73 45.24
CA ASP G 46 -47.81 30.07 46.05
C ASP G 46 -47.91 29.31 47.36
N TRP G 47 -46.89 28.51 47.68
CA TRP G 47 -46.94 27.65 48.84
C TRP G 47 -47.04 28.47 50.12
N MET G 48 -46.33 29.60 50.16
CA MET G 48 -46.37 30.51 51.30
C MET G 48 -47.78 30.95 51.61
N HIS G 49 -48.58 31.24 50.57
CA HIS G 49 -49.99 31.58 50.74
C HIS G 49 -50.74 30.45 51.45
N LEU G 50 -50.67 29.25 50.88
CA LEU G 50 -51.31 28.08 51.47
C LEU G 50 -50.81 27.82 52.87
N ASN G 51 -49.54 28.10 53.12
CA ASN G 51 -48.99 27.87 54.44
C ASN G 51 -49.52 28.83 55.49
N SER G 52 -49.49 30.13 55.19
CA SER G 52 -49.97 31.12 56.14
C SER G 52 -51.48 30.96 56.40
N PHE G 53 -52.17 30.22 55.54
CA PHE G 53 -53.62 30.10 55.63
C PHE G 53 -54.10 28.78 56.21
N ASP G 54 -53.39 27.69 55.89
CA ASP G 54 -53.79 26.35 56.32
C ASP G 54 -52.52 25.50 56.45
N SER G 55 -51.66 25.92 57.37
CA SER G 55 -50.34 25.37 57.58
C SER G 55 -50.28 23.85 57.54
N GLU G 56 -51.30 23.20 58.08
CA GLU G 56 -51.33 21.75 58.11
C GLU G 56 -51.43 21.15 56.71
N LEU G 57 -52.29 21.75 55.88
CA LEU G 57 -52.49 21.30 54.50
C LEU G 57 -51.27 21.63 53.64
N ALA G 58 -50.67 22.78 53.90
CA ALA G 58 -49.47 23.17 53.18
C ALA G 58 -48.35 22.16 53.42
N HIS G 59 -48.20 21.74 54.67
CA HIS G 59 -47.20 20.76 55.04
C HIS G 59 -47.56 19.41 54.41
N GLU G 60 -48.85 19.21 54.19
CA GLU G 60 -49.32 17.98 53.57
C GLU G 60 -49.00 17.82 52.09
N VAL G 61 -49.00 18.90 51.31
CA VAL G 61 -48.72 18.77 49.88
C VAL G 61 -47.26 18.38 49.68
N ILE G 62 -46.42 18.70 50.66
CA ILE G 62 -45.01 18.32 50.58
C ILE G 62 -44.79 16.85 50.93
N GLU G 63 -45.48 16.37 51.97
CA GLU G 63 -45.36 14.98 52.39
C GLU G 63 -46.05 14.01 51.44
N ASN G 64 -47.19 14.44 50.91
CA ASN G 64 -47.97 13.64 49.96
C ASN G 64 -48.36 14.43 48.72
N PRO G 65 -47.35 14.83 47.92
CA PRO G 65 -47.62 15.68 46.77
C PRO G 65 -48.67 15.11 45.82
N GLU G 66 -48.68 13.79 45.63
CA GLU G 66 -49.59 13.23 44.66
C GLU G 66 -51.08 13.41 45.03
N GLU G 67 -51.44 13.19 46.30
CA GLU G 67 -52.83 13.37 46.76
C GLU G 67 -53.07 14.84 46.99
N GLY G 68 -52.06 15.54 47.50
CA GLY G 68 -52.13 16.99 47.70
C GLY G 68 -52.51 17.69 46.41
N ILE G 69 -51.70 17.49 45.38
CA ILE G 69 -51.94 18.09 44.07
C ILE G 69 -53.28 17.67 43.55
N SER G 70 -53.54 16.37 43.60
CA SER G 70 -54.79 15.83 43.11
C SER G 70 -56.05 16.44 43.78
N ALA G 71 -56.00 16.60 45.10
CA ALA G 71 -57.13 17.18 45.84
C ALA G 71 -57.35 18.65 45.47
N ALA G 72 -56.26 19.41 45.36
CA ALA G 72 -56.30 20.80 44.93
C ALA G 72 -56.95 20.91 43.55
N GLU G 73 -56.61 19.98 42.67
CA GLU G 73 -57.15 20.01 41.33
C GLU G 73 -58.64 19.67 41.33
N ASP G 74 -59.06 18.87 42.30
CA ASP G 74 -60.49 18.57 42.49
C ASP G 74 -61.24 19.78 43.02
N ALA G 75 -60.59 20.56 43.88
CA ALA G 75 -61.18 21.75 44.47
C ALA G 75 -61.34 22.81 43.40
N ILE G 76 -60.31 22.98 42.58
CA ILE G 76 -60.37 23.90 41.45
C ILE G 76 -61.57 23.54 40.59
N GLN G 77 -61.76 22.25 40.38
CA GLN G 77 -62.85 21.75 39.58
C GLN G 77 -64.25 21.97 40.19
N ILE G 78 -64.38 21.92 41.51
CA ILE G 78 -65.68 22.16 42.15
C ILE G 78 -65.96 23.67 42.28
N VAL G 79 -64.91 24.47 42.42
CA VAL G 79 -65.09 25.92 42.45
C VAL G 79 -65.53 26.42 41.09
N LEU G 80 -65.12 25.74 40.02
CA LEU G 80 -65.60 26.07 38.69
C LEU G 80 -67.08 25.77 38.61
N ARG G 81 -67.43 24.54 38.99
CA ARG G 81 -68.81 24.06 38.91
C ARG G 81 -69.77 24.85 39.80
N GLU G 82 -69.38 25.05 41.05
CA GLU G 82 -70.26 25.70 42.00
C GLU G 82 -70.25 27.23 41.91
N ASP G 83 -69.10 27.86 41.70
CA ASP G 83 -69.06 29.32 41.74
C ASP G 83 -69.16 30.01 40.39
N PHE G 84 -69.05 29.23 39.31
CA PHE G 84 -69.02 29.81 37.97
C PHE G 84 -69.86 29.03 36.95
N GLN G 85 -70.59 28.03 37.44
CA GLN G 85 -71.44 27.16 36.61
C GLN G 85 -70.71 26.66 35.39
N ARG G 86 -69.53 26.09 35.62
CA ARG G 86 -68.69 25.59 34.53
C ARG G 86 -68.14 24.23 34.88
N GLU G 87 -68.56 23.23 34.11
CA GLU G 87 -68.08 21.87 34.30
C GLU G 87 -67.66 21.29 32.96
N ASP G 88 -67.21 22.17 32.08
CA ASP G 88 -66.81 21.79 30.75
C ASP G 88 -65.37 22.20 30.52
N VAL G 89 -64.71 22.67 31.57
CA VAL G 89 -63.40 23.31 31.42
C VAL G 89 -62.30 22.28 31.19
N GLY G 90 -62.47 21.09 31.76
CA GLY G 90 -61.46 20.03 31.62
C GLY G 90 -60.29 20.21 32.58
N LYS G 91 -59.23 19.43 32.39
CA LYS G 91 -58.15 19.35 33.38
C LYS G 91 -57.45 20.68 33.62
N ILE G 92 -57.42 21.09 34.88
CA ILE G 92 -56.68 22.27 35.30
C ILE G 92 -55.66 21.81 36.32
N HIS G 93 -54.37 21.98 36.00
CA HIS G 93 -53.29 21.61 36.90
C HIS G 93 -53.17 22.56 38.06
N ALA G 94 -52.83 22.01 39.23
CA ALA G 94 -52.48 22.83 40.38
C ALA G 94 -50.97 22.74 40.52
N ARG G 95 -50.28 23.85 40.28
CA ARG G 95 -48.83 23.85 40.31
C ARG G 95 -48.31 24.68 41.47
N PHE G 96 -47.71 24.02 42.45
CA PHE G 96 -47.19 24.69 43.64
C PHE G 96 -45.79 25.21 43.43
N TYR G 97 -45.54 26.43 43.88
CA TYR G 97 -44.23 27.02 43.78
C TYR G 97 -43.84 27.75 45.05
N ASN G 98 -42.59 28.19 45.12
CA ASN G 98 -42.11 28.93 46.30
C ASN G 98 -42.21 28.08 47.56
N LEU G 99 -41.56 26.92 47.51
CA LEU G 99 -41.56 26.01 48.63
C LEU G 99 -40.57 26.50 49.68
N PRO G 100 -40.67 25.97 50.92
CA PRO G 100 -39.85 26.47 52.03
C PRO G 100 -38.34 26.23 51.89
N GLU G 101 -37.94 25.07 51.36
CA GLU G 101 -36.53 24.72 51.23
C GLU G 101 -36.12 24.55 49.76
N THR G 102 -34.95 25.05 49.39
CA THR G 102 -34.44 24.84 48.04
C THR G 102 -33.22 23.95 48.01
N LEU G 103 -33.30 22.80 47.31
CA LEU G 103 -32.17 21.88 47.17
C LEU G 103 -31.31 22.18 45.96
N MET G 104 -30.01 21.94 46.09
CA MET G 104 -29.14 21.80 44.94
C MET G 104 -29.28 20.37 44.48
N VAL G 105 -29.02 20.09 43.22
CA VAL G 105 -29.17 18.74 42.71
C VAL G 105 -28.42 17.72 43.59
N LYS G 106 -27.23 18.10 44.05
CA LYS G 106 -26.43 17.26 44.93
C LYS G 106 -27.08 16.97 46.30
N ASP G 107 -27.98 17.84 46.73
CA ASP G 107 -28.64 17.70 48.03
C ASP G 107 -29.81 16.71 47.99
N ILE G 108 -30.20 16.27 46.80
CA ILE G 108 -31.34 15.35 46.66
C ILE G 108 -30.92 14.01 47.25
N GLY G 109 -31.72 13.50 48.18
CA GLY G 109 -31.42 12.22 48.82
C GLY G 109 -32.64 11.34 48.94
N ALA G 110 -32.46 10.14 49.51
CA ALA G 110 -33.56 9.16 49.61
C ALA G 110 -34.74 9.63 50.44
N GLU G 111 -34.52 10.61 51.33
CA GLU G 111 -35.60 11.15 52.17
C GLU G 111 -36.62 11.97 51.37
N HIS G 112 -36.27 12.28 50.11
CA HIS G 112 -37.14 13.08 49.25
C HIS G 112 -38.05 12.26 48.33
N ILE G 113 -37.71 11.00 48.12
CA ILE G 113 -38.50 10.09 47.30
C ILE G 113 -39.98 10.21 47.59
N ASN G 114 -40.74 10.57 46.56
CA ASN G 114 -42.20 10.76 46.60
C ASN G 114 -42.68 11.95 47.42
N LYS G 115 -41.83 12.95 47.51
CA LYS G 115 -42.17 14.17 48.20
C LYS G 115 -41.95 15.33 47.26
N LEU G 116 -42.57 16.47 47.56
CA LEU G 116 -42.44 17.65 46.72
C LEU G 116 -41.16 18.37 47.08
N ILE G 117 -40.21 18.38 46.17
CA ILE G 117 -38.96 19.10 46.40
C ILE G 117 -38.85 20.30 45.48
N GLN G 118 -37.97 21.24 45.82
CA GLN G 118 -37.73 22.39 44.97
C GLN G 118 -36.24 22.48 44.66
N VAL G 119 -35.89 22.40 43.38
CA VAL G 119 -34.50 22.33 43.00
C VAL G 119 -34.18 23.52 42.14
N GLU G 120 -33.09 24.23 42.46
CA GLU G 120 -32.55 25.27 41.59
C GLU G 120 -31.37 24.70 40.82
N GLY G 121 -31.29 25.02 39.53
CA GLY G 121 -30.18 24.55 38.70
C GLY G 121 -30.15 25.17 37.32
N ILE G 122 -29.28 24.66 36.46
CA ILE G 122 -29.21 25.10 35.08
C ILE G 122 -29.57 23.94 34.14
N VAL G 123 -30.27 24.22 33.05
CA VAL G 123 -30.69 23.17 32.12
C VAL G 123 -29.54 22.73 31.21
N THR G 124 -29.22 21.44 31.24
CA THR G 124 -28.17 20.85 30.43
C THR G 124 -28.70 20.52 29.05
N ARG G 125 -29.79 19.78 28.95
CA ARG G 125 -30.37 19.46 27.66
C ARG G 125 -31.89 19.44 27.79
N VAL G 126 -32.57 19.48 26.64
CA VAL G 126 -34.03 19.25 26.61
C VAL G 126 -34.40 18.33 25.47
N GLY G 127 -35.44 17.54 25.66
CA GLY G 127 -35.79 16.53 24.68
C GLY G 127 -36.70 17.04 23.59
N GLU G 128 -36.99 16.17 22.62
CA GLU G 128 -37.99 16.41 21.59
C GLU G 128 -39.36 16.39 22.27
N ILE G 129 -40.31 17.16 21.74
CA ILE G 129 -41.64 17.19 22.33
C ILE G 129 -42.53 16.13 21.72
N LYS G 130 -42.85 15.11 22.50
CA LYS G 130 -43.65 14.03 21.98
C LYS G 130 -44.96 13.78 22.73
N PRO G 131 -45.86 12.99 22.12
CA PRO G 131 -47.12 12.70 22.76
C PRO G 131 -46.98 11.60 23.80
N PHE G 132 -47.64 11.79 24.95
CA PHE G 132 -47.68 10.83 26.03
C PHE G 132 -49.13 10.44 26.32
N VAL G 133 -49.46 9.15 26.16
CA VAL G 133 -50.82 8.69 26.42
C VAL G 133 -51.00 8.70 27.92
N SER G 134 -51.65 9.73 28.44
CA SER G 134 -51.79 9.92 29.88
C SER G 134 -52.92 9.09 30.49
N VAL G 135 -53.91 8.74 29.68
CA VAL G 135 -54.97 7.84 30.10
C VAL G 135 -55.30 6.90 28.95
N ALA G 136 -55.11 5.61 29.17
CA ALA G 136 -55.38 4.65 28.13
C ALA G 136 -56.77 4.08 28.34
N VAL G 137 -57.60 4.10 27.30
CA VAL G 137 -58.87 3.41 27.36
C VAL G 137 -58.86 2.20 26.44
N PHE G 138 -59.03 1.03 27.04
CA PHE G 138 -59.02 -0.22 26.31
C PHE G 138 -60.43 -0.74 26.08
N VAL G 139 -60.72 -1.13 24.85
CA VAL G 139 -62.04 -1.63 24.52
C VAL G 139 -61.92 -3.09 24.07
N CYS G 140 -62.71 -3.93 24.72
CA CYS G 140 -62.84 -5.33 24.32
C CYS G 140 -63.66 -5.41 23.01
N LYS G 141 -63.09 -6.03 21.99
CA LYS G 141 -63.75 -6.11 20.68
C LYS G 141 -64.84 -7.19 20.66
N ASP G 142 -64.88 -8.04 21.69
CA ASP G 142 -65.86 -9.11 21.75
C ASP G 142 -67.14 -8.65 22.40
N CYS G 143 -67.08 -8.25 23.67
CA CYS G 143 -68.30 -7.81 24.38
C CYS G 143 -68.52 -6.29 24.41
N GLY G 144 -67.51 -5.51 24.04
CA GLY G 144 -67.66 -4.06 23.94
C GLY G 144 -67.29 -3.28 25.20
N HIS G 145 -67.02 -3.99 26.29
CA HIS G 145 -66.65 -3.38 27.58
C HIS G 145 -65.43 -2.48 27.51
N GLU G 146 -65.49 -1.38 28.26
CA GLU G 146 -64.37 -0.43 28.33
C GLU G 146 -63.58 -0.55 29.64
N MET G 147 -62.27 -0.35 29.58
CA MET G 147 -61.41 -0.40 30.75
C MET G 147 -60.44 0.77 30.72
N ILE G 148 -60.35 1.48 31.85
CA ILE G 148 -59.56 2.71 31.93
C ILE G 148 -58.26 2.53 32.71
N VAL G 149 -57.14 2.61 32.02
CA VAL G 149 -55.84 2.46 32.68
C VAL G 149 -55.13 3.81 32.71
N PRO G 150 -54.93 4.37 33.91
CA PRO G 150 -54.19 5.63 33.93
C PRO G 150 -52.69 5.34 33.84
N GLN G 151 -51.93 6.30 33.34
CA GLN G 151 -50.51 6.08 33.05
C GLN G 151 -49.62 7.02 33.84
N LYS G 152 -48.36 6.65 34.01
CA LYS G 152 -47.41 7.55 34.65
C LYS G 152 -46.40 7.87 33.55
N PRO G 153 -45.93 9.12 33.46
CA PRO G 153 -45.03 9.52 32.37
C PRO G 153 -43.62 8.97 32.53
N TYR G 154 -43.33 8.45 33.72
CA TYR G 154 -42.01 7.90 34.03
C TYR G 154 -41.98 6.37 34.02
N GLU G 155 -43.09 5.75 33.59
CA GLU G 155 -43.17 4.31 33.35
C GLU G 155 -43.62 4.05 31.90
N SER G 156 -43.53 2.81 31.42
CA SER G 156 -43.93 2.53 30.05
C SER G 156 -45.44 2.27 29.99
N LEU G 157 -46.02 2.38 28.80
CA LEU G 157 -47.46 2.21 28.60
C LEU G 157 -47.99 0.92 29.20
N GLU G 158 -48.81 1.05 30.24
CA GLU G 158 -49.40 -0.09 30.90
C GLU G 158 -50.69 -0.49 30.19
N LYS G 159 -50.83 -1.78 29.88
CA LYS G 159 -51.98 -2.29 29.13
C LYS G 159 -52.89 -3.20 29.94
N VAL G 160 -53.88 -3.83 29.30
CA VAL G 160 -54.71 -4.86 29.96
C VAL G 160 -54.68 -6.15 29.16
N LYS G 161 -54.37 -7.26 29.83
CA LYS G 161 -54.17 -8.52 29.11
C LYS G 161 -55.51 -9.08 28.60
N LYS G 162 -56.47 -9.21 29.51
CA LYS G 162 -57.80 -9.73 29.16
C LYS G 162 -58.93 -8.85 29.72
N CYS G 163 -60.06 -8.89 29.03
CA CYS G 163 -61.22 -8.10 29.40
C CYS G 163 -61.71 -8.53 30.77
N GLU G 164 -61.87 -7.57 31.66
CA GLU G 164 -62.32 -7.85 33.04
C GLU G 164 -63.77 -8.34 33.11
N GLN G 165 -64.53 -8.10 32.05
CA GLN G 165 -65.93 -8.52 31.99
C GLN G 165 -66.05 -9.95 31.46
N CYS G 166 -65.69 -10.16 30.18
CA CYS G 166 -65.90 -11.47 29.55
C CYS G 166 -64.66 -12.36 29.45
N GLY G 167 -63.56 -11.96 30.07
CA GLY G 167 -62.32 -12.75 30.04
C GLY G 167 -61.54 -12.77 28.74
N SER G 168 -62.14 -12.26 27.65
CA SER G 168 -61.56 -12.27 26.30
C SER G 168 -60.24 -11.52 26.18
N LYS G 169 -59.37 -12.02 25.30
CA LYS G 169 -58.08 -11.40 25.09
C LYS G 169 -58.12 -10.47 23.89
N ASN G 170 -59.25 -10.46 23.18
CA ASN G 170 -59.37 -9.65 21.98
C ASN G 170 -59.67 -8.22 22.34
N ILE G 171 -58.64 -7.52 22.79
CA ILE G 171 -58.76 -6.13 23.23
C ILE G 171 -57.96 -5.23 22.31
N GLU G 172 -58.35 -3.96 22.27
CA GLU G 172 -57.61 -2.96 21.52
C GLU G 172 -57.59 -1.62 22.25
N LEU G 173 -56.56 -0.81 22.00
CA LEU G 173 -56.49 0.53 22.56
C LEU G 173 -57.32 1.47 21.72
N ASP G 174 -58.30 2.10 22.35
CA ASP G 174 -59.09 3.11 21.66
C ASP G 174 -58.45 4.48 21.81
N VAL G 175 -57.75 4.91 20.76
CA VAL G 175 -56.98 6.16 20.78
C VAL G 175 -57.86 7.37 21.01
N ASN G 176 -59.11 7.33 20.56
CA ASN G 176 -60.08 8.43 20.73
C ASN G 176 -60.60 8.57 22.16
N LYS G 177 -60.98 7.47 22.79
CA LYS G 177 -61.42 7.50 24.19
C LYS G 177 -60.23 7.85 25.09
N SER G 178 -59.02 7.58 24.61
CA SER G 178 -57.83 7.79 25.42
C SER G 178 -57.45 9.26 25.47
N SER G 179 -56.66 9.63 26.48
CA SER G 179 -56.19 11.00 26.64
C SER G 179 -54.67 11.06 26.48
N ALA G 180 -54.22 12.01 25.69
CA ALA G 180 -52.80 12.19 25.45
C ALA G 180 -52.44 13.67 25.67
N VAL G 181 -51.22 13.92 26.11
CA VAL G 181 -50.76 15.30 26.32
C VAL G 181 -49.32 15.40 25.84
N ASN G 182 -48.79 16.61 25.75
CA ASN G 182 -47.38 16.72 25.36
C ASN G 182 -46.45 16.36 26.48
N PHE G 183 -45.27 15.85 26.09
CA PHE G 183 -44.26 15.38 27.02
C PHE G 183 -42.95 15.93 26.54
N GLN G 184 -42.11 16.38 27.46
CA GLN G 184 -40.78 16.78 27.11
C GLN G 184 -39.84 16.49 28.26
N SER G 185 -38.79 15.71 27.98
CA SER G 185 -37.74 15.43 28.96
C SER G 185 -36.75 16.56 28.97
N PHE G 186 -36.09 16.73 30.10
CA PHE G 186 -35.01 17.72 30.22
C PHE G 186 -34.09 17.31 31.36
N ARG G 187 -32.90 17.90 31.38
CA ARG G 187 -31.95 17.62 32.44
C ARG G 187 -31.44 18.92 33.06
N ILE G 188 -31.46 19.00 34.39
CA ILE G 188 -30.79 20.13 35.06
C ILE G 188 -29.65 19.63 35.91
N GLN G 189 -28.65 20.50 36.09
CA GLN G 189 -27.55 20.22 37.01
C GLN G 189 -27.22 21.46 37.82
N ASP G 190 -26.40 21.30 38.85
CA ASP G 190 -25.91 22.44 39.60
C ASP G 190 -24.95 23.20 38.71
N ARG G 191 -24.90 24.52 38.87
CA ARG G 191 -24.02 25.36 38.07
C ARG G 191 -22.59 25.19 38.58
N PRO G 192 -21.64 24.78 37.70
CA PRO G 192 -20.25 24.54 38.13
C PRO G 192 -19.73 25.67 39.02
N GLU G 193 -20.28 26.86 38.78
CA GLU G 193 -19.90 28.09 39.47
C GLU G 193 -20.32 28.11 40.95
N THR G 194 -21.27 27.28 41.34
CA THR G 194 -21.65 27.18 42.76
C THR G 194 -20.96 25.99 43.47
N LEU G 195 -19.95 25.42 42.80
CA LEU G 195 -19.28 24.21 43.29
C LEU G 195 -17.78 24.44 43.48
N LYS G 196 -17.15 23.61 44.33
CA LYS G 196 -15.69 23.66 44.58
C LYS G 196 -14.82 23.27 43.39
N GLY G 197 -13.50 23.41 43.58
CA GLY G 197 -12.49 23.25 42.52
C GLY G 197 -12.72 22.22 41.43
N GLY G 198 -12.60 20.94 41.79
CA GLY G 198 -12.79 19.85 40.84
C GLY G 198 -14.06 19.05 41.09
N GLU G 199 -15.01 19.65 41.79
CA GLU G 199 -16.29 19.01 42.14
C GLU G 199 -17.15 18.72 40.91
N MET G 200 -17.40 17.44 40.66
CA MET G 200 -18.29 17.00 39.59
C MET G 200 -19.70 17.53 39.86
N PRO G 201 -20.34 18.15 38.86
CA PRO G 201 -21.71 18.62 39.08
C PRO G 201 -22.71 17.47 39.01
N ARG G 202 -23.64 17.43 39.96
CA ARG G 202 -24.71 16.44 39.94
C ARG G 202 -25.84 16.92 39.03
N PHE G 203 -26.49 15.98 38.35
CA PHE G 203 -27.55 16.29 37.40
C PHE G 203 -28.78 15.44 37.73
N ILE G 204 -29.95 15.85 37.26
CA ILE G 204 -31.18 15.04 37.42
C ILE G 204 -32.09 15.23 36.21
N ASP G 205 -32.79 14.16 35.81
CA ASP G 205 -33.69 14.25 34.67
C ASP G 205 -35.11 14.60 35.09
N GLY G 206 -35.74 15.51 34.35
CA GLY G 206 -37.09 15.96 34.64
C GLY G 206 -38.09 15.58 33.57
N ILE G 207 -39.37 15.63 33.90
CA ILE G 207 -40.43 15.43 32.92
C ILE G 207 -41.34 16.65 32.94
N LEU G 208 -41.62 17.21 31.76
CA LEU G 208 -42.60 18.28 31.63
C LEU G 208 -43.80 17.74 30.88
N LEU G 209 -44.99 17.93 31.43
CA LEU G 209 -46.19 17.50 30.75
C LEU G 209 -47.10 18.65 30.36
N ASP G 210 -47.91 18.41 29.34
CA ASP G 210 -48.98 19.31 28.93
C ASP G 210 -48.49 20.74 28.71
N ASP G 211 -49.06 21.66 29.46
CA ASP G 211 -48.85 23.10 29.23
C ASP G 211 -47.55 23.68 29.78
N ILE G 212 -46.61 22.85 30.23
CA ILE G 212 -45.30 23.38 30.67
C ILE G 212 -44.15 22.83 29.83
N VAL G 213 -44.48 22.15 28.73
CA VAL G 213 -43.47 21.72 27.76
C VAL G 213 -42.94 22.93 27.01
N ASP G 214 -41.74 22.81 26.46
CA ASP G 214 -41.13 23.87 25.66
C ASP G 214 -40.92 25.18 26.42
N VAL G 215 -40.86 25.07 27.74
CA VAL G 215 -40.79 26.24 28.59
C VAL G 215 -39.34 26.68 28.84
N ALA G 216 -38.39 25.79 28.54
CA ALA G 216 -36.98 26.09 28.79
C ALA G 216 -36.05 25.52 27.73
N LEU G 217 -34.88 26.15 27.63
CA LEU G 217 -33.85 25.76 26.67
C LEU G 217 -32.57 25.54 27.44
N PRO G 218 -31.61 24.80 26.84
CA PRO G 218 -30.34 24.60 27.52
C PRO G 218 -29.71 25.93 27.87
N GLY G 219 -29.14 25.99 29.07
CA GLY G 219 -28.50 27.20 29.53
C GLY G 219 -29.38 28.04 30.43
N ASP G 220 -30.68 27.73 30.44
CA ASP G 220 -31.63 28.44 31.29
C ASP G 220 -31.43 28.06 32.75
N ARG G 221 -31.28 29.08 33.60
CA ARG G 221 -31.25 28.90 35.04
C ARG G 221 -32.70 28.83 35.49
N VAL G 222 -33.07 27.77 36.19
CA VAL G 222 -34.49 27.60 36.56
C VAL G 222 -34.67 27.18 38.03
N ILE G 223 -35.88 27.39 38.55
CA ILE G 223 -36.31 26.76 39.80
C ILE G 223 -37.51 25.84 39.52
N VAL G 224 -37.28 24.53 39.52
CA VAL G 224 -38.37 23.58 39.36
C VAL G 224 -38.88 23.12 40.73
N THR G 225 -40.14 22.72 40.80
CA THR G 225 -40.63 21.99 41.95
C THR G 225 -41.23 20.75 41.34
N GLY G 226 -41.27 19.65 42.08
CA GLY G 226 -41.79 18.42 41.53
C GLY G 226 -41.67 17.28 42.48
N ILE G 227 -42.28 16.15 42.12
CA ILE G 227 -42.21 14.94 42.92
C ILE G 227 -41.01 14.14 42.46
N LEU G 228 -40.16 13.78 43.42
CA LEU G 228 -39.04 12.91 43.11
C LEU G 228 -39.54 11.51 42.97
N ARG G 229 -39.30 10.91 41.82
CA ARG G 229 -39.68 9.52 41.62
C ARG G 229 -38.44 8.70 41.41
N VAL G 230 -38.46 7.46 41.90
CA VAL G 230 -37.42 6.49 41.53
C VAL G 230 -38.08 5.42 40.69
N VAL G 231 -37.44 5.10 39.58
CA VAL G 231 -37.99 4.10 38.70
C VAL G 231 -36.97 2.98 38.51
N LEU G 232 -37.46 1.74 38.44
CA LEU G 232 -36.61 0.58 38.30
C LEU G 232 -36.08 0.47 36.88
N GLU G 233 -34.75 0.42 36.74
CA GLU G 233 -34.08 0.46 35.44
C GLU G 233 -34.58 -0.61 34.46
N LYS G 234 -34.81 -0.18 33.21
CA LYS G 234 -35.33 -1.06 32.15
C LYS G 234 -34.36 -2.20 31.81
N ARG G 235 -33.06 -1.90 31.83
CA ARG G 235 -32.01 -2.89 31.54
C ARG G 235 -32.00 -4.01 32.57
N GLU G 236 -32.49 -5.18 32.17
CA GLU G 236 -32.69 -6.32 33.07
C GLU G 236 -31.42 -7.13 33.36
N LYS G 237 -30.37 -6.43 33.79
CA LYS G 237 -29.15 -7.06 34.29
C LYS G 237 -28.89 -6.55 35.72
N THR G 238 -29.38 -7.30 36.71
CA THR G 238 -29.49 -6.81 38.10
C THR G 238 -29.74 -5.29 38.15
N PRO G 239 -30.93 -4.86 37.65
CA PRO G 239 -31.21 -3.43 37.47
C PRO G 239 -31.22 -2.65 38.79
N ILE G 240 -31.18 -1.31 38.70
CA ILE G 240 -31.20 -0.48 39.90
C ILE G 240 -32.09 0.76 39.73
N PHE G 241 -32.38 1.43 40.83
CA PHE G 241 -33.25 2.60 40.83
C PHE G 241 -32.58 3.85 40.29
N ARG G 242 -33.12 4.43 39.21
CA ARG G 242 -32.74 5.78 38.78
C ARG G 242 -33.79 6.76 39.26
N LYS G 243 -33.39 8.03 39.41
CA LYS G 243 -34.31 9.08 39.83
C LYS G 243 -34.76 10.04 38.70
N ILE G 244 -36.07 10.26 38.65
CA ILE G 244 -36.68 11.19 37.74
C ILE G 244 -37.42 12.24 38.58
N LEU G 245 -37.38 13.49 38.13
CA LEU G 245 -38.20 14.55 38.72
C LEU G 245 -39.45 14.85 37.88
N GLU G 246 -40.61 14.45 38.37
CA GLU G 246 -41.88 14.74 37.71
C GLU G 246 -42.22 16.19 38.09
N VAL G 247 -42.03 17.13 37.16
CA VAL G 247 -42.09 18.57 37.47
C VAL G 247 -43.50 19.05 37.71
N ASN G 248 -43.69 19.78 38.80
CA ASN G 248 -45.00 20.35 39.12
C ASN G 248 -45.09 21.82 38.71
N HIS G 249 -44.03 22.58 38.91
CA HIS G 249 -44.00 23.98 38.50
C HIS G 249 -42.58 24.33 38.10
N ILE G 250 -42.43 25.22 37.13
CA ILE G 250 -41.09 25.62 36.68
C ILE G 250 -41.09 27.06 36.19
N GLU G 251 -40.14 27.84 36.69
CA GLU G 251 -40.00 29.25 36.29
C GLU G 251 -38.52 29.54 36.24
N PRO G 252 -38.13 30.55 35.43
CA PRO G 252 -36.71 30.93 35.40
C PRO G 252 -36.30 31.61 36.70
N VAL G 253 -35.05 31.39 37.12
CA VAL G 253 -34.53 32.01 38.35
C VAL G 253 -34.47 33.53 38.17
N SER G 254 -34.86 34.24 39.22
CA SER G 254 -35.08 35.68 39.14
C SER G 254 -33.80 36.48 38.90
N SER H 1 -44.62 -65.41 13.83
CA SER H 1 -45.29 -64.28 13.12
C SER H 1 -46.11 -64.76 11.92
N VAL H 2 -46.18 -63.94 10.87
CA VAL H 2 -46.94 -64.28 9.64
C VAL H 2 -46.03 -64.28 8.41
N ASP H 3 -46.05 -65.38 7.65
CA ASP H 3 -45.37 -65.45 6.35
C ASP H 3 -46.17 -64.63 5.34
N ARG H 4 -45.50 -64.16 4.29
CA ARG H 4 -46.12 -63.19 3.38
C ARG H 4 -47.30 -63.74 2.59
N GLU H 5 -47.27 -65.03 2.27
CA GLU H 5 -48.39 -65.70 1.58
C GLU H 5 -49.69 -65.48 2.31
N GLU H 6 -49.65 -65.72 3.62
CA GLU H 6 -50.82 -65.62 4.47
C GLU H 6 -51.22 -64.17 4.71
N MET H 7 -50.23 -63.26 4.74
CA MET H 7 -50.50 -61.82 4.94
C MET H 7 -51.36 -61.26 3.82
N ILE H 8 -51.00 -61.60 2.58
CA ILE H 8 -51.73 -61.12 1.41
C ILE H 8 -53.22 -61.41 1.60
N GLU H 9 -53.53 -62.66 1.97
CA GLU H 9 -54.90 -63.08 2.22
C GLU H 9 -55.55 -62.31 3.36
N ARG H 10 -54.85 -62.22 4.49
CA ARG H 10 -55.36 -61.50 5.67
C ARG H 10 -55.61 -60.02 5.37
N PHE H 11 -54.78 -59.44 4.50
CA PHE H 11 -54.96 -58.05 4.07
C PHE H 11 -56.13 -57.91 3.12
N ALA H 12 -56.19 -58.80 2.13
CA ALA H 12 -57.27 -58.81 1.16
C ALA H 12 -58.63 -58.99 1.84
N ASN H 13 -58.65 -59.76 2.94
CA ASN H 13 -59.82 -59.81 3.80
C ASN H 13 -60.10 -58.41 4.33
N PHE H 14 -59.20 -57.91 5.17
CA PHE H 14 -59.34 -56.57 5.75
C PHE H 14 -59.91 -55.52 4.78
N LEU H 15 -59.32 -55.42 3.59
CA LEU H 15 -59.76 -54.45 2.59
C LEU H 15 -61.24 -54.62 2.20
N ARG H 16 -61.65 -55.86 1.90
CA ARG H 16 -63.03 -56.20 1.57
C ARG H 16 -63.93 -56.15 2.82
N GLU H 17 -63.49 -56.82 3.88
CA GLU H 17 -64.30 -57.02 5.10
C GLU H 17 -64.53 -55.78 5.97
N TYR H 18 -63.50 -55.00 6.25
CA TYR H 18 -63.62 -53.96 7.25
C TYR H 18 -64.73 -52.96 6.95
N THR H 19 -65.53 -52.70 7.98
CA THR H 19 -66.61 -51.73 7.94
C THR H 19 -66.57 -50.85 9.17
N ASP H 20 -66.85 -49.56 8.99
CA ASP H 20 -66.76 -48.59 10.08
C ASP H 20 -67.95 -48.67 11.01
N GLU H 21 -68.05 -47.68 11.90
CA GLU H 21 -69.14 -47.52 12.87
C GLU H 21 -70.52 -47.43 12.21
N ASP H 22 -70.55 -47.23 10.89
CA ASP H 22 -71.77 -47.12 10.09
C ASP H 22 -71.97 -48.27 9.10
N GLY H 23 -71.08 -49.27 9.15
CA GLY H 23 -71.18 -50.44 8.27
C GLY H 23 -70.80 -50.25 6.81
N ASN H 24 -70.07 -49.16 6.48
CA ASN H 24 -69.53 -48.95 5.13
C ASN H 24 -68.20 -49.67 4.93
N PRO H 25 -67.99 -50.30 3.76
CA PRO H 25 -66.70 -50.94 3.54
C PRO H 25 -65.63 -49.93 3.12
N VAL H 26 -65.25 -49.06 4.05
CA VAL H 26 -64.30 -47.97 3.82
C VAL H 26 -63.25 -48.26 2.74
N TYR H 27 -62.53 -49.38 2.90
CA TYR H 27 -61.39 -49.65 2.04
C TYR H 27 -61.79 -50.15 0.66
N ARG H 28 -62.98 -50.73 0.58
CA ARG H 28 -63.60 -50.99 -0.72
C ARG H 28 -63.85 -49.66 -1.46
N GLY H 29 -64.33 -48.67 -0.71
CA GLY H 29 -64.52 -47.32 -1.22
C GLY H 29 -63.22 -46.75 -1.76
N LYS H 30 -62.23 -46.64 -0.89
CA LYS H 30 -60.92 -46.12 -1.28
C LYS H 30 -60.33 -46.81 -2.51
N ILE H 31 -60.55 -48.12 -2.63
CA ILE H 31 -60.02 -48.88 -3.76
C ILE H 31 -60.68 -48.46 -5.07
N THR H 32 -61.97 -48.14 -5.01
CA THR H 32 -62.67 -47.70 -6.22
C THR H 32 -62.20 -46.32 -6.69
N ASP H 33 -61.88 -45.45 -5.74
CA ASP H 33 -61.34 -44.11 -6.04
C ASP H 33 -60.03 -44.17 -6.79
N LEU H 34 -59.64 -45.38 -7.14
CA LEU H 34 -58.47 -45.60 -7.92
C LEU H 34 -58.90 -45.80 -9.38
N LEU H 35 -60.22 -45.80 -9.61
CA LEU H 35 -60.78 -45.99 -10.95
C LEU H 35 -61.52 -44.75 -11.49
N THR H 36 -61.26 -43.59 -10.88
CA THR H 36 -61.84 -42.30 -11.30
C THR H 36 -61.16 -41.74 -12.54
N ILE H 37 -61.82 -40.80 -13.22
CA ILE H 37 -61.24 -40.04 -14.33
C ILE H 37 -59.72 -39.84 -14.17
N THR H 38 -59.33 -39.11 -13.13
CA THR H 38 -57.94 -39.11 -12.67
C THR H 38 -57.90 -39.68 -11.25
N PRO H 39 -57.16 -40.77 -11.06
CA PRO H 39 -57.28 -41.54 -9.85
C PRO H 39 -56.31 -41.13 -8.76
N LYS H 40 -56.20 -41.98 -7.74
CA LYS H 40 -55.16 -41.92 -6.72
C LYS H 40 -54.26 -43.13 -6.91
N ARG H 41 -52.97 -42.97 -6.62
CA ARG H 41 -52.03 -44.08 -6.67
C ARG H 41 -51.75 -44.72 -5.30
N SER H 42 -52.50 -44.29 -4.29
CA SER H 42 -52.29 -44.75 -2.92
C SER H 42 -53.60 -45.07 -2.20
N VAL H 43 -53.53 -45.95 -1.22
CA VAL H 43 -54.65 -46.23 -0.34
C VAL H 43 -54.15 -46.01 1.07
N ALA H 44 -54.69 -45.00 1.74
CA ALA H 44 -54.25 -44.68 3.10
C ALA H 44 -54.97 -45.57 4.08
N ILE H 45 -54.26 -46.51 4.68
CA ILE H 45 -54.89 -47.41 5.64
C ILE H 45 -54.65 -46.90 7.05
N ASP H 46 -55.73 -46.66 7.78
CA ASP H 46 -55.65 -46.27 9.19
C ASP H 46 -55.23 -47.47 10.03
N TRP H 47 -54.15 -47.32 10.79
CA TRP H 47 -53.59 -48.46 11.50
C TRP H 47 -54.58 -48.98 12.54
N MET H 48 -55.32 -48.05 13.16
CA MET H 48 -56.32 -48.41 14.17
C MET H 48 -57.38 -49.34 13.58
N HIS H 49 -57.83 -49.05 12.36
CA HIS H 49 -58.74 -49.94 11.65
C HIS H 49 -58.16 -51.34 11.53
N LEU H 50 -56.96 -51.47 10.96
CA LEU H 50 -56.32 -52.76 10.80
C LEU H 50 -56.11 -53.44 12.14
N ASN H 51 -55.89 -52.65 13.19
CA ASN H 51 -55.67 -53.22 14.51
C ASN H 51 -56.92 -53.84 15.13
N SER H 52 -58.00 -53.07 15.14
CA SER H 52 -59.26 -53.54 15.69
C SER H 52 -59.84 -54.74 14.91
N PHE H 53 -59.33 -54.99 13.72
CA PHE H 53 -59.86 -56.03 12.85
C PHE H 53 -58.96 -57.28 12.78
N ASP H 54 -57.65 -57.10 12.84
CA ASP H 54 -56.70 -58.21 12.70
C ASP H 54 -55.43 -57.84 13.47
N SER H 55 -55.61 -57.63 14.76
CA SER H 55 -54.56 -57.15 15.66
C SER H 55 -53.17 -57.75 15.45
N GLU H 56 -53.13 -59.03 15.10
CA GLU H 56 -51.86 -59.70 14.87
C GLU H 56 -51.14 -59.14 13.63
N LEU H 57 -51.91 -58.91 12.56
CA LEU H 57 -51.36 -58.37 11.32
C LEU H 57 -50.97 -56.93 11.46
N ALA H 58 -51.76 -56.17 12.22
CA ALA H 58 -51.46 -54.77 12.49
C ALA H 58 -50.14 -54.63 13.23
N HIS H 59 -49.95 -55.48 14.24
CA HIS H 59 -48.69 -55.52 14.98
C HIS H 59 -47.54 -55.94 14.05
N GLU H 60 -47.87 -56.73 13.04
CA GLU H 60 -46.88 -57.20 12.08
C GLU H 60 -46.34 -56.12 11.13
N VAL H 61 -47.18 -55.17 10.71
CA VAL H 61 -46.69 -54.14 9.78
C VAL H 61 -45.68 -53.26 10.47
N ILE H 62 -45.75 -53.19 11.79
CA ILE H 62 -44.80 -52.41 12.56
C ILE H 62 -43.47 -53.14 12.73
N GLU H 63 -43.53 -54.44 12.99
CA GLU H 63 -42.32 -55.23 13.19
C GLU H 63 -41.60 -55.47 11.88
N ASN H 64 -42.39 -55.71 10.83
CA ASN H 64 -41.84 -55.97 9.51
C ASN H 64 -42.49 -55.09 8.44
N PRO H 65 -42.25 -53.77 8.52
CA PRO H 65 -42.95 -52.86 7.63
C PRO H 65 -42.75 -53.20 6.15
N GLU H 66 -41.55 -53.65 5.79
CA GLU H 66 -41.25 -53.89 4.38
C GLU H 66 -42.13 -54.98 3.75
N GLU H 67 -42.30 -56.10 4.46
CA GLU H 67 -43.13 -57.21 3.99
C GLU H 67 -44.59 -56.88 4.22
N GLY H 68 -44.87 -56.25 5.36
CA GLY H 68 -46.21 -55.79 5.69
C GLY H 68 -46.76 -54.92 4.58
N ILE H 69 -46.08 -53.82 4.28
CA ILE H 69 -46.48 -52.91 3.21
C ILE H 69 -46.60 -53.64 1.89
N SER H 70 -45.56 -54.42 1.55
CA SER H 70 -45.51 -55.18 0.31
C SER H 70 -46.70 -56.13 0.14
N ALA H 71 -47.06 -56.84 1.20
CA ALA H 71 -48.19 -57.78 1.18
C ALA H 71 -49.53 -57.07 0.99
N ALA H 72 -49.75 -55.98 1.72
CA ALA H 72 -50.94 -55.14 1.54
C ALA H 72 -51.06 -54.61 0.10
N GLU H 73 -49.94 -54.26 -0.50
CA GLU H 73 -49.94 -53.75 -1.85
C GLU H 73 -50.28 -54.86 -2.84
N ASP H 74 -49.94 -56.10 -2.49
CA ASP H 74 -50.29 -57.29 -3.28
C ASP H 74 -51.78 -57.59 -3.17
N ALA H 75 -52.34 -57.37 -1.98
CA ALA H 75 -53.77 -57.57 -1.72
C ALA H 75 -54.62 -56.54 -2.44
N ILE H 76 -54.20 -55.28 -2.37
CA ILE H 76 -54.85 -54.22 -3.15
C ILE H 76 -54.89 -54.67 -4.62
N GLN H 77 -53.77 -55.21 -5.11
CA GLN H 77 -53.64 -55.59 -6.50
C GLN H 77 -54.55 -56.77 -6.89
N ILE H 78 -54.77 -57.71 -5.97
CA ILE H 78 -55.65 -58.85 -6.26
C ILE H 78 -57.13 -58.47 -6.11
N VAL H 79 -57.44 -57.55 -5.20
CA VAL H 79 -58.81 -57.05 -5.06
C VAL H 79 -59.23 -56.24 -6.29
N LEU H 80 -58.26 -55.59 -6.95
CA LEU H 80 -58.54 -54.92 -8.21
C LEU H 80 -58.86 -55.97 -9.30
N ARG H 81 -57.98 -56.96 -9.42
CA ARG H 81 -58.12 -58.00 -10.42
C ARG H 81 -59.40 -58.80 -10.20
N GLU H 82 -59.63 -59.23 -8.96
CA GLU H 82 -60.74 -60.14 -8.65
C GLU H 82 -62.08 -59.46 -8.50
N ASP H 83 -62.13 -58.31 -7.83
CA ASP H 83 -63.42 -57.65 -7.55
C ASP H 83 -63.81 -56.54 -8.53
N PHE H 84 -62.91 -56.17 -9.45
CA PHE H 84 -63.19 -55.07 -10.37
C PHE H 84 -62.67 -55.31 -11.78
N GLN H 85 -62.15 -56.51 -12.02
CA GLN H 85 -61.61 -56.92 -13.31
C GLN H 85 -60.62 -55.90 -13.86
N ARG H 86 -59.63 -55.55 -13.04
CA ARG H 86 -58.65 -54.55 -13.41
C ARG H 86 -57.26 -55.00 -13.01
N GLU H 87 -56.41 -55.19 -14.01
CA GLU H 87 -55.04 -55.62 -13.76
C GLU H 87 -54.11 -54.76 -14.60
N ASP H 88 -54.57 -53.55 -14.87
CA ASP H 88 -53.83 -52.62 -15.70
C ASP H 88 -53.52 -51.35 -14.91
N VAL H 89 -53.87 -51.37 -13.62
CA VAL H 89 -53.83 -50.16 -12.81
C VAL H 89 -52.41 -49.74 -12.44
N GLY H 90 -51.51 -50.70 -12.28
CA GLY H 90 -50.12 -50.41 -11.95
C GLY H 90 -49.95 -50.25 -10.45
N LYS H 91 -48.76 -49.83 -10.04
CA LYS H 91 -48.41 -49.77 -8.63
C LYS H 91 -49.35 -48.87 -7.83
N ILE H 92 -49.93 -49.46 -6.77
CA ILE H 92 -50.72 -48.73 -5.79
C ILE H 92 -50.09 -48.89 -4.42
N HIS H 93 -49.64 -47.78 -3.84
CA HIS H 93 -48.98 -47.78 -2.54
C HIS H 93 -49.98 -48.02 -1.42
N ALA H 94 -49.57 -48.77 -0.40
CA ALA H 94 -50.33 -48.89 0.83
C ALA H 94 -49.61 -48.07 1.88
N ARG H 95 -50.25 -46.97 2.28
CA ARG H 95 -49.60 -46.05 3.21
C ARG H 95 -50.32 -46.07 4.54
N PHE H 96 -49.64 -46.57 5.58
CA PHE H 96 -50.20 -46.70 6.91
C PHE H 96 -50.00 -45.44 7.73
N TYR H 97 -51.06 -45.03 8.41
CA TYR H 97 -51.01 -43.84 9.26
C TYR H 97 -51.73 -44.08 10.57
N ASN H 98 -51.60 -43.12 11.49
CA ASN H 98 -52.23 -43.22 12.80
C ASN H 98 -51.73 -44.45 13.57
N LEU H 99 -50.43 -44.52 13.73
CA LEU H 99 -49.79 -45.61 14.46
C LEU H 99 -49.95 -45.39 15.95
N PRO H 100 -49.74 -46.45 16.76
CA PRO H 100 -50.05 -46.42 18.19
C PRO H 100 -49.18 -45.44 18.98
N GLU H 101 -47.90 -45.32 18.63
CA GLU H 101 -46.96 -44.49 19.39
C GLU H 101 -46.38 -43.39 18.51
N THR H 102 -46.23 -42.19 19.06
CA THR H 102 -45.60 -41.09 18.33
C THR H 102 -44.26 -40.67 18.92
N LEU H 103 -43.19 -40.76 18.13
CA LEU H 103 -41.86 -40.38 18.59
C LEU H 103 -41.57 -38.92 18.25
N MET H 104 -40.79 -38.28 19.12
CA MET H 104 -40.11 -37.05 18.76
C MET H 104 -38.82 -37.51 18.12
N VAL H 105 -38.23 -36.66 17.29
CA VAL H 105 -37.01 -37.03 16.57
C VAL H 105 -35.94 -37.56 17.55
N LYS H 106 -35.87 -36.94 18.72
CA LYS H 106 -34.91 -37.31 19.77
C LYS H 106 -35.19 -38.69 20.37
N ASP H 107 -36.41 -39.16 20.23
CA ASP H 107 -36.80 -40.45 20.78
C ASP H 107 -36.42 -41.62 19.87
N ILE H 108 -35.98 -41.31 18.65
CA ILE H 108 -35.61 -42.38 17.70
C ILE H 108 -34.36 -43.07 18.19
N GLY H 109 -34.44 -44.39 18.34
CA GLY H 109 -33.32 -45.19 18.85
C GLY H 109 -33.06 -46.42 18.00
N ALA H 110 -32.02 -47.17 18.37
CA ALA H 110 -31.62 -48.35 17.60
C ALA H 110 -32.70 -49.43 17.55
N GLU H 111 -33.63 -49.39 18.50
CA GLU H 111 -34.70 -50.39 18.56
C GLU H 111 -35.74 -50.18 17.47
N HIS H 112 -35.66 -49.06 16.76
CA HIS H 112 -36.60 -48.77 15.68
C HIS H 112 -36.10 -49.15 14.28
N ILE H 113 -34.78 -49.34 14.13
CA ILE H 113 -34.17 -49.74 12.87
C ILE H 113 -34.96 -50.83 12.17
N ASN H 114 -35.43 -50.52 10.97
CA ASN H 114 -36.22 -51.42 10.13
C ASN H 114 -37.62 -51.71 10.63
N LYS H 115 -38.17 -50.78 11.40
CA LYS H 115 -39.53 -50.91 11.88
C LYS H 115 -40.27 -49.68 11.46
N LEU H 116 -41.59 -49.74 11.50
CA LEU H 116 -42.42 -48.62 11.12
C LEU H 116 -42.56 -47.72 12.32
N ILE H 117 -42.05 -46.50 12.20
CA ILE H 117 -42.17 -45.53 13.28
C ILE H 117 -43.05 -44.37 12.84
N GLN H 118 -43.55 -43.61 13.80
CA GLN H 118 -44.31 -42.41 13.52
C GLN H 118 -43.68 -41.22 14.24
N VAL H 119 -43.26 -40.24 13.47
CA VAL H 119 -42.54 -39.11 14.01
C VAL H 119 -43.32 -37.85 13.74
N GLU H 120 -43.51 -37.04 14.79
CA GLU H 120 -44.05 -35.68 14.65
C GLU H 120 -42.89 -34.69 14.72
N GLY H 121 -42.90 -33.70 13.84
CA GLY H 121 -41.82 -32.72 13.78
C GLY H 121 -42.14 -31.58 12.84
N ILE H 122 -41.18 -30.68 12.65
CA ILE H 122 -41.34 -29.56 11.72
C ILE H 122 -40.30 -29.72 10.62
N VAL H 123 -40.67 -29.37 9.39
CA VAL H 123 -39.76 -29.51 8.25
C VAL H 123 -38.73 -28.39 8.21
N THR H 124 -37.46 -28.77 8.20
CA THR H 124 -36.33 -27.85 8.17
C THR H 124 -36.02 -27.46 6.74
N ARG H 125 -35.80 -28.46 5.89
CA ARG H 125 -35.54 -28.16 4.49
C ARG H 125 -36.17 -29.24 3.62
N VAL H 126 -36.28 -28.96 2.32
CA VAL H 126 -36.73 -29.96 1.37
C VAL H 126 -35.87 -29.86 0.14
N GLY H 127 -35.64 -30.99 -0.50
CA GLY H 127 -34.77 -31.03 -1.65
C GLY H 127 -35.47 -30.77 -2.97
N GLU H 128 -34.65 -30.72 -4.03
CA GLU H 128 -35.11 -30.60 -5.40
C GLU H 128 -35.79 -31.93 -5.74
N ILE H 129 -36.79 -31.89 -6.61
CA ILE H 129 -37.50 -33.10 -7.00
C ILE H 129 -36.88 -33.74 -8.22
N LYS H 130 -36.25 -34.88 -8.03
CA LYS H 130 -35.51 -35.51 -9.11
C LYS H 130 -36.02 -36.92 -9.37
N PRO H 131 -35.64 -37.48 -10.52
CA PRO H 131 -36.01 -38.84 -10.87
C PRO H 131 -35.11 -39.89 -10.18
N PHE H 132 -35.75 -40.96 -9.68
CA PHE H 132 -35.05 -42.06 -9.04
C PHE H 132 -35.36 -43.34 -9.79
N VAL H 133 -34.33 -44.01 -10.32
CA VAL H 133 -34.55 -45.28 -11.03
C VAL H 133 -34.88 -46.35 -10.01
N SER H 134 -36.18 -46.65 -9.86
CA SER H 134 -36.67 -47.56 -8.82
C SER H 134 -36.49 -49.02 -9.16
N VAL H 135 -36.45 -49.30 -10.46
CA VAL H 135 -36.20 -50.64 -10.96
C VAL H 135 -35.33 -50.51 -12.21
N ALA H 136 -34.13 -51.06 -12.13
CA ALA H 136 -33.19 -51.02 -13.25
C ALA H 136 -33.23 -52.31 -14.03
N VAL H 137 -33.44 -52.19 -15.34
CA VAL H 137 -33.44 -53.34 -16.21
C VAL H 137 -32.20 -53.29 -17.09
N PHE H 138 -31.35 -54.28 -16.93
CA PHE H 138 -30.11 -54.35 -17.66
C PHE H 138 -30.21 -55.37 -18.78
N VAL H 139 -29.82 -54.94 -19.97
CA VAL H 139 -29.86 -55.79 -21.15
C VAL H 139 -28.45 -56.08 -21.65
N CYS H 140 -28.12 -57.37 -21.74
CA CYS H 140 -26.87 -57.78 -22.36
C CYS H 140 -26.94 -57.53 -23.86
N LYS H 141 -25.92 -56.86 -24.40
CA LYS H 141 -25.92 -56.50 -25.83
C LYS H 141 -25.43 -57.64 -26.72
N ASP H 142 -24.86 -58.67 -26.10
CA ASP H 142 -24.40 -59.83 -26.84
C ASP H 142 -25.51 -60.87 -27.08
N CYS H 143 -26.04 -61.45 -26.01
CA CYS H 143 -27.07 -62.47 -26.15
C CYS H 143 -28.51 -61.96 -26.03
N GLY H 144 -28.69 -60.72 -25.58
CA GLY H 144 -30.04 -60.13 -25.50
C GLY H 144 -30.78 -60.33 -24.17
N HIS H 145 -30.20 -61.13 -23.27
CA HIS H 145 -30.82 -61.46 -21.97
C HIS H 145 -31.08 -60.24 -21.10
N GLU H 146 -32.23 -60.23 -20.42
CA GLU H 146 -32.58 -59.14 -19.52
C GLU H 146 -32.36 -59.53 -18.06
N MET H 147 -31.93 -58.56 -17.26
CA MET H 147 -31.75 -58.75 -15.82
C MET H 147 -32.39 -57.63 -15.02
N ILE H 148 -33.19 -57.97 -14.02
CA ILE H 148 -33.94 -56.98 -13.27
C ILE H 148 -33.31 -56.73 -11.89
N VAL H 149 -32.80 -55.53 -11.69
CA VAL H 149 -32.26 -55.14 -10.39
C VAL H 149 -33.17 -54.11 -9.71
N PRO H 150 -33.76 -54.48 -8.57
CA PRO H 150 -34.58 -53.49 -7.90
C PRO H 150 -33.69 -52.58 -7.07
N GLN H 151 -34.13 -51.36 -6.82
CA GLN H 151 -33.29 -50.36 -6.16
C GLN H 151 -33.89 -49.90 -4.84
N LYS H 152 -33.04 -49.37 -3.95
CA LYS H 152 -33.52 -48.71 -2.76
C LYS H 152 -33.17 -47.23 -2.91
N PRO H 153 -34.10 -46.34 -2.54
CA PRO H 153 -33.86 -44.90 -2.75
C PRO H 153 -32.77 -44.33 -1.84
N TYR H 154 -32.40 -45.08 -0.80
CA TYR H 154 -31.41 -44.65 0.17
C TYR H 154 -30.05 -45.32 -0.04
N GLU H 155 -29.91 -46.04 -1.16
CA GLU H 155 -28.62 -46.56 -1.60
C GLU H 155 -28.34 -46.09 -3.02
N SER H 156 -27.12 -46.30 -3.53
CA SER H 156 -26.78 -45.81 -4.87
C SER H 156 -27.16 -46.84 -5.89
N LEU H 157 -27.30 -46.41 -7.15
CA LEU H 157 -27.74 -47.28 -8.24
C LEU H 157 -26.93 -48.55 -8.32
N GLU H 158 -27.58 -49.67 -8.06
CA GLU H 158 -26.94 -50.97 -8.09
C GLU H 158 -27.04 -51.55 -9.49
N LYS H 159 -25.90 -52.02 -10.00
CA LYS H 159 -25.78 -52.51 -11.37
C LYS H 159 -25.46 -53.99 -11.45
N VAL H 160 -25.22 -54.50 -12.65
CA VAL H 160 -24.81 -55.89 -12.84
C VAL H 160 -23.50 -55.92 -13.63
N LYS H 161 -22.50 -56.63 -13.13
CA LYS H 161 -21.18 -56.62 -13.75
C LYS H 161 -21.13 -57.41 -15.06
N LYS H 162 -21.59 -58.67 -15.03
CA LYS H 162 -21.67 -59.51 -16.23
C LYS H 162 -23.03 -60.19 -16.37
N CYS H 163 -23.39 -60.52 -17.60
CA CYS H 163 -24.64 -61.17 -17.95
C CYS H 163 -24.72 -62.55 -17.29
N GLU H 164 -25.80 -62.80 -16.56
CA GLU H 164 -25.96 -64.04 -15.81
C GLU H 164 -26.13 -65.24 -16.74
N GLN H 165 -26.52 -64.95 -17.99
CA GLN H 165 -26.73 -66.01 -18.99
C GLN H 165 -25.44 -66.39 -19.70
N CYS H 166 -24.89 -65.49 -20.50
CA CYS H 166 -23.70 -65.78 -21.30
C CYS H 166 -22.35 -65.27 -20.74
N GLY H 167 -22.34 -64.77 -19.50
CA GLY H 167 -21.11 -64.30 -18.85
C GLY H 167 -20.50 -62.99 -19.38
N SER H 168 -21.02 -62.51 -20.51
CA SER H 168 -20.52 -61.28 -21.15
C SER H 168 -20.58 -60.04 -20.27
N LYS H 169 -19.63 -59.13 -20.51
CA LYS H 169 -19.57 -57.85 -19.81
C LYS H 169 -20.17 -56.68 -20.59
N ASN H 170 -20.53 -56.94 -21.84
CA ASN H 170 -21.14 -55.93 -22.69
C ASN H 170 -22.63 -55.74 -22.36
N ILE H 171 -22.88 -55.07 -21.23
CA ILE H 171 -24.22 -54.82 -20.72
C ILE H 171 -24.55 -53.33 -20.78
N GLU H 172 -25.83 -52.99 -20.87
CA GLU H 172 -26.26 -51.61 -20.82
C GLU H 172 -27.55 -51.47 -20.03
N LEU H 173 -27.80 -50.26 -19.52
CA LEU H 173 -29.02 -49.99 -18.81
C LEU H 173 -30.11 -49.62 -19.81
N ASP H 174 -31.20 -50.39 -19.85
CA ASP H 174 -32.32 -50.04 -20.71
C ASP H 174 -33.24 -49.11 -19.96
N VAL H 175 -33.18 -47.83 -20.30
CA VAL H 175 -33.97 -46.81 -19.63
C VAL H 175 -35.48 -47.00 -19.84
N ASN H 176 -35.89 -47.54 -20.99
CA ASN H 176 -37.29 -47.83 -21.25
C ASN H 176 -37.88 -49.01 -20.47
N LYS H 177 -37.15 -50.11 -20.40
CA LYS H 177 -37.57 -51.25 -19.58
C LYS H 177 -37.52 -50.91 -18.08
N SER H 178 -36.72 -49.91 -17.72
CA SER H 178 -36.55 -49.53 -16.33
C SER H 178 -37.68 -48.67 -15.82
N SER H 179 -37.87 -48.68 -14.51
CA SER H 179 -38.93 -47.88 -13.88
C SER H 179 -38.31 -46.75 -13.06
N ALA H 180 -38.82 -45.54 -13.25
CA ALA H 180 -38.37 -44.39 -12.46
C ALA H 180 -39.55 -43.68 -11.83
N VAL H 181 -39.33 -43.08 -10.68
CA VAL H 181 -40.39 -42.33 -10.01
C VAL H 181 -39.79 -41.05 -9.44
N ASN H 182 -40.63 -40.12 -9.01
CA ASN H 182 -40.09 -38.92 -8.38
C ASN H 182 -39.47 -39.18 -7.00
N PHE H 183 -38.48 -38.37 -6.65
CA PHE H 183 -37.78 -38.50 -5.40
C PHE H 183 -37.64 -37.10 -4.85
N GLN H 184 -37.83 -36.95 -3.54
CA GLN H 184 -37.54 -35.69 -2.90
C GLN H 184 -37.06 -35.94 -1.49
N SER H 185 -35.90 -35.38 -1.15
CA SER H 185 -35.37 -35.47 0.20
C SER H 185 -35.93 -34.34 1.03
N PHE H 186 -36.00 -34.54 2.33
CA PHE H 186 -36.45 -33.50 3.25
C PHE H 186 -35.89 -33.80 4.62
N ARG H 187 -35.91 -32.79 5.50
CA ARG H 187 -35.43 -32.94 6.86
C ARG H 187 -36.46 -32.44 7.84
N ILE H 188 -36.78 -33.23 8.84
CA ILE H 188 -37.61 -32.72 9.94
C ILE H 188 -36.83 -32.72 11.24
N GLN H 189 -37.18 -31.80 12.13
CA GLN H 189 -36.63 -31.81 13.48
C GLN H 189 -37.73 -31.57 14.49
N ASP H 190 -37.41 -31.73 15.77
CA ASP H 190 -38.32 -31.36 16.83
C ASP H 190 -38.44 -29.84 16.88
N ARG H 191 -39.62 -29.34 17.24
CA ARG H 191 -39.85 -27.90 17.32
C ARG H 191 -39.18 -27.37 18.58
N PRO H 192 -38.26 -26.39 18.45
CA PRO H 192 -37.53 -25.87 19.63
C PRO H 192 -38.47 -25.58 20.80
N GLU H 193 -39.72 -25.26 20.47
CA GLU H 193 -40.77 -24.93 21.41
C GLU H 193 -41.22 -26.13 22.27
N THR H 194 -40.96 -27.35 21.83
CA THR H 194 -41.27 -28.53 22.65
C THR H 194 -40.04 -29.04 23.43
N LEU H 195 -38.98 -28.23 23.47
CA LEU H 195 -37.71 -28.61 24.09
C LEU H 195 -37.30 -27.66 25.22
N LYS H 196 -36.46 -28.15 26.13
CA LYS H 196 -35.91 -27.35 27.26
C LYS H 196 -34.98 -26.20 26.84
N GLY H 197 -34.59 -25.40 27.83
CA GLY H 197 -33.82 -24.16 27.64
C GLY H 197 -32.82 -24.10 26.50
N GLY H 198 -31.70 -24.79 26.66
CA GLY H 198 -30.64 -24.79 25.64
C GLY H 198 -30.52 -26.11 24.91
N GLU H 199 -31.60 -26.89 24.92
CA GLU H 199 -31.63 -28.22 24.29
C GLU H 199 -31.52 -28.11 22.78
N MET H 200 -30.45 -28.67 22.23
CA MET H 200 -30.26 -28.78 20.79
C MET H 200 -31.38 -29.63 20.20
N PRO H 201 -32.01 -29.16 19.10
CA PRO H 201 -33.05 -29.97 18.50
C PRO H 201 -32.45 -31.09 17.63
N ARG H 202 -33.00 -32.30 17.76
CA ARG H 202 -32.59 -33.43 16.93
C ARG H 202 -33.34 -33.39 15.60
N PHE H 203 -32.66 -33.78 14.53
CA PHE H 203 -33.22 -33.76 13.19
C PHE H 203 -33.07 -35.14 12.53
N ILE H 204 -33.84 -35.42 11.49
CA ILE H 204 -33.68 -36.66 10.72
C ILE H 204 -34.02 -36.43 9.26
N ASP H 205 -33.30 -37.10 8.36
CA ASP H 205 -33.56 -36.93 6.94
C ASP H 205 -34.55 -37.96 6.37
N GLY H 206 -35.47 -37.51 5.53
CA GLY H 206 -36.49 -38.39 5.01
C GLY H 206 -36.41 -38.54 3.51
N ILE H 207 -37.10 -39.53 2.99
CA ILE H 207 -37.22 -39.69 1.55
C ILE H 207 -38.69 -39.77 1.17
N LEU H 208 -39.10 -38.99 0.18
CA LEU H 208 -40.45 -39.05 -0.35
C LEU H 208 -40.36 -39.59 -1.76
N LEU H 209 -41.13 -40.63 -2.05
CA LEU H 209 -41.16 -41.17 -3.41
C LEU H 209 -42.51 -41.03 -4.10
N ASP H 210 -42.46 -41.02 -5.42
CA ASP H 210 -43.65 -41.04 -6.26
C ASP H 210 -44.68 -39.96 -5.94
N ASP H 211 -45.86 -40.41 -5.53
CA ASP H 211 -47.00 -39.51 -5.35
C ASP H 211 -47.05 -38.76 -4.02
N ILE H 212 -45.99 -38.81 -3.22
CA ILE H 212 -45.98 -38.00 -2.01
C ILE H 212 -44.85 -36.96 -2.03
N VAL H 213 -44.24 -36.75 -3.19
CA VAL H 213 -43.26 -35.69 -3.34
C VAL H 213 -43.99 -34.34 -3.38
N ASP H 214 -43.26 -33.26 -3.06
CA ASP H 214 -43.79 -31.91 -3.12
C ASP H 214 -44.98 -31.68 -2.22
N VAL H 215 -45.11 -32.53 -1.21
CA VAL H 215 -46.23 -32.49 -0.30
C VAL H 215 -46.01 -31.52 0.87
N ALA H 216 -44.77 -31.07 1.06
CA ALA H 216 -44.46 -30.23 2.21
C ALA H 216 -43.40 -29.18 1.89
N LEU H 217 -43.43 -28.09 2.65
CA LEU H 217 -42.45 -27.02 2.52
C LEU H 217 -41.83 -26.75 3.88
N PRO H 218 -40.65 -26.13 3.91
CA PRO H 218 -40.06 -25.80 5.20
C PRO H 218 -41.05 -25.03 6.08
N GLY H 219 -41.07 -25.37 7.36
CA GLY H 219 -41.93 -24.69 8.30
C GLY H 219 -43.20 -25.47 8.53
N ASP H 220 -43.46 -26.47 7.69
CA ASP H 220 -44.66 -27.30 7.85
C ASP H 220 -44.50 -28.22 9.05
N ARG H 221 -45.49 -28.21 9.93
CA ARG H 221 -45.59 -29.15 11.03
C ARG H 221 -46.22 -30.41 10.45
N VAL H 222 -45.55 -31.55 10.55
CA VAL H 222 -46.08 -32.78 9.94
C VAL H 222 -46.00 -34.00 10.86
N ILE H 223 -46.80 -35.02 10.56
CA ILE H 223 -46.65 -36.35 11.14
C ILE H 223 -46.31 -37.34 10.04
N VAL H 224 -45.05 -37.76 9.97
CA VAL H 224 -44.67 -38.79 9.01
C VAL H 224 -44.71 -40.18 9.67
N THR H 225 -44.94 -41.22 8.87
CA THR H 225 -44.70 -42.58 9.30
C THR H 225 -43.78 -43.16 8.26
N GLY H 226 -42.94 -44.11 8.64
CA GLY H 226 -41.98 -44.64 7.70
C GLY H 226 -41.07 -45.64 8.34
N ILE H 227 -40.27 -46.31 7.51
CA ILE H 227 -39.30 -47.29 7.96
C ILE H 227 -37.99 -46.57 8.25
N LEU H 228 -37.47 -46.75 9.45
CA LEU H 228 -36.17 -46.23 9.80
C LEU H 228 -35.11 -47.08 9.14
N ARG H 229 -34.29 -46.47 8.31
CA ARG H 229 -33.19 -47.20 7.72
C ARG H 229 -31.88 -46.63 8.24
N VAL H 230 -30.89 -47.49 8.40
CA VAL H 230 -29.53 -47.00 8.61
C VAL H 230 -28.72 -47.36 7.38
N VAL H 231 -27.93 -46.40 6.90
CA VAL H 231 -27.14 -46.64 5.72
C VAL H 231 -25.68 -46.33 6.02
N LEU H 232 -24.78 -47.14 5.45
CA LEU H 232 -23.35 -47.00 5.69
C LEU H 232 -22.80 -45.81 4.93
N GLU H 233 -22.15 -44.89 5.65
CA GLU H 233 -21.68 -43.62 5.10
C GLU H 233 -20.79 -43.79 3.87
N LYS H 234 -21.03 -42.97 2.84
CA LYS H 234 -20.28 -43.05 1.58
C LYS H 234 -18.81 -42.70 1.75
N ARG H 235 -18.51 -41.74 2.63
CA ARG H 235 -17.14 -41.32 2.91
C ARG H 235 -16.32 -42.45 3.54
N GLU H 236 -15.42 -43.01 2.73
CA GLU H 236 -14.66 -44.20 3.12
C GLU H 236 -13.44 -43.90 4.01
N LYS H 237 -13.69 -43.20 5.11
CA LYS H 237 -12.69 -42.98 6.17
C LYS H 237 -13.27 -43.48 7.50
N THR H 238 -13.00 -44.75 7.83
CA THR H 238 -13.71 -45.47 8.91
C THR H 238 -15.17 -45.00 9.00
N PRO H 239 -15.98 -45.27 7.94
CA PRO H 239 -17.34 -44.71 7.85
C PRO H 239 -18.26 -45.20 8.96
N ILE H 240 -19.41 -44.55 9.12
CA ILE H 240 -20.36 -44.95 10.16
C ILE H 240 -21.81 -44.88 9.67
N PHE H 241 -22.72 -45.48 10.42
CA PHE H 241 -24.13 -45.53 10.06
C PHE H 241 -24.83 -44.19 10.28
N ARG H 242 -25.40 -43.63 9.20
CA ARG H 242 -26.39 -42.54 9.32
C ARG H 242 -27.81 -43.11 9.18
N LYS H 243 -28.78 -42.39 9.73
CA LYS H 243 -30.18 -42.81 9.64
C LYS H 243 -31.02 -41.98 8.65
N ILE H 244 -31.75 -42.70 7.82
CA ILE H 244 -32.69 -42.12 6.89
C ILE H 244 -34.08 -42.66 7.20
N LEU H 245 -35.10 -41.81 7.04
CA LEU H 245 -36.48 -42.23 7.19
C LEU H 245 -37.13 -42.38 5.83
N GLU H 246 -37.40 -43.62 5.43
CA GLU H 246 -38.10 -43.92 4.19
C GLU H 246 -39.59 -43.74 4.47
N VAL H 247 -40.17 -42.63 4.01
CA VAL H 247 -41.52 -42.22 4.42
C VAL H 247 -42.60 -43.09 3.82
N ASN H 248 -43.50 -43.58 4.66
CA ASN H 248 -44.62 -44.35 4.18
C ASN H 248 -45.90 -43.52 4.01
N HIS H 249 -46.16 -42.63 4.97
CA HIS H 249 -47.30 -41.74 4.91
C HIS H 249 -46.93 -40.40 5.54
N ILE H 250 -47.44 -39.31 5.01
CA ILE H 250 -47.17 -37.99 5.58
C ILE H 250 -48.37 -37.05 5.44
N GLU H 251 -48.78 -36.45 6.54
CA GLU H 251 -49.88 -35.49 6.57
C GLU H 251 -49.48 -34.35 7.49
N PRO H 252 -50.07 -33.15 7.27
CA PRO H 252 -49.81 -32.04 8.21
C PRO H 252 -50.44 -32.31 9.56
N VAL H 253 -49.79 -31.84 10.63
CA VAL H 253 -50.32 -32.00 11.98
C VAL H 253 -51.61 -31.19 12.13
N SER H 254 -52.60 -31.79 12.77
CA SER H 254 -53.97 -31.25 12.79
C SER H 254 -54.08 -29.93 13.55
N SER I 1 35.99 -66.71 -26.96
CA SER I 1 35.09 -65.87 -27.81
C SER I 1 35.54 -65.87 -29.28
N VAL I 2 35.12 -64.84 -30.02
CA VAL I 2 35.39 -64.72 -31.46
C VAL I 2 36.04 -63.36 -31.80
N ASP I 3 37.18 -63.40 -32.50
CA ASP I 3 37.82 -62.17 -33.01
C ASP I 3 36.99 -61.65 -34.17
N ARG I 4 37.09 -60.35 -34.46
CA ARG I 4 36.15 -59.73 -35.40
C ARG I 4 36.32 -60.20 -36.84
N GLU I 5 37.54 -60.55 -37.24
CA GLU I 5 37.80 -61.12 -38.57
C GLU I 5 36.88 -62.30 -38.85
N GLU I 6 36.82 -63.22 -37.88
CA GLU I 6 36.05 -64.44 -38.00
C GLU I 6 34.56 -64.17 -37.88
N MET I 7 34.19 -63.15 -37.11
CA MET I 7 32.77 -62.79 -36.93
C MET I 7 32.15 -62.36 -38.25
N ILE I 8 32.85 -61.50 -38.97
CA ILE I 8 32.38 -61.02 -40.24
C ILE I 8 31.99 -62.20 -41.12
N GLU I 9 32.89 -63.18 -41.23
CA GLU I 9 32.62 -64.40 -42.02
C GLU I 9 31.42 -65.16 -41.51
N ARG I 10 31.37 -65.38 -40.19
CA ARG I 10 30.29 -66.13 -39.55
C ARG I 10 28.95 -65.44 -39.74
N PHE I 11 28.97 -64.10 -39.77
CA PHE I 11 27.77 -63.30 -40.03
C PHE I 11 27.37 -63.39 -41.49
N ALA I 12 28.34 -63.19 -42.38
CA ALA I 12 28.11 -63.28 -43.80
C ALA I 12 27.54 -64.64 -44.21
N ASN I 13 27.96 -65.69 -43.53
CA ASN I 13 27.31 -66.99 -43.66
C ASN I 13 25.86 -66.84 -43.26
N PHE I 14 25.63 -66.57 -41.98
CA PHE I 14 24.28 -66.42 -41.46
C PHE I 14 23.34 -65.71 -42.43
N LEU I 15 23.75 -64.55 -42.93
CA LEU I 15 22.93 -63.74 -43.85
C LEU I 15 22.53 -64.45 -45.14
N ARG I 16 23.50 -65.06 -45.80
CA ARG I 16 23.26 -65.90 -46.98
C ARG I 16 22.58 -67.25 -46.64
N GLU I 17 23.11 -67.97 -45.65
CA GLU I 17 22.68 -69.33 -45.30
C GLU I 17 21.31 -69.44 -44.64
N TYR I 18 21.00 -68.59 -43.66
CA TYR I 18 19.80 -68.82 -42.84
C TYR I 18 18.54 -68.89 -43.67
N THR I 19 17.74 -69.93 -43.40
CA THR I 19 16.44 -70.15 -44.04
C THR I 19 15.41 -70.48 -42.96
N ASP I 20 14.20 -69.98 -43.13
CA ASP I 20 13.14 -70.20 -42.15
C ASP I 20 12.49 -71.59 -42.29
N GLU I 21 11.41 -71.77 -41.52
CA GLU I 21 10.61 -73.00 -41.48
C GLU I 21 10.10 -73.40 -42.86
N ASP I 22 10.18 -72.47 -43.82
CA ASP I 22 9.72 -72.67 -45.21
C ASP I 22 10.87 -72.70 -46.23
N GLY I 23 12.10 -72.59 -45.77
CA GLY I 23 13.28 -72.64 -46.63
C GLY I 23 13.62 -71.39 -47.44
N ASN I 24 13.04 -70.25 -47.06
CA ASN I 24 13.38 -68.95 -47.67
C ASN I 24 14.61 -68.35 -47.02
N PRO I 25 15.49 -67.73 -47.81
CA PRO I 25 16.65 -67.08 -47.21
C PRO I 25 16.29 -65.67 -46.70
N VAL I 26 15.46 -65.63 -45.65
CA VAL I 26 15.00 -64.38 -45.01
C VAL I 26 15.96 -63.18 -45.16
N TYR I 27 17.20 -63.35 -44.75
CA TYR I 27 18.11 -62.21 -44.65
C TYR I 27 18.66 -61.80 -46.02
N ARG I 28 18.68 -62.74 -46.94
CA ARG I 28 18.95 -62.43 -48.34
C ARG I 28 17.84 -61.51 -48.84
N GLY I 29 16.61 -61.84 -48.46
CA GLY I 29 15.45 -61.02 -48.78
C GLY I 29 15.61 -59.62 -48.25
N LYS I 30 15.73 -59.49 -46.94
CA LYS I 30 15.91 -58.20 -46.29
C LYS I 30 17.03 -57.38 -46.91
N ILE I 31 18.12 -58.03 -47.34
CA ILE I 31 19.25 -57.28 -47.93
C ILE I 31 18.90 -56.70 -49.28
N THR I 32 18.07 -57.38 -50.06
CA THR I 32 17.66 -56.85 -51.37
C THR I 32 16.72 -55.64 -51.22
N ASP I 33 15.89 -55.65 -50.19
CA ASP I 33 15.02 -54.52 -49.85
C ASP I 33 15.80 -53.23 -49.54
N LEU I 34 17.13 -53.26 -49.73
CA LEU I 34 17.96 -52.05 -49.56
C LEU I 34 18.53 -51.57 -50.88
N LEU I 35 18.13 -52.21 -51.98
CA LEU I 35 18.70 -51.93 -53.30
C LEU I 35 17.97 -50.87 -54.15
N THR I 36 16.65 -50.76 -53.95
CA THR I 36 15.77 -49.81 -54.68
C THR I 36 16.11 -48.33 -54.48
N ILE I 37 15.45 -47.45 -55.24
CA ILE I 37 15.85 -46.03 -55.35
C ILE I 37 15.75 -45.26 -54.02
N THR I 38 14.67 -45.45 -53.26
CA THR I 38 14.62 -44.92 -51.89
C THR I 38 14.58 -46.08 -50.89
N PRO I 39 15.76 -46.50 -50.40
CA PRO I 39 15.85 -47.76 -49.68
C PRO I 39 15.72 -47.61 -48.16
N LYS I 40 15.52 -48.74 -47.48
CA LYS I 40 15.72 -48.85 -46.04
C LYS I 40 17.22 -48.79 -45.73
N ARG I 41 17.57 -48.37 -44.53
CA ARG I 41 18.97 -48.28 -44.14
C ARG I 41 19.38 -49.27 -43.02
N SER I 42 18.50 -50.25 -42.76
CA SER I 42 18.69 -51.19 -41.68
C SER I 42 18.28 -52.60 -42.07
N VAL I 43 18.87 -53.57 -41.37
CA VAL I 43 18.46 -54.95 -41.47
C VAL I 43 18.13 -55.42 -40.06
N ALA I 44 16.87 -55.74 -39.80
CA ALA I 44 16.47 -56.20 -38.48
C ALA I 44 16.76 -57.67 -38.39
N ILE I 45 17.76 -58.05 -37.59
CA ILE I 45 18.07 -59.46 -37.38
C ILE I 45 17.42 -59.98 -36.09
N ASP I 46 16.59 -61.00 -36.23
CA ASP I 46 15.96 -61.67 -35.11
C ASP I 46 17.02 -62.50 -34.40
N TRP I 47 17.23 -62.22 -33.11
CA TRP I 47 18.31 -62.87 -32.37
C TRP I 47 18.10 -64.39 -32.33
N MET I 48 16.84 -64.82 -32.19
CA MET I 48 16.51 -66.23 -32.16
C MET I 48 17.03 -66.93 -33.41
N HIS I 49 16.88 -66.29 -34.57
CA HIS I 49 17.40 -66.83 -35.83
C HIS I 49 18.91 -67.04 -35.73
N LEU I 50 19.63 -65.99 -35.39
CA LEU I 50 21.07 -66.08 -35.25
C LEU I 50 21.45 -67.12 -34.22
N ASN I 51 20.62 -67.27 -33.19
CA ASN I 51 20.95 -68.24 -32.16
C ASN I 51 20.80 -69.68 -32.61
N SER I 52 19.68 -70.00 -33.23
CA SER I 52 19.45 -71.37 -33.69
C SER I 52 20.44 -71.76 -34.78
N PHE I 53 21.13 -70.78 -35.34
CA PHE I 53 22.01 -71.03 -36.47
C PHE I 53 23.50 -70.99 -36.12
N ASP I 54 23.87 -70.11 -35.19
CA ASP I 54 25.27 -69.94 -34.82
C ASP I 54 25.30 -69.46 -33.37
N SER I 55 24.81 -70.33 -32.50
CA SER I 55 24.62 -70.07 -31.08
C SER I 55 25.78 -69.33 -30.42
N GLU I 56 27.00 -69.67 -30.82
CA GLU I 56 28.19 -69.06 -30.24
C GLU I 56 28.26 -67.56 -30.59
N LEU I 57 27.97 -67.24 -31.84
CA LEU I 57 28.00 -65.85 -32.33
C LEU I 57 26.83 -65.05 -31.78
N ALA I 58 25.67 -65.70 -31.66
CA ALA I 58 24.51 -65.05 -31.07
C ALA I 58 24.79 -64.62 -29.63
N HIS I 59 25.42 -65.52 -28.86
CA HIS I 59 25.81 -65.24 -27.49
C HIS I 59 26.88 -64.11 -27.47
N GLU I 60 27.67 -64.05 -28.52
CA GLU I 60 28.69 -63.02 -28.64
C GLU I 60 28.17 -61.59 -28.88
N VAL I 61 27.05 -61.43 -29.61
CA VAL I 61 26.56 -60.07 -29.84
C VAL I 61 26.04 -59.48 -28.54
N ILE I 62 25.65 -60.34 -27.60
CA ILE I 62 25.20 -59.87 -26.30
C ILE I 62 26.37 -59.48 -25.39
N GLU I 63 27.44 -60.28 -25.38
CA GLU I 63 28.61 -59.99 -24.55
C GLU I 63 29.42 -58.83 -25.09
N ASN I 64 29.54 -58.78 -26.41
CA ASN I 64 30.25 -57.69 -27.06
C ASN I 64 29.44 -57.02 -28.16
N PRO I 65 28.35 -56.34 -27.79
CA PRO I 65 27.46 -55.75 -28.79
C PRO I 65 28.19 -54.85 -29.76
N GLU I 66 29.16 -54.06 -29.28
CA GLU I 66 29.80 -53.10 -30.16
C GLU I 66 30.54 -53.73 -31.34
N GLU I 67 31.29 -54.81 -31.10
CA GLU I 67 32.01 -55.53 -32.16
C GLU I 67 31.04 -56.44 -32.90
N GLY I 68 30.11 -57.03 -32.17
CA GLY I 68 29.09 -57.87 -32.75
C GLY I 68 28.34 -57.12 -33.83
N ILE I 69 27.77 -55.98 -33.45
CA ILE I 69 26.99 -55.16 -34.37
C ILE I 69 27.86 -54.73 -35.52
N SER I 70 29.03 -54.23 -35.19
CA SER I 70 29.99 -53.77 -36.19
C SER I 70 30.35 -54.83 -37.23
N ALA I 71 30.65 -56.04 -36.79
CA ALA I 71 31.00 -57.14 -37.70
C ALA I 71 29.83 -57.52 -38.60
N ALA I 72 28.64 -57.61 -38.04
CA ALA I 72 27.44 -57.88 -38.81
C ALA I 72 27.26 -56.81 -39.88
N GLU I 73 27.53 -55.57 -39.53
CA GLU I 73 27.37 -54.49 -40.50
C GLU I 73 28.42 -54.58 -41.60
N ASP I 74 29.56 -55.17 -41.29
CA ASP I 74 30.61 -55.39 -42.28
C ASP I 74 30.23 -56.53 -43.19
N ALA I 75 29.54 -57.53 -42.64
CA ALA I 75 29.08 -58.66 -43.43
C ALA I 75 27.99 -58.24 -44.40
N ILE I 76 27.05 -57.43 -43.92
CA ILE I 76 26.01 -56.86 -44.76
C ILE I 76 26.67 -56.16 -45.94
N GLN I 77 27.73 -55.42 -45.65
CA GLN I 77 28.43 -54.65 -46.65
C GLN I 77 29.18 -55.50 -47.68
N ILE I 78 29.69 -56.66 -47.28
CA ILE I 78 30.39 -57.53 -48.24
C ILE I 78 29.39 -58.37 -49.02
N VAL I 79 28.25 -58.70 -48.43
CA VAL I 79 27.20 -59.41 -49.16
C VAL I 79 26.60 -58.51 -50.24
N LEU I 80 26.61 -57.21 -50.02
CA LEU I 80 26.17 -56.27 -51.04
C LEU I 80 27.17 -56.28 -52.17
N ARG I 81 28.43 -56.11 -51.83
CA ARG I 81 29.50 -56.04 -52.82
C ARG I 81 29.63 -57.34 -53.60
N GLU I 82 29.65 -58.47 -52.92
CA GLU I 82 29.92 -59.74 -53.56
C GLU I 82 28.71 -60.37 -54.23
N ASP I 83 27.54 -60.28 -53.61
CA ASP I 83 26.37 -60.97 -54.14
C ASP I 83 25.45 -60.11 -55.01
N PHE I 84 25.67 -58.80 -55.03
CA PHE I 84 24.75 -57.89 -55.73
C PHE I 84 25.49 -56.79 -56.48
N GLN I 85 26.82 -56.84 -56.47
CA GLN I 85 27.69 -55.86 -57.12
C GLN I 85 27.31 -54.43 -56.73
N ARG I 86 27.23 -54.19 -55.44
CA ARG I 86 26.85 -52.89 -54.92
C ARG I 86 27.75 -52.46 -53.78
N GLU I 87 28.51 -51.39 -54.01
CA GLU I 87 29.41 -50.88 -52.99
C GLU I 87 29.22 -49.38 -52.88
N ASP I 88 28.01 -48.94 -53.20
CA ASP I 88 27.70 -47.54 -53.19
C ASP I 88 26.56 -47.30 -52.22
N VAL I 89 26.17 -48.34 -51.49
CA VAL I 89 24.94 -48.28 -50.70
C VAL I 89 25.12 -47.42 -49.45
N GLY I 90 26.33 -47.41 -48.89
CA GLY I 90 26.59 -46.63 -47.67
C GLY I 90 26.15 -47.38 -46.43
N LYS I 91 26.14 -46.69 -45.27
CA LYS I 91 25.94 -47.36 -43.99
C LYS I 91 24.59 -48.07 -43.88
N ILE I 92 24.64 -49.35 -43.53
CA ILE I 92 23.44 -50.13 -43.25
C ILE I 92 23.58 -50.66 -41.83
N HIS I 93 22.69 -50.25 -40.95
CA HIS I 93 22.69 -50.69 -39.56
C HIS I 93 22.25 -52.13 -39.42
N ALA I 94 22.88 -52.85 -38.50
CA ALA I 94 22.40 -54.16 -38.10
C ALA I 94 21.70 -54.04 -36.77
N ARG I 95 20.39 -54.21 -36.75
CA ARG I 95 19.63 -53.99 -35.53
C ARG I 95 19.05 -55.28 -35.00
N PHE I 96 19.56 -55.74 -33.86
CA PHE I 96 19.13 -57.00 -33.26
C PHE I 96 17.93 -56.85 -32.36
N TYR I 97 16.97 -57.75 -32.50
CA TYR I 97 15.77 -57.72 -31.69
C TYR I 97 15.41 -59.12 -31.19
N ASN I 98 14.40 -59.19 -30.33
CA ASN I 98 13.95 -60.47 -29.79
C ASN I 98 15.08 -61.20 -29.07
N LEU I 99 15.65 -60.53 -28.09
CA LEU I 99 16.71 -61.08 -27.28
C LEU I 99 16.13 -62.06 -26.27
N PRO I 100 16.99 -62.93 -25.68
CA PRO I 100 16.52 -64.01 -24.80
C PRO I 100 15.89 -63.54 -23.49
N GLU I 101 16.41 -62.47 -22.89
CA GLU I 101 15.91 -61.96 -21.62
C GLU I 101 15.36 -60.52 -21.72
N THR I 102 14.22 -60.25 -21.10
CA THR I 102 13.68 -58.89 -21.06
C THR I 102 13.77 -58.27 -19.66
N LEU I 103 14.48 -57.15 -19.54
CA LEU I 103 14.57 -56.44 -18.27
C LEU I 103 13.49 -55.38 -18.12
N MET I 104 13.04 -55.18 -16.90
CA MET I 104 12.36 -53.97 -16.53
C MET I 104 13.45 -52.94 -16.23
N VAL I 105 13.10 -51.67 -16.33
CA VAL I 105 14.09 -50.62 -16.11
C VAL I 105 14.76 -50.82 -14.75
N LYS I 106 13.98 -51.23 -13.76
CA LYS I 106 14.49 -51.47 -12.40
C LYS I 106 15.47 -52.64 -12.32
N ASP I 107 15.41 -53.55 -13.29
CA ASP I 107 16.29 -54.72 -13.31
C ASP I 107 17.66 -54.42 -13.90
N ILE I 108 17.85 -53.25 -14.50
CA ILE I 108 19.13 -52.90 -15.11
C ILE I 108 20.17 -52.73 -14.00
N GLY I 109 21.28 -53.45 -14.12
CA GLY I 109 22.32 -53.40 -13.11
C GLY I 109 23.71 -53.25 -13.71
N ALA I 110 24.72 -53.22 -12.86
CA ALA I 110 26.09 -53.03 -13.32
C ALA I 110 26.60 -54.16 -14.19
N GLU I 111 25.97 -55.33 -14.11
CA GLU I 111 26.40 -56.48 -14.90
C GLU I 111 26.04 -56.33 -16.37
N HIS I 112 25.22 -55.33 -16.67
CA HIS I 112 24.79 -55.06 -18.04
C HIS I 112 25.63 -54.03 -18.81
N ILE I 113 26.37 -53.20 -18.09
CA ILE I 113 27.26 -52.20 -18.69
C ILE I 113 28.02 -52.77 -19.88
N ASN I 114 27.86 -52.13 -21.03
CA ASN I 114 28.48 -52.50 -22.30
C ASN I 114 28.07 -53.83 -22.87
N LYS I 115 26.85 -54.25 -22.54
CA LYS I 115 26.25 -55.46 -23.08
C LYS I 115 24.92 -55.12 -23.72
N LEU I 116 24.44 -56.00 -24.59
CA LEU I 116 23.18 -55.74 -25.27
C LEU I 116 22.07 -56.19 -24.35
N ILE I 117 21.25 -55.25 -23.92
CA ILE I 117 20.10 -55.57 -23.09
C ILE I 117 18.78 -55.30 -23.81
N GLN I 118 17.71 -55.92 -23.36
CA GLN I 118 16.42 -55.64 -23.93
C GLN I 118 15.46 -55.20 -22.83
N VAL I 119 14.95 -53.98 -22.96
CA VAL I 119 14.13 -53.36 -21.93
C VAL I 119 12.75 -53.11 -22.46
N GLU I 120 11.73 -53.53 -21.72
CA GLU I 120 10.35 -53.15 -22.01
C GLU I 120 9.93 -52.03 -21.06
N GLY I 121 9.23 -51.04 -21.58
CA GLY I 121 8.81 -49.90 -20.77
C GLY I 121 7.87 -48.99 -21.51
N ILE I 122 7.55 -47.85 -20.91
CA ILE I 122 6.71 -46.84 -21.56
C ILE I 122 7.50 -45.53 -21.71
N VAL I 123 7.29 -44.82 -22.82
CA VAL I 123 8.04 -43.59 -23.09
C VAL I 123 7.51 -42.41 -22.28
N THR I 124 8.38 -41.81 -21.46
CA THR I 124 8.04 -40.67 -20.64
C THR I 124 8.15 -39.38 -21.45
N ARG I 125 9.30 -39.15 -22.07
CA ARG I 125 9.45 -37.95 -22.89
C ARG I 125 10.31 -38.30 -24.10
N VAL I 126 10.29 -37.42 -25.12
CA VAL I 126 11.21 -37.52 -26.26
C VAL I 126 11.76 -36.15 -26.57
N GLY I 127 13.00 -36.10 -27.03
CA GLY I 127 13.65 -34.83 -27.31
C GLY I 127 13.40 -34.30 -28.70
N GLU I 128 13.93 -33.10 -28.95
CA GLU I 128 13.93 -32.47 -30.24
C GLU I 128 14.88 -33.29 -31.12
N ILE I 129 14.62 -33.34 -32.42
CA ILE I 129 15.48 -34.09 -33.33
C ILE I 129 16.58 -33.19 -33.87
N LYS I 130 17.80 -33.46 -33.47
CA LYS I 130 18.91 -32.62 -33.88
C LYS I 130 20.01 -33.39 -34.57
N PRO I 131 20.93 -32.65 -35.23
CA PRO I 131 22.03 -33.28 -35.92
C PRO I 131 23.16 -33.67 -34.97
N PHE I 132 23.70 -34.86 -35.18
CA PHE I 132 24.85 -35.37 -34.43
C PHE I 132 26.02 -35.66 -35.37
N VAL I 133 27.16 -35.01 -35.16
CA VAL I 133 28.33 -35.25 -36.00
C VAL I 133 28.88 -36.60 -35.60
N SER I 134 28.56 -37.63 -36.39
CA SER I 134 28.94 -39.00 -36.07
C SER I 134 30.37 -39.33 -36.43
N VAL I 135 30.92 -38.61 -37.40
CA VAL I 135 32.33 -38.76 -37.77
C VAL I 135 32.88 -37.38 -38.11
N ALA I 136 33.87 -36.94 -37.36
CA ALA I 136 34.44 -35.62 -37.56
C ALA I 136 35.69 -35.75 -38.38
N VAL I 137 35.79 -34.98 -39.45
CA VAL I 137 37.03 -34.94 -40.22
C VAL I 137 37.68 -33.60 -40.04
N PHE I 138 38.89 -33.62 -39.50
CA PHE I 138 39.64 -32.40 -39.25
C PHE I 138 40.70 -32.19 -40.31
N VAL I 139 40.81 -30.99 -40.83
CA VAL I 139 41.79 -30.70 -41.85
C VAL I 139 42.73 -29.64 -41.33
N CYS I 140 44.03 -29.94 -41.38
CA CYS I 140 45.07 -28.97 -41.08
C CYS I 140 45.15 -27.93 -42.21
N LYS I 141 45.02 -26.64 -41.86
CA LYS I 141 45.01 -25.58 -42.86
C LYS I 141 46.42 -25.25 -43.35
N ASP I 142 47.43 -25.75 -42.64
CA ASP I 142 48.81 -25.47 -42.99
C ASP I 142 49.36 -26.46 -44.01
N CYS I 143 49.40 -27.74 -43.66
CA CYS I 143 49.92 -28.74 -44.60
C CYS I 143 48.84 -29.48 -45.40
N GLY I 144 47.57 -29.35 -45.01
CA GLY I 144 46.46 -29.97 -45.76
C GLY I 144 46.03 -31.35 -45.30
N HIS I 145 46.79 -31.96 -44.39
CA HIS I 145 46.52 -33.31 -43.87
C HIS I 145 45.14 -33.47 -43.23
N GLU I 146 44.53 -34.63 -43.48
CA GLU I 146 43.22 -34.94 -42.91
C GLU I 146 43.31 -35.93 -41.75
N MET I 147 42.45 -35.75 -40.74
CA MET I 147 42.42 -36.64 -39.56
C MET I 147 40.98 -36.99 -39.21
N ILE I 148 40.73 -38.28 -39.04
CA ILE I 148 39.36 -38.76 -38.86
C ILE I 148 39.11 -39.14 -37.41
N VAL I 149 38.24 -38.39 -36.74
CA VAL I 149 37.85 -38.72 -35.36
C VAL I 149 36.42 -39.23 -35.30
N PRO I 150 36.23 -40.50 -34.94
CA PRO I 150 34.86 -40.97 -34.84
C PRO I 150 34.26 -40.52 -33.52
N GLN I 151 32.94 -40.41 -33.45
CA GLN I 151 32.29 -39.85 -32.28
C GLN I 151 31.34 -40.85 -31.63
N LYS I 152 31.02 -40.64 -30.36
CA LYS I 152 29.97 -41.43 -29.70
C LYS I 152 28.87 -40.44 -29.38
N PRO I 153 27.60 -40.85 -29.56
CA PRO I 153 26.47 -39.93 -29.36
C PRO I 153 26.22 -39.59 -27.90
N TYR I 154 26.83 -40.36 -27.01
CA TYR I 154 26.67 -40.15 -25.58
C TYR I 154 27.87 -39.42 -24.91
N GLU I 155 28.80 -38.96 -25.73
CA GLU I 155 29.91 -38.11 -25.29
C GLU I 155 29.91 -36.81 -26.10
N SER I 156 30.68 -35.81 -25.68
CA SER I 156 30.72 -34.54 -26.41
C SER I 156 31.70 -34.62 -27.58
N LEU I 157 31.53 -33.73 -28.56
CA LEU I 157 32.35 -33.70 -29.77
C LEU I 157 33.83 -33.72 -29.44
N GLU I 158 34.48 -34.81 -29.81
CA GLU I 158 35.91 -34.98 -29.60
C GLU I 158 36.67 -34.39 -30.79
N LYS I 159 37.66 -33.54 -30.47
CA LYS I 159 38.45 -32.83 -31.48
C LYS I 159 39.93 -33.29 -31.59
N VAL I 160 40.73 -32.59 -32.37
CA VAL I 160 42.18 -32.83 -32.41
C VAL I 160 42.93 -31.53 -32.16
N LYS I 161 43.85 -31.56 -31.20
CA LYS I 161 44.54 -30.33 -30.77
C LYS I 161 45.52 -29.84 -31.83
N LYS I 162 46.41 -30.73 -32.27
CA LYS I 162 47.39 -30.40 -33.30
C LYS I 162 47.46 -31.47 -34.38
N CYS I 163 47.85 -31.04 -35.58
CA CYS I 163 47.98 -31.92 -36.74
C CYS I 163 49.01 -32.99 -36.46
N GLU I 164 48.62 -34.24 -36.69
CA GLU I 164 49.51 -35.38 -36.44
C GLU I 164 50.67 -35.48 -37.44
N GLN I 165 50.55 -34.77 -38.54
CA GLN I 165 51.61 -34.74 -39.55
C GLN I 165 52.63 -33.64 -39.25
N CYS I 166 52.22 -32.38 -39.34
CA CYS I 166 53.17 -31.26 -39.20
C CYS I 166 53.19 -30.56 -37.84
N GLY I 167 52.46 -31.12 -36.85
CA GLY I 167 52.42 -30.55 -35.50
C GLY I 167 51.65 -29.25 -35.33
N SER I 168 51.20 -28.66 -36.44
CA SER I 168 50.50 -27.36 -36.44
C SER I 168 49.17 -27.38 -35.69
N LYS I 169 48.84 -26.25 -35.07
CA LYS I 169 47.59 -26.10 -34.33
C LYS I 169 46.49 -25.48 -35.19
N ASN I 170 46.85 -25.02 -36.38
CA ASN I 170 45.90 -24.38 -37.27
C ASN I 170 45.03 -25.40 -37.99
N ILE I 171 44.09 -25.97 -37.25
CA ILE I 171 43.20 -27.00 -37.74
C ILE I 171 41.79 -26.49 -37.79
N GLU I 172 40.97 -27.09 -38.65
CA GLU I 172 39.55 -26.76 -38.70
C GLU I 172 38.69 -27.99 -38.98
N LEU I 173 37.44 -27.96 -38.53
CA LEU I 173 36.53 -29.05 -38.82
C LEU I 173 35.98 -28.87 -40.21
N ASP I 174 36.17 -29.87 -41.06
CA ASP I 174 35.58 -29.84 -42.39
C ASP I 174 34.20 -30.50 -42.37
N VAL I 175 33.16 -29.66 -42.37
CA VAL I 175 31.79 -30.12 -42.23
C VAL I 175 31.36 -31.01 -43.38
N ASN I 176 31.95 -30.82 -44.56
CA ASN I 176 31.64 -31.62 -45.74
C ASN I 176 32.21 -33.03 -45.72
N LYS I 177 33.48 -33.14 -45.34
CA LYS I 177 34.14 -34.46 -45.19
C LYS I 177 33.54 -35.23 -44.00
N SER I 178 32.96 -34.50 -43.07
CA SER I 178 32.41 -35.10 -41.86
C SER I 178 31.07 -35.75 -42.13
N SER I 179 30.68 -36.68 -41.26
CA SER I 179 29.38 -37.37 -41.37
C SER I 179 28.48 -37.01 -40.20
N ALA I 180 27.24 -36.66 -40.51
CA ALA I 180 26.26 -36.31 -39.48
C ALA I 180 24.98 -37.08 -39.71
N VAL I 181 24.29 -37.43 -38.63
CA VAL I 181 23.03 -38.14 -38.74
C VAL I 181 22.03 -37.53 -37.75
N ASN I 182 20.76 -37.90 -37.85
CA ASN I 182 19.79 -37.45 -36.83
C ASN I 182 19.96 -38.11 -35.48
N PHE I 183 19.62 -37.36 -34.45
CA PHE I 183 19.75 -37.78 -33.06
C PHE I 183 18.47 -37.39 -32.38
N GLN I 184 17.98 -38.26 -31.51
CA GLN I 184 16.84 -37.90 -30.69
C GLN I 184 16.96 -38.62 -29.37
N SER I 185 16.91 -37.85 -28.28
CA SER I 185 16.90 -38.42 -26.92
C SER I 185 15.50 -38.80 -26.55
N PHE I 186 15.37 -39.76 -25.65
CA PHE I 186 14.06 -40.16 -25.14
C PHE I 186 14.26 -40.84 -23.79
N ARG I 187 13.19 -40.93 -23.02
CA ARG I 187 13.23 -41.56 -21.72
C ARG I 187 12.13 -42.59 -21.61
N ILE I 188 12.47 -43.80 -21.19
CA ILE I 188 11.46 -44.80 -20.84
C ILE I 188 11.52 -45.15 -19.37
N GLN I 189 10.36 -45.51 -18.81
CA GLN I 189 10.29 -46.05 -17.46
C GLN I 189 9.40 -47.28 -17.41
N ASP I 190 9.43 -48.00 -16.29
CA ASP I 190 8.47 -49.06 -16.05
C ASP I 190 7.08 -48.46 -15.91
N ARG I 191 6.06 -49.21 -16.31
CA ARG I 191 4.68 -48.72 -16.22
C ARG I 191 4.23 -48.86 -14.77
N PRO I 192 3.77 -47.76 -14.13
CA PRO I 192 3.36 -47.81 -12.70
C PRO I 192 2.48 -49.02 -12.41
N GLU I 193 1.75 -49.45 -13.44
CA GLU I 193 0.80 -50.54 -13.38
C GLU I 193 1.46 -51.92 -13.19
N THR I 194 2.75 -52.04 -13.52
CA THR I 194 3.47 -53.30 -13.27
C THR I 194 4.27 -53.27 -11.96
N LEU I 195 4.00 -52.26 -11.12
CA LEU I 195 4.76 -52.03 -9.89
C LEU I 195 3.85 -52.06 -8.65
N LYS I 196 4.44 -52.33 -7.49
CA LYS I 196 3.71 -52.35 -6.19
C LYS I 196 3.17 -50.99 -5.73
N GLY I 197 2.43 -51.00 -4.63
CA GLY I 197 1.70 -49.85 -4.09
C GLY I 197 2.29 -48.47 -4.28
N GLY I 198 3.34 -48.18 -3.52
CA GLY I 198 4.01 -46.87 -3.57
C GLY I 198 5.38 -46.93 -4.21
N GLU I 199 5.62 -47.98 -5.00
CA GLU I 199 6.91 -48.18 -5.68
C GLU I 199 7.19 -47.09 -6.72
N MET I 200 8.26 -46.33 -6.49
CA MET I 200 8.75 -45.35 -7.45
C MET I 200 9.15 -46.07 -8.74
N PRO I 201 8.68 -45.57 -9.90
CA PRO I 201 9.10 -46.20 -11.15
C PRO I 201 10.53 -45.79 -11.54
N ARG I 202 11.33 -46.76 -11.97
CA ARG I 202 12.66 -46.46 -12.46
C ARG I 202 12.60 -46.05 -13.93
N PHE I 203 13.48 -45.13 -14.34
CA PHE I 203 13.50 -44.61 -15.71
C PHE I 203 14.92 -44.75 -16.27
N ILE I 204 15.06 -44.69 -17.59
CA ILE I 204 16.39 -44.65 -18.21
C ILE I 204 16.37 -43.81 -19.48
N ASP I 205 17.45 -43.08 -19.74
CA ASP I 205 17.52 -42.27 -20.96
C ASP I 205 18.12 -43.00 -22.17
N GLY I 206 17.47 -42.87 -23.33
CA GLY I 206 17.93 -43.54 -24.55
C GLY I 206 18.43 -42.59 -25.60
N ILE I 207 19.14 -43.13 -26.58
CA ILE I 207 19.55 -42.34 -27.74
C ILE I 207 19.10 -43.06 -28.99
N LEU I 208 18.42 -42.33 -29.87
CA LEU I 208 18.04 -42.84 -31.17
C LEU I 208 18.85 -42.14 -32.24
N LEU I 209 19.50 -42.90 -33.10
CA LEU I 209 20.26 -42.29 -34.17
C LEU I 209 19.70 -42.62 -35.54
N ASP I 210 20.02 -41.76 -36.49
CA ASP I 210 19.73 -41.97 -37.92
C ASP I 210 18.27 -42.36 -38.18
N ASP I 211 18.08 -43.52 -38.78
CA ASP I 211 16.77 -43.94 -39.26
C ASP I 211 15.80 -44.49 -38.20
N ILE I 212 16.11 -44.34 -36.92
CA ILE I 212 15.13 -44.76 -35.93
C ILE I 212 14.70 -43.58 -35.06
N VAL I 213 15.07 -42.37 -35.46
CA VAL I 213 14.58 -41.18 -34.76
C VAL I 213 13.09 -40.99 -35.10
N ASP I 214 12.38 -40.25 -34.23
CA ASP I 214 10.97 -39.93 -34.44
C ASP I 214 10.07 -41.16 -34.54
N VAL I 215 10.52 -42.27 -33.96
CA VAL I 215 9.81 -43.52 -34.05
C VAL I 215 8.80 -43.71 -32.94
N ALA I 216 8.88 -42.87 -31.91
CA ALA I 216 7.98 -43.00 -30.76
C ALA I 216 7.61 -41.67 -30.14
N LEU I 217 6.47 -41.68 -29.45
CA LEU I 217 5.95 -40.50 -28.76
C LEU I 217 5.70 -40.85 -27.31
N PRO I 218 5.61 -39.84 -26.43
CA PRO I 218 5.31 -40.14 -25.03
C PRO I 218 4.05 -40.95 -24.91
N GLY I 219 4.07 -41.95 -24.03
CA GLY I 219 2.91 -42.80 -23.82
C GLY I 219 2.97 -44.10 -24.59
N ASP I 220 3.91 -44.19 -25.55
CA ASP I 220 4.10 -45.43 -26.32
C ASP I 220 4.76 -46.49 -25.47
N ARG I 221 4.13 -47.66 -25.43
CA ARG I 221 4.71 -48.85 -24.81
C ARG I 221 5.69 -49.44 -25.84
N VAL I 222 6.95 -49.65 -25.47
CA VAL I 222 7.95 -50.12 -26.44
C VAL I 222 8.84 -51.23 -25.87
N ILE I 223 9.46 -52.00 -26.77
CA ILE I 223 10.60 -52.86 -26.44
C ILE I 223 11.86 -52.39 -27.18
N VAL I 224 12.78 -51.75 -26.45
CA VAL I 224 14.07 -51.36 -27.02
C VAL I 224 15.12 -52.42 -26.73
N THR I 225 16.11 -52.53 -27.60
CA THR I 225 17.30 -53.28 -27.29
C THR I 225 18.42 -52.29 -27.53
N GLY I 226 19.51 -52.42 -26.79
CA GLY I 226 20.60 -51.48 -26.93
C GLY I 226 21.76 -51.79 -26.01
N ILE I 227 22.84 -51.07 -26.20
CA ILE I 227 24.02 -51.21 -25.37
C ILE I 227 23.86 -50.27 -24.20
N LEU I 228 24.01 -50.79 -22.98
CA LEU I 228 24.02 -49.94 -21.81
C LEU I 228 25.35 -49.24 -21.69
N ARG I 229 25.33 -47.92 -21.65
CA ARG I 229 26.57 -47.16 -21.51
C ARG I 229 26.51 -46.41 -20.21
N VAL I 230 27.66 -46.27 -19.56
CA VAL I 230 27.75 -45.36 -18.41
C VAL I 230 28.68 -44.24 -18.81
N VAL I 231 28.24 -43.02 -18.56
CA VAL I 231 29.06 -41.89 -18.93
C VAL I 231 29.35 -41.03 -17.71
N LEU I 232 30.56 -40.48 -17.65
CA LEU I 232 30.98 -39.69 -16.52
C LEU I 232 30.35 -38.31 -16.55
N GLU I 233 29.64 -37.96 -15.47
CA GLU I 233 28.84 -36.73 -15.38
C GLU I 233 29.64 -35.48 -15.73
N LYS I 234 29.03 -34.60 -16.54
CA LYS I 234 29.67 -33.37 -16.98
C LYS I 234 29.95 -32.39 -15.84
N ARG I 235 29.03 -32.34 -14.87
CA ARG I 235 29.18 -31.47 -13.69
C ARG I 235 30.38 -31.88 -12.84
N GLU I 236 31.43 -31.06 -12.92
CA GLU I 236 32.73 -31.36 -12.29
C GLU I 236 32.78 -31.04 -10.79
N LYS I 237 31.82 -31.58 -10.04
CA LYS I 237 31.82 -31.53 -8.58
C LYS I 237 31.73 -32.97 -8.04
N THR I 238 32.90 -33.58 -7.80
CA THR I 238 33.00 -35.03 -7.57
C THR I 238 31.95 -35.80 -8.39
N PRO I 239 32.06 -35.74 -9.74
CA PRO I 239 31.02 -36.28 -10.63
C PRO I 239 30.84 -37.79 -10.48
N ILE I 240 29.74 -38.32 -11.03
CA ILE I 240 29.47 -39.76 -10.94
C ILE I 240 28.90 -40.31 -12.24
N PHE I 241 28.90 -41.63 -12.38
CA PHE I 241 28.40 -42.28 -13.58
C PHE I 241 26.88 -42.25 -13.71
N ARG I 242 26.38 -41.66 -14.80
CA ARG I 242 24.98 -41.85 -15.23
C ARG I 242 24.90 -42.92 -16.35
N LYS I 243 23.75 -43.57 -16.47
CA LYS I 243 23.54 -44.56 -17.52
C LYS I 243 22.65 -44.09 -18.67
N ILE I 244 23.13 -44.33 -19.88
CA ILE I 244 22.44 -44.06 -21.10
C ILE I 244 22.26 -45.38 -21.83
N LEU I 245 21.13 -45.54 -22.52
CA LEU I 245 20.90 -46.69 -23.38
C LEU I 245 21.04 -46.29 -24.85
N GLU I 246 22.11 -46.75 -25.48
CA GLU I 246 22.36 -46.51 -26.91
C GLU I 246 21.51 -47.53 -27.66
N VAL I 247 20.40 -47.10 -28.26
CA VAL I 247 19.37 -48.01 -28.77
C VAL I 247 19.77 -48.66 -30.07
N ASN I 248 19.67 -49.99 -30.11
CA ASN I 248 20.00 -50.73 -31.32
C ASN I 248 18.77 -51.03 -32.17
N HIS I 249 17.68 -51.43 -31.51
CA HIS I 249 16.41 -51.71 -32.18
C HIS I 249 15.25 -51.30 -31.29
N ILE I 250 14.17 -50.79 -31.88
CA ILE I 250 12.99 -50.38 -31.11
C ILE I 250 11.70 -50.59 -31.88
N GLU I 251 10.76 -51.27 -31.24
CA GLU I 251 9.45 -51.54 -31.82
C GLU I 251 8.40 -51.41 -30.73
N PRO I 252 7.16 -51.09 -31.11
CA PRO I 252 6.11 -51.01 -30.10
C PRO I 252 5.79 -52.38 -29.55
N VAL I 253 5.44 -52.44 -28.27
CA VAL I 253 5.05 -53.70 -27.62
C VAL I 253 3.74 -54.22 -28.26
N SER I 254 3.71 -55.52 -28.51
CA SER I 254 2.65 -56.13 -29.32
C SER I 254 1.27 -56.08 -28.66
N SER J 1 79.72 11.18 -5.59
CA SER J 1 78.89 11.27 -6.83
C SER J 1 79.09 12.59 -7.56
N VAL J 2 78.38 12.78 -8.68
CA VAL J 2 78.61 13.91 -9.60
C VAL J 2 77.75 15.13 -9.28
N ASP J 3 78.38 16.29 -9.11
CA ASP J 3 77.66 17.55 -8.97
C ASP J 3 77.08 17.92 -10.33
N ARG J 4 76.02 18.72 -10.33
CA ARG J 4 75.26 18.97 -11.57
C ARG J 4 76.03 19.74 -12.65
N GLU J 5 76.93 20.63 -12.23
CA GLU J 5 77.81 21.38 -13.15
C GLU J 5 78.54 20.42 -14.09
N GLU J 6 79.16 19.41 -13.49
CA GLU J 6 79.94 18.42 -14.21
C GLU J 6 79.07 17.47 -15.04
N MET J 7 77.85 17.19 -14.55
CA MET J 7 76.91 16.32 -15.24
C MET J 7 76.54 16.89 -16.60
N ILE J 8 76.23 18.19 -16.61
CA ILE J 8 75.82 18.86 -17.83
C ILE J 8 76.88 18.63 -18.91
N GLU J 9 78.15 18.83 -18.55
CA GLU J 9 79.27 18.60 -19.46
C GLU J 9 79.35 17.13 -19.90
N ARG J 10 79.31 16.21 -18.93
CA ARG J 10 79.40 14.77 -19.21
C ARG J 10 78.27 14.29 -20.12
N PHE J 11 77.09 14.92 -19.98
CA PHE J 11 75.93 14.64 -20.83
C PHE J 11 76.10 15.22 -22.22
N ALA J 12 76.51 16.49 -22.27
CA ALA J 12 76.75 17.17 -23.53
C ALA J 12 77.81 16.44 -24.36
N ASN J 13 78.80 15.84 -23.69
CA ASN J 13 79.72 14.92 -24.35
C ASN J 13 78.93 13.77 -24.94
N PHE J 14 78.34 12.94 -24.07
CA PHE J 14 77.54 11.80 -24.49
C PHE J 14 76.70 12.08 -25.74
N LEU J 15 75.92 13.15 -25.70
CA LEU J 15 75.04 13.50 -26.84
C LEU J 15 75.80 13.70 -28.17
N ARG J 16 76.88 14.47 -28.14
CA ARG J 16 77.75 14.69 -29.30
C ARG J 16 78.58 13.45 -29.61
N GLU J 17 79.25 12.90 -28.59
CA GLU J 17 80.23 11.81 -28.76
C GLU J 17 79.66 10.44 -29.13
N TYR J 18 78.60 10.00 -28.46
CA TYR J 18 78.14 8.61 -28.63
C TYR J 18 77.83 8.25 -30.08
N THR J 19 78.40 7.12 -30.48
CA THR J 19 78.16 6.53 -31.80
C THR J 19 77.87 5.04 -31.65
N ASP J 20 76.92 4.56 -32.46
CA ASP J 20 76.49 3.16 -32.39
C ASP J 20 77.48 2.20 -33.03
N GLU J 21 77.04 0.95 -33.17
CA GLU J 21 77.80 -0.14 -33.78
C GLU J 21 78.22 0.18 -35.23
N ASP J 22 77.60 1.22 -35.81
CA ASP J 22 77.88 1.68 -37.18
C ASP J 22 78.58 3.04 -37.25
N GLY J 23 78.91 3.62 -36.10
CA GLY J 23 79.60 4.91 -36.05
C GLY J 23 78.77 6.16 -36.31
N ASN J 24 77.43 6.05 -36.24
CA ASN J 24 76.55 7.21 -36.35
C ASN J 24 76.36 7.91 -35.00
N PRO J 25 76.36 9.26 -35.00
CA PRO J 25 76.14 9.95 -33.74
C PRO J 25 74.64 10.02 -33.39
N VAL J 26 74.07 8.86 -33.07
CA VAL J 26 72.63 8.69 -32.78
C VAL J 26 71.96 9.93 -32.17
N TYR J 27 72.52 10.42 -31.07
CA TYR J 27 71.88 11.49 -30.30
C TYR J 27 72.02 12.86 -30.92
N ARG J 28 73.06 13.02 -31.73
CA ARG J 28 73.15 14.16 -32.63
C ARG J 28 71.98 14.14 -33.61
N GLY J 29 71.69 12.95 -34.14
CA GLY J 29 70.55 12.74 -35.03
C GLY J 29 69.25 13.14 -34.36
N LYS J 30 68.94 12.51 -33.23
CA LYS J 30 67.72 12.80 -32.48
C LYS J 30 67.55 14.28 -32.15
N ILE J 31 68.66 14.96 -31.84
CA ILE J 31 68.59 16.38 -31.50
C ILE J 31 68.15 17.21 -32.70
N THR J 32 68.59 16.84 -33.90
CA THR J 32 68.21 17.57 -35.12
C THR J 32 66.72 17.41 -35.43
N ASP J 33 66.19 16.22 -35.11
CA ASP J 33 64.77 15.91 -35.32
C ASP J 33 63.83 16.75 -34.47
N LEU J 34 64.37 17.65 -33.67
CA LEU J 34 63.48 18.46 -32.87
C LEU J 34 62.90 19.57 -33.76
N LEU J 35 63.38 19.62 -35.00
CA LEU J 35 63.15 20.72 -35.94
C LEU J 35 62.39 20.31 -37.19
N THR J 36 62.66 19.09 -37.65
CA THR J 36 62.05 18.46 -38.84
C THR J 36 60.50 18.56 -38.96
N ILE J 37 59.95 17.85 -39.96
CA ILE J 37 58.50 17.83 -40.25
C ILE J 37 57.63 17.51 -39.01
N THR J 38 58.01 16.46 -38.29
CA THR J 38 57.43 16.14 -36.98
C THR J 38 58.37 16.73 -35.94
N PRO J 39 58.05 17.94 -35.45
CA PRO J 39 58.89 18.58 -34.45
C PRO J 39 58.68 17.93 -33.07
N LYS J 40 59.73 17.30 -32.54
CA LYS J 40 59.65 16.54 -31.29
C LYS J 40 60.10 17.35 -30.07
N ARG J 41 59.41 17.18 -28.95
CA ARG J 41 59.75 17.87 -27.70
C ARG J 41 60.57 17.02 -26.72
N SER J 42 60.95 15.83 -27.17
CA SER J 42 61.68 14.90 -26.32
C SER J 42 62.84 14.21 -27.05
N VAL J 43 63.81 13.75 -26.28
CA VAL J 43 64.92 12.97 -26.80
C VAL J 43 64.95 11.71 -25.97
N ALA J 44 64.63 10.57 -26.59
CA ALA J 44 64.62 9.32 -25.85
C ALA J 44 66.03 8.77 -25.75
N ILE J 45 66.61 8.80 -24.55
CA ILE J 45 67.96 8.29 -24.35
C ILE J 45 67.93 6.85 -23.84
N ASP J 46 68.53 5.94 -24.60
CA ASP J 46 68.66 4.55 -24.18
C ASP J 46 69.69 4.46 -23.07
N TRP J 47 69.29 3.93 -21.92
CA TRP J 47 70.18 3.90 -20.77
C TRP J 47 71.40 3.06 -21.03
N MET J 48 71.25 1.98 -21.80
CA MET J 48 72.37 1.12 -22.14
C MET J 48 73.46 1.90 -22.87
N HIS J 49 73.05 2.76 -23.79
CA HIS J 49 73.99 3.65 -24.49
C HIS J 49 74.79 4.50 -23.50
N LEU J 50 74.08 5.25 -22.65
CA LEU J 50 74.71 6.09 -21.63
C LEU J 50 75.59 5.26 -20.70
N ASN J 51 75.21 4.01 -20.44
CA ASN J 51 75.99 3.16 -19.55
C ASN J 51 77.31 2.71 -20.15
N SER J 52 77.27 2.19 -21.37
CA SER J 52 78.47 1.72 -22.05
C SER J 52 79.45 2.87 -22.35
N PHE J 53 78.97 4.11 -22.24
CA PHE J 53 79.77 5.29 -22.59
C PHE J 53 80.29 6.06 -21.37
N ASP J 54 79.47 6.14 -20.33
CA ASP J 54 79.81 6.92 -19.13
C ASP J 54 79.12 6.26 -17.92
N SER J 55 79.51 5.02 -17.67
CA SER J 55 78.90 4.16 -16.67
C SER J 55 78.60 4.85 -15.33
N GLU J 56 79.48 5.75 -14.91
CA GLU J 56 79.28 6.45 -13.65
C GLU J 56 78.07 7.40 -13.70
N LEU J 57 77.91 8.11 -14.81
CA LEU J 57 76.78 9.02 -15.03
C LEU J 57 75.47 8.26 -15.22
N ALA J 58 75.53 7.14 -15.94
CA ALA J 58 74.37 6.30 -16.14
C ALA J 58 73.84 5.78 -14.80
N HIS J 59 74.74 5.32 -13.94
CA HIS J 59 74.38 4.88 -12.60
C HIS J 59 73.82 6.07 -11.78
N GLU J 60 74.25 7.27 -12.13
CA GLU J 60 73.81 8.48 -11.45
C GLU J 60 72.37 8.91 -11.76
N VAL J 61 71.91 8.72 -12.99
CA VAL J 61 70.53 9.11 -13.31
C VAL J 61 69.55 8.22 -12.55
N ILE J 62 69.99 7.03 -12.17
CA ILE J 62 69.15 6.13 -11.40
C ILE J 62 69.10 6.54 -9.94
N GLU J 63 70.26 6.88 -9.37
CA GLU J 63 70.31 7.28 -7.96
C GLU J 63 69.70 8.67 -7.71
N ASN J 64 69.93 9.58 -8.66
CA ASN J 64 69.39 10.93 -8.57
C ASN J 64 68.67 11.36 -9.83
N PRO J 65 67.53 10.71 -10.14
CA PRO J 65 66.86 10.95 -11.42
C PRO J 65 66.52 12.41 -11.65
N GLU J 66 66.15 13.13 -10.59
CA GLU J 66 65.71 14.51 -10.76
C GLU J 66 66.81 15.44 -11.29
N GLU J 67 68.03 15.34 -10.74
CA GLU J 67 69.18 16.13 -11.19
C GLU J 67 69.73 15.55 -12.48
N GLY J 68 69.74 14.22 -12.54
CA GLY J 68 70.18 13.49 -13.72
C GLY J 68 69.42 13.97 -14.93
N ILE J 69 68.09 13.84 -14.89
CA ILE J 69 67.22 14.27 -15.98
C ILE J 69 67.42 15.75 -16.27
N SER J 70 67.44 16.55 -15.21
CA SER J 70 67.58 18.00 -15.32
C SER J 70 68.88 18.41 -16.04
N ALA J 71 69.99 17.79 -15.63
CA ALA J 71 71.29 18.06 -16.25
C ALA J 71 71.33 17.68 -17.74
N ALA J 72 70.84 16.49 -18.07
CA ALA J 72 70.73 16.06 -19.47
C ALA J 72 69.89 17.03 -20.30
N GLU J 73 68.84 17.59 -19.71
CA GLU J 73 67.99 18.54 -20.42
C GLU J 73 68.68 19.89 -20.60
N ASP J 74 69.61 20.20 -19.70
CA ASP J 74 70.46 21.37 -19.84
C ASP J 74 71.49 21.18 -20.94
N ALA J 75 72.02 19.96 -21.04
CA ALA J 75 73.00 19.61 -22.08
C ALA J 75 72.36 19.62 -23.47
N ILE J 76 71.16 19.06 -23.58
CA ILE J 76 70.39 19.15 -24.83
C ILE J 76 70.24 20.61 -25.23
N GLN J 77 69.97 21.47 -24.24
CA GLN J 77 69.75 22.88 -24.49
C GLN J 77 71.03 23.63 -24.94
N ILE J 78 72.20 23.25 -24.42
CA ILE J 78 73.46 23.90 -24.83
C ILE J 78 73.96 23.35 -26.17
N VAL J 79 73.67 22.09 -26.47
CA VAL J 79 74.01 21.51 -27.77
C VAL J 79 73.15 22.12 -28.87
N LEU J 80 71.94 22.56 -28.53
CA LEU J 80 71.14 23.30 -29.48
C LEU J 80 71.76 24.67 -29.75
N ARG J 81 72.06 25.39 -28.67
CA ARG J 81 72.65 26.72 -28.74
C ARG J 81 74.02 26.71 -29.44
N GLU J 82 74.91 25.83 -29.00
CA GLU J 82 76.29 25.81 -29.48
C GLU J 82 76.47 25.15 -30.85
N ASP J 83 75.81 24.02 -31.10
CA ASP J 83 76.05 23.26 -32.33
C ASP J 83 75.05 23.55 -33.45
N PHE J 84 73.99 24.28 -33.16
CA PHE J 84 72.93 24.52 -34.17
C PHE J 84 72.38 25.93 -34.16
N GLN J 85 72.99 26.79 -33.35
CA GLN J 85 72.60 28.20 -33.18
C GLN J 85 71.10 28.35 -32.94
N ARG J 86 70.60 27.63 -31.94
CA ARG J 86 69.18 27.63 -31.62
C ARG J 86 68.96 27.68 -30.11
N GLU J 87 68.37 28.78 -29.67
CA GLU J 87 68.07 28.99 -28.26
C GLU J 87 66.65 29.48 -28.12
N ASP J 88 65.83 29.09 -29.09
CA ASP J 88 64.42 29.48 -29.13
C ASP J 88 63.53 28.25 -29.08
N VAL J 89 64.16 27.08 -28.91
CA VAL J 89 63.46 25.79 -29.05
C VAL J 89 62.49 25.52 -27.88
N GLY J 90 62.85 25.98 -26.69
CA GLY J 90 62.03 25.75 -25.51
C GLY J 90 62.32 24.40 -24.88
N LYS J 91 61.50 24.00 -23.92
CA LYS J 91 61.75 22.80 -23.13
C LYS J 91 61.82 21.53 -23.97
N ILE J 92 62.92 20.80 -23.82
CA ILE J 92 63.07 19.49 -24.45
C ILE J 92 63.33 18.48 -23.35
N HIS J 93 62.41 17.52 -23.21
CA HIS J 93 62.52 16.49 -22.18
C HIS J 93 63.60 15.48 -22.52
N ALA J 94 64.33 15.02 -21.50
CA ALA J 94 65.22 13.89 -21.64
C ALA J 94 64.56 12.69 -21.00
N ARG J 95 64.15 11.74 -21.82
CA ARG J 95 63.40 10.58 -21.33
C ARG J 95 64.23 9.30 -21.44
N PHE J 96 64.66 8.77 -20.30
CA PHE J 96 65.49 7.56 -20.24
C PHE J 96 64.66 6.29 -20.28
N TYR J 97 65.11 5.33 -21.09
CA TYR J 97 64.42 4.07 -21.22
C TYR J 97 65.42 2.94 -21.28
N ASN J 98 64.90 1.71 -21.22
CA ASN J 98 65.74 0.51 -21.23
C ASN J 98 66.71 0.49 -20.04
N LEU J 99 66.16 0.58 -18.84
CA LEU J 99 66.94 0.56 -17.62
C LEU J 99 67.39 -0.87 -17.34
N PRO J 100 68.37 -1.06 -16.43
CA PRO J 100 68.97 -2.37 -16.17
C PRO J 100 68.04 -3.39 -15.50
N GLU J 101 67.18 -2.94 -14.58
CA GLU J 101 66.27 -3.83 -13.85
C GLU J 101 64.80 -3.47 -14.08
N THR J 102 63.96 -4.49 -14.26
CA THR J 102 62.52 -4.28 -14.43
C THR J 102 61.72 -4.79 -13.22
N LEU J 103 60.97 -3.90 -12.59
CA LEU J 103 60.14 -4.28 -11.46
C LEU J 103 58.71 -4.61 -11.89
N MET J 104 58.10 -5.56 -11.19
CA MET J 104 56.67 -5.73 -11.21
C MET J 104 56.15 -4.76 -10.17
N VAL J 105 54.89 -4.36 -10.31
CA VAL J 105 54.32 -3.37 -9.40
C VAL J 105 54.49 -3.82 -7.94
N LYS J 106 54.35 -5.12 -7.72
CA LYS J 106 54.53 -5.70 -6.38
C LYS J 106 55.95 -5.59 -5.84
N ASP J 107 56.92 -5.43 -6.73
CA ASP J 107 58.33 -5.37 -6.36
C ASP J 107 58.75 -3.96 -5.92
N ILE J 108 57.90 -2.97 -6.13
CA ILE J 108 58.23 -1.60 -5.73
C ILE J 108 58.30 -1.52 -4.20
N GLY J 109 59.42 -1.05 -3.70
CA GLY J 109 59.62 -0.96 -2.24
C GLY J 109 60.17 0.39 -1.83
N ALA J 110 60.38 0.57 -0.53
CA ALA J 110 60.86 1.88 -0.02
C ALA J 110 62.23 2.27 -0.54
N GLU J 111 63.02 1.29 -0.98
CA GLU J 111 64.37 1.54 -1.46
C GLU J 111 64.38 2.26 -2.81
N HIS J 112 63.21 2.33 -3.45
CA HIS J 112 63.08 2.99 -4.74
C HIS J 112 62.65 4.45 -4.68
N ILE J 113 62.10 4.87 -3.54
CA ILE J 113 61.68 6.26 -3.34
C ILE J 113 62.70 7.27 -3.85
N ASN J 114 62.27 8.10 -4.78
CA ASN J 114 63.11 9.12 -5.43
C ASN J 114 64.22 8.62 -6.30
N LYS J 115 64.05 7.42 -6.84
CA LYS J 115 65.01 6.83 -7.76
C LYS J 115 64.28 6.51 -9.05
N LEU J 116 65.03 6.30 -10.13
CA LEU J 116 64.42 5.98 -11.40
C LEU J 116 64.20 4.49 -11.43
N ILE J 117 62.94 4.08 -11.54
CA ILE J 117 62.61 2.67 -11.62
C ILE J 117 61.97 2.40 -12.97
N GLN J 118 61.95 1.13 -13.35
CA GLN J 118 61.29 0.72 -14.56
C GLN J 118 60.27 -0.38 -14.26
N VAL J 119 59.01 -0.10 -14.56
CA VAL J 119 57.93 -1.01 -14.22
C VAL J 119 57.22 -1.49 -15.46
N GLU J 120 57.04 -2.80 -15.56
CA GLU J 120 56.18 -3.38 -16.58
C GLU J 120 54.83 -3.74 -15.97
N GLY J 121 53.75 -3.45 -16.70
CA GLY J 121 52.41 -3.72 -16.19
C GLY J 121 51.36 -3.47 -17.25
N ILE J 122 50.10 -3.56 -16.85
CA ILE J 122 48.98 -3.29 -17.75
C ILE J 122 48.20 -2.08 -17.23
N VAL J 123 47.70 -1.24 -18.12
CA VAL J 123 46.97 -0.05 -17.70
C VAL J 123 45.54 -0.38 -17.27
N THR J 124 45.19 0.00 -16.04
CA THR J 124 43.87 -0.23 -15.48
C THR J 124 42.92 0.88 -15.88
N ARG J 125 43.32 2.12 -15.63
CA ARG J 125 42.49 3.24 -16.02
C ARG J 125 43.37 4.40 -16.44
N VAL J 126 42.79 5.38 -17.15
CA VAL J 126 43.48 6.63 -17.48
C VAL J 126 42.54 7.80 -17.23
N GLY J 127 43.11 8.92 -16.82
CA GLY J 127 42.30 10.05 -16.44
C GLY J 127 41.98 10.96 -17.60
N GLU J 128 41.20 11.99 -17.31
CA GLU J 128 40.88 13.07 -18.24
C GLU J 128 42.18 13.87 -18.42
N ILE J 129 42.35 14.46 -19.60
CA ILE J 129 43.55 15.26 -19.86
C ILE J 129 43.33 16.72 -19.50
N LYS J 130 44.00 17.17 -18.46
CA LYS J 130 43.76 18.51 -17.98
C LYS J 130 45.04 19.33 -17.94
N PRO J 131 44.91 20.66 -17.80
CA PRO J 131 46.07 21.55 -17.73
C PRO J 131 46.66 21.57 -16.33
N PHE J 132 47.99 21.55 -16.27
CA PHE J 132 48.73 21.59 -14.99
C PHE J 132 49.67 22.77 -15.00
N VAL J 133 49.48 23.70 -14.06
CA VAL J 133 50.35 24.87 -14.00
C VAL J 133 51.72 24.45 -13.50
N SER J 134 52.65 24.24 -14.44
CA SER J 134 53.98 23.71 -14.14
C SER J 134 54.91 24.74 -13.55
N VAL J 135 54.68 26.00 -13.87
CA VAL J 135 55.46 27.10 -13.32
C VAL J 135 54.51 28.26 -13.07
N ALA J 136 54.38 28.65 -11.80
CA ALA J 136 53.49 29.75 -11.42
C ALA J 136 54.29 31.01 -11.27
N VAL J 137 53.86 32.05 -11.98
CA VAL J 137 54.46 33.37 -11.81
C VAL J 137 53.49 34.31 -11.11
N PHE J 138 53.89 34.75 -9.92
CA PHE J 138 53.07 35.62 -9.11
C PHE J 138 53.55 37.05 -9.21
N VAL J 139 52.62 37.95 -9.46
CA VAL J 139 52.93 39.37 -9.61
C VAL J 139 52.27 40.14 -8.47
N CYS J 140 53.08 40.87 -7.71
CA CYS J 140 52.58 41.82 -6.73
C CYS J 140 51.89 43.00 -7.43
N LYS J 141 50.65 43.29 -7.06
CA LYS J 141 49.88 44.36 -7.69
C LYS J 141 50.25 45.75 -7.14
N ASP J 142 51.00 45.77 -6.05
CA ASP J 142 51.40 47.01 -5.43
C ASP J 142 52.70 47.56 -6.02
N CYS J 143 53.80 46.82 -5.86
CA CYS J 143 55.09 47.27 -6.40
C CYS J 143 55.44 46.73 -7.79
N GLY J 144 54.73 45.71 -8.28
CA GLY J 144 54.98 45.14 -9.62
C GLY J 144 55.96 43.97 -9.69
N HIS J 145 56.63 43.67 -8.57
CA HIS J 145 57.62 42.60 -8.48
C HIS J 145 57.08 41.21 -8.87
N GLU J 146 57.90 40.44 -9.58
CA GLU J 146 57.53 39.07 -9.99
C GLU J 146 58.22 38.01 -9.15
N MET J 147 57.49 36.91 -8.88
CA MET J 147 58.02 35.79 -8.11
C MET J 147 57.68 34.48 -8.80
N ILE J 148 58.70 33.63 -8.96
CA ILE J 148 58.55 32.41 -9.74
C ILE J 148 58.51 31.19 -8.84
N VAL J 149 57.36 30.51 -8.80
CA VAL J 149 57.21 29.31 -8.00
C VAL J 149 57.08 28.09 -8.92
N PRO J 150 58.06 27.18 -8.84
CA PRO J 150 57.91 26.00 -9.68
C PRO J 150 56.98 25.02 -8.98
N GLN J 151 56.31 24.17 -9.74
CA GLN J 151 55.33 23.25 -9.19
C GLN J 151 55.71 21.79 -9.42
N LYS J 152 55.17 20.90 -8.60
CA LYS J 152 55.30 19.47 -8.82
C LYS J 152 53.90 18.98 -9.17
N PRO J 153 53.80 18.06 -10.16
CA PRO J 153 52.47 17.61 -10.61
C PRO J 153 51.76 16.70 -9.60
N TYR J 154 52.51 16.21 -8.63
CA TYR J 154 51.98 15.33 -7.59
C TYR J 154 51.72 16.04 -6.26
N GLU J 155 51.83 17.36 -6.25
CA GLU J 155 51.45 18.21 -5.11
C GLU J 155 50.45 19.26 -5.59
N SER J 156 49.81 19.97 -4.66
CA SER J 156 48.83 20.97 -5.05
C SER J 156 49.51 22.30 -5.35
N LEU J 157 48.82 23.16 -6.10
CA LEU J 157 49.38 24.45 -6.50
C LEU J 157 49.94 25.24 -5.33
N GLU J 158 51.26 25.42 -5.33
CA GLU J 158 51.94 26.16 -4.30
C GLU J 158 51.97 27.64 -4.66
N LYS J 159 51.60 28.48 -3.69
CA LYS J 159 51.46 29.93 -3.89
C LYS J 159 52.45 30.74 -3.07
N VAL J 160 52.34 32.07 -3.14
CA VAL J 160 53.15 32.97 -2.30
C VAL J 160 52.24 33.89 -1.47
N LYS J 161 52.47 33.91 -0.16
CA LYS J 161 51.59 34.65 0.74
C LYS J 161 51.76 36.17 0.61
N LYS J 162 52.99 36.63 0.73
CA LYS J 162 53.29 38.06 0.57
C LYS J 162 54.49 38.29 -0.35
N CYS J 163 54.51 39.46 -0.97
CA CYS J 163 55.57 39.86 -1.88
C CYS J 163 56.91 39.92 -1.16
N GLU J 164 57.92 39.24 -1.71
CA GLU J 164 59.24 39.16 -1.09
C GLU J 164 59.97 40.50 -1.10
N GLN J 165 59.52 41.41 -1.99
CA GLN J 165 60.12 42.72 -2.13
C GLN J 165 59.52 43.71 -1.14
N CYS J 166 58.23 44.04 -1.32
CA CYS J 166 57.58 45.08 -0.49
C CYS J 166 56.71 44.59 0.67
N GLY J 167 56.70 43.27 0.93
CA GLY J 167 55.91 42.67 2.02
C GLY J 167 54.39 42.59 1.81
N SER J 168 53.89 43.25 0.77
CA SER J 168 52.47 43.34 0.48
C SER J 168 51.80 41.99 0.23
N LYS J 169 50.53 41.91 0.58
CA LYS J 169 49.75 40.69 0.39
C LYS J 169 48.91 40.76 -0.86
N ASN J 170 48.86 41.92 -1.50
CA ASN J 170 48.07 42.08 -2.70
C ASN J 170 48.78 41.48 -3.90
N ILE J 171 48.73 40.16 -3.98
CA ILE J 171 49.41 39.41 -5.04
C ILE J 171 48.36 38.74 -5.94
N GLU J 172 48.73 38.46 -7.18
CA GLU J 172 47.88 37.69 -8.08
C GLU J 172 48.70 36.74 -8.95
N LEU J 173 48.07 35.67 -9.41
CA LEU J 173 48.73 34.76 -10.32
C LEU J 173 48.61 35.33 -11.73
N ASP J 174 49.76 35.53 -12.37
CA ASP J 174 49.77 35.92 -13.77
C ASP J 174 49.77 34.70 -14.67
N VAL J 175 48.61 34.41 -15.25
CA VAL J 175 48.42 33.21 -16.04
C VAL J 175 49.30 33.23 -17.29
N ASN J 176 49.55 34.42 -17.83
CA ASN J 176 50.38 34.57 -19.03
C ASN J 176 51.86 34.33 -18.81
N LYS J 177 52.42 34.91 -17.75
CA LYS J 177 53.82 34.66 -17.38
C LYS J 177 54.02 33.22 -16.93
N SER J 178 52.94 32.58 -16.52
CA SER J 178 52.99 31.22 -15.99
C SER J 178 53.05 30.19 -17.10
N SER J 179 53.59 29.01 -16.77
CA SER J 179 53.71 27.92 -17.74
C SER J 179 52.80 26.76 -17.36
N ALA J 180 52.03 26.31 -18.34
CA ALA J 180 51.12 25.17 -18.14
C ALA J 180 51.37 24.10 -19.19
N VAL J 181 51.17 22.85 -18.84
CA VAL J 181 51.33 21.75 -19.78
C VAL J 181 50.18 20.77 -19.58
N ASN J 182 50.03 19.81 -20.48
CA ASN J 182 49.03 18.78 -20.27
C ASN J 182 49.41 17.80 -19.15
N PHE J 183 48.38 17.28 -18.50
CA PHE J 183 48.51 16.34 -17.40
C PHE J 183 47.50 15.24 -17.62
N GLN J 184 47.92 14.00 -17.39
CA GLN J 184 46.98 12.90 -17.41
C GLN J 184 47.42 11.86 -16.39
N SER J 185 46.49 11.50 -15.50
CA SER J 185 46.73 10.42 -14.54
C SER J 185 46.41 9.07 -15.15
N PHE J 186 47.05 8.03 -14.66
CA PHE J 186 46.76 6.69 -15.12
C PHE J 186 47.17 5.70 -14.04
N ARG J 187 46.66 4.48 -14.13
CA ARG J 187 47.01 3.45 -13.19
C ARG J 187 47.45 2.20 -13.93
N ILE J 188 48.58 1.64 -13.52
CA ILE J 188 48.98 0.32 -14.00
C ILE J 188 48.98 -0.69 -12.85
N GLN J 189 48.74 -1.95 -13.19
CA GLN J 189 48.93 -3.05 -12.26
C GLN J 189 49.65 -4.22 -12.93
N ASP J 190 50.08 -5.20 -12.14
CA ASP J 190 50.61 -6.44 -12.68
C ASP J 190 49.49 -7.20 -13.35
N ARG J 191 49.82 -7.95 -14.40
CA ARG J 191 48.81 -8.71 -15.13
C ARG J 191 48.46 -9.94 -14.31
N PRO J 192 47.15 -10.15 -13.96
CA PRO J 192 46.76 -11.31 -13.14
C PRO J 192 47.40 -12.61 -13.61
N GLU J 193 47.70 -12.66 -14.91
CA GLU J 193 48.27 -13.81 -15.59
C GLU J 193 49.75 -14.08 -15.22
N THR J 194 50.44 -13.09 -14.66
CA THR J 194 51.82 -13.29 -14.16
C THR J 194 51.87 -13.55 -12.63
N LEU J 195 50.70 -13.78 -12.04
CA LEU J 195 50.56 -13.94 -10.59
C LEU J 195 49.98 -15.30 -10.22
N LYS J 196 50.22 -15.74 -8.98
CA LYS J 196 49.68 -17.01 -8.46
C LYS J 196 48.16 -17.05 -8.26
N GLY J 197 47.65 -18.23 -7.90
CA GLY J 197 46.20 -18.51 -7.78
C GLY J 197 45.24 -17.40 -7.38
N GLY J 198 45.26 -17.04 -6.10
CA GLY J 198 44.39 -15.99 -5.58
C GLY J 198 45.14 -14.72 -5.22
N GLU J 199 46.32 -14.54 -5.80
CA GLU J 199 47.17 -13.37 -5.55
C GLU J 199 46.52 -12.08 -6.05
N MET J 200 46.23 -11.18 -5.11
CA MET J 200 45.75 -9.84 -5.42
C MET J 200 46.81 -9.10 -6.26
N PRO J 201 46.39 -8.48 -7.37
CA PRO J 201 47.37 -7.73 -8.15
C PRO J 201 47.65 -6.37 -7.52
N ARG J 202 48.93 -5.98 -7.46
CA ARG J 202 49.31 -4.67 -6.97
C ARG J 202 49.21 -3.65 -8.11
N PHE J 203 48.82 -2.43 -7.76
CA PHE J 203 48.64 -1.37 -8.75
C PHE J 203 49.45 -0.14 -8.31
N ILE J 204 49.71 0.80 -9.21
CA ILE J 204 50.36 2.08 -8.87
C ILE J 204 49.85 3.19 -9.77
N ASP J 205 49.71 4.39 -9.20
CA ASP J 205 49.26 5.54 -9.99
C ASP J 205 50.40 6.36 -10.62
N GLY J 206 50.23 6.72 -11.88
CA GLY J 206 51.27 7.43 -12.60
C GLY J 206 50.81 8.80 -13.03
N ILE J 207 51.78 9.63 -13.40
CA ILE J 207 51.48 10.93 -13.97
C ILE J 207 52.18 11.07 -15.32
N LEU J 208 51.42 11.49 -16.33
CA LEU J 208 51.97 11.79 -17.64
C LEU J 208 51.88 13.28 -17.87
N LEU J 209 53.00 13.90 -18.22
CA LEU J 209 53.02 15.32 -18.49
C LEU J 209 53.36 15.66 -19.93
N ASP J 210 52.86 16.80 -20.38
CA ASP J 210 53.21 17.38 -21.68
C ASP J 210 52.98 16.44 -22.87
N ASP J 211 54.07 16.10 -23.57
CA ASP J 211 53.99 15.37 -24.82
C ASP J 211 53.85 13.85 -24.71
N ILE J 212 53.64 13.33 -23.49
CA ILE J 212 53.41 11.88 -23.34
C ILE J 212 52.01 11.58 -22.80
N VAL J 213 51.16 12.60 -22.73
CA VAL J 213 49.75 12.39 -22.36
C VAL J 213 49.06 11.69 -23.51
N ASP J 214 47.94 11.02 -23.23
CA ASP J 214 47.12 10.36 -24.25
C ASP J 214 47.86 9.28 -25.04
N VAL J 215 48.92 8.76 -24.46
CA VAL J 215 49.78 7.81 -25.10
C VAL J 215 49.31 6.38 -24.88
N ALA J 216 48.40 6.20 -23.92
CA ALA J 216 47.94 4.85 -23.54
C ALA J 216 46.47 4.81 -23.17
N LEU J 217 45.86 3.63 -23.36
CA LEU J 217 44.47 3.37 -23.02
C LEU J 217 44.41 2.17 -22.10
N PRO J 218 43.31 2.02 -21.35
CA PRO J 218 43.16 0.83 -20.51
C PRO J 218 43.34 -0.44 -21.33
N GLY J 219 44.07 -1.40 -20.76
CA GLY J 219 44.30 -2.66 -21.42
C GLY J 219 45.64 -2.72 -22.11
N ASP J 220 46.29 -1.57 -22.25
CA ASP J 220 47.62 -1.49 -22.88
C ASP J 220 48.68 -2.06 -21.95
N ARG J 221 49.45 -3.00 -22.47
CA ARG J 221 50.60 -3.53 -21.78
C ARG J 221 51.73 -2.53 -22.02
N VAL J 222 52.36 -2.01 -20.97
CA VAL J 222 53.39 -0.97 -21.13
C VAL J 222 54.62 -1.20 -20.28
N ILE J 223 55.72 -0.56 -20.65
CA ILE J 223 56.88 -0.42 -19.78
C ILE J 223 57.14 1.06 -19.54
N VAL J 224 56.80 1.52 -18.34
CA VAL J 224 57.11 2.89 -17.94
C VAL J 224 58.45 2.95 -17.18
N THR J 225 59.11 4.10 -17.24
CA THR J 225 60.19 4.40 -16.35
C THR J 225 59.81 5.72 -15.70
N GLY J 226 60.23 5.95 -14.47
CA GLY J 226 59.84 7.17 -13.78
C GLY J 226 60.43 7.24 -12.40
N ILE J 227 60.26 8.40 -11.78
CA ILE J 227 60.71 8.61 -10.41
C ILE J 227 59.59 8.21 -9.48
N LEU J 228 59.89 7.32 -8.54
CA LEU J 228 58.91 6.98 -7.53
C LEU J 228 58.82 8.12 -6.53
N ARG J 229 57.63 8.69 -6.37
CA ARG J 229 57.42 9.73 -5.38
C ARG J 229 56.47 9.21 -4.32
N VAL J 230 56.69 9.60 -3.07
CA VAL J 230 55.68 9.41 -2.03
C VAL J 230 55.15 10.77 -1.63
N VAL J 231 53.84 10.86 -1.55
CA VAL J 231 53.23 12.13 -1.20
C VAL J 231 52.33 11.93 0.01
N LEU J 232 52.33 12.93 0.89
CA LEU J 232 51.55 12.89 2.14
C LEU J 232 50.07 13.07 1.85
N GLU J 233 49.27 12.11 2.29
CA GLU J 233 47.83 12.07 2.00
C GLU J 233 47.12 13.36 2.38
N LYS J 234 46.26 13.84 1.49
CA LYS J 234 45.51 15.09 1.70
C LYS J 234 44.53 15.00 2.88
N ARG J 235 43.91 13.84 3.07
CA ARG J 235 42.97 13.60 4.16
C ARG J 235 43.65 13.70 5.52
N GLU J 236 43.37 14.81 6.22
CA GLU J 236 44.04 15.16 7.47
C GLU J 236 43.48 14.42 8.70
N LYS J 237 43.43 13.09 8.61
CA LYS J 237 43.10 12.22 9.75
C LYS J 237 44.24 11.21 9.94
N THR J 238 45.21 11.56 10.77
CA THR J 238 46.51 10.87 10.85
C THR J 238 46.92 10.32 9.47
N PRO J 239 47.18 11.23 8.50
CA PRO J 239 47.39 10.85 7.11
C PRO J 239 48.62 9.96 6.92
N ILE J 240 48.73 9.34 5.75
CA ILE J 240 49.88 8.48 5.47
C ILE J 240 50.40 8.64 4.04
N PHE J 241 51.60 8.14 3.79
CA PHE J 241 52.23 8.24 2.49
C PHE J 241 51.61 7.32 1.43
N ARG J 242 51.11 7.91 0.35
CA ARG J 242 50.79 7.16 -0.87
C ARG J 242 51.90 7.34 -1.91
N LYS J 243 52.05 6.35 -2.80
CA LYS J 243 53.05 6.42 -3.86
C LYS J 243 52.51 6.75 -5.27
N ILE J 244 53.20 7.67 -5.92
CA ILE J 244 52.87 8.08 -7.26
C ILE J 244 54.11 7.83 -8.10
N LEU J 245 53.92 7.42 -9.34
CA LEU J 245 55.01 7.29 -10.29
C LEU J 245 55.03 8.45 -11.29
N GLU J 246 56.01 9.34 -11.18
CA GLU J 246 56.19 10.46 -12.10
C GLU J 246 56.92 9.90 -13.31
N VAL J 247 56.18 9.72 -14.41
CA VAL J 247 56.66 8.95 -15.56
C VAL J 247 57.67 9.72 -16.37
N ASN J 248 58.80 9.09 -16.61
CA ASN J 248 59.84 9.71 -17.43
C ASN J 248 59.80 9.28 -18.89
N HIS J 249 59.57 7.99 -19.12
CA HIS J 249 59.41 7.44 -20.47
C HIS J 249 58.36 6.34 -20.45
N ILE J 250 57.59 6.19 -21.53
CA ILE J 250 56.59 5.13 -21.62
C ILE J 250 56.41 4.62 -23.05
N GLU J 251 56.51 3.31 -23.21
CA GLU J 251 56.32 2.68 -24.51
C GLU J 251 55.52 1.40 -24.30
N PRO J 252 54.79 0.95 -25.34
CA PRO J 252 54.11 -0.36 -25.23
C PRO J 252 55.11 -1.51 -25.17
N VAL J 253 54.75 -2.55 -24.43
CA VAL J 253 55.60 -3.74 -24.31
C VAL J 253 55.66 -4.43 -25.66
N SER J 254 56.86 -4.87 -26.05
CA SER J 254 57.14 -5.37 -27.39
C SER J 254 56.40 -6.68 -27.72
ZN ZN K . 10.40 17.17 -33.65
S SO4 L . 36.85 26.55 0.74
O1 SO4 L . 38.14 27.01 1.32
O2 SO4 L . 36.09 25.83 1.79
O3 SO4 L . 36.04 27.68 0.22
O4 SO4 L . 37.11 25.62 -0.39
ZN ZN M . -4.34 34.69 -16.98
S SO4 N . -6.41 4.11 13.02
O1 SO4 N . -5.84 2.74 13.00
O2 SO4 N . -5.40 4.98 13.66
O3 SO4 N . -7.68 4.16 13.77
O4 SO4 N . -6.66 4.59 11.64
S SO4 O . -8.43 35.01 27.50
O1 SO4 O . -8.33 35.96 28.64
O2 SO4 O . -8.94 33.72 28.04
O3 SO4 O . -7.09 34.76 26.91
O4 SO4 O . -9.35 35.52 26.46
ZN ZN P . -29.74 22.93 -11.14
S SO4 Q . -8.67 -10.29 6.32
O1 SO4 Q . -7.27 -10.74 6.37
O2 SO4 Q . -8.93 -9.54 7.57
O3 SO4 Q . -8.90 -9.42 5.15
O4 SO4 Q . -9.57 -11.47 6.22
S SO4 R . -40.16 -6.98 20.02
O1 SO4 R . -38.86 -7.69 20.11
O2 SO4 R . -41.04 -7.47 21.11
O3 SO4 R . -39.93 -5.53 20.16
O4 SO4 R . -40.78 -7.22 18.71
ZN ZN S . -30.48 -1.90 -24.01
S SO4 T . 4.27 -14.14 -1.51
O1 SO4 T . 5.28 -13.83 -0.46
O2 SO4 T . 3.12 -14.79 -0.86
O3 SO4 T . 4.83 -15.02 -2.57
O4 SO4 T . 3.81 -12.87 -2.14
S SO4 U . -14.59 -41.19 -11.41
O1 SO4 U . -13.53 -40.64 -10.55
O2 SO4 U . -14.68 -42.66 -11.17
O3 SO4 U . -14.29 -40.92 -12.83
O4 SO4 U . -15.87 -40.51 -11.08
ZN ZN V . -5.91 -5.39 -38.08
S SO4 W . 15.06 -2.29 -0.53
O1 SO4 W . 16.41 -1.72 -0.32
O2 SO4 W . 14.31 -2.44 0.74
O3 SO4 W . 14.32 -1.41 -1.47
O4 SO4 W . 15.21 -3.63 -1.13
ZN ZN X . -15.45 57.89 37.97
ZN ZN Y . -65.32 -8.28 27.08
S SO4 Z . -36.18 12.42 24.47
O1 SO4 Z . -34.96 13.16 24.09
O2 SO4 Z . -35.94 11.50 25.61
O3 SO4 Z . -37.26 13.35 24.86
O4 SO4 Z . -36.61 11.70 23.25
ZN ZN AA . -25.40 -62.23 -22.54
ZN ZN BA . 49.60 -30.39 -40.89
ZN ZN CA . 55.51 44.16 -3.82
#